data_4MKW
# 
_entry.id   4MKW 
# 
_audit_conform.dict_name       mmcif_pdbx.dic 
_audit_conform.dict_version    5.387 
_audit_conform.dict_location   http://mmcif.pdb.org/dictionaries/ascii/mmcif_pdbx.dic 
# 
loop_
_database_2.database_id 
_database_2.database_code 
_database_2.pdbx_database_accession 
_database_2.pdbx_DOI 
PDB   4MKW         pdb_00004mkw 10.2210/pdb4mkw/pdb 
NDB   NA2719       ?            ?                   
RCSB  RCSB082038   ?            ?                   
WWPDB D_1000082038 ?            ?                   
# 
loop_
_pdbx_audit_revision_history.ordinal 
_pdbx_audit_revision_history.data_content_type 
_pdbx_audit_revision_history.major_revision 
_pdbx_audit_revision_history.minor_revision 
_pdbx_audit_revision_history.revision_date 
1 'Structure model' 1 0 2013-11-06 
2 'Structure model' 1 1 2013-12-11 
3 'Structure model' 1 2 2024-02-28 
# 
_pdbx_audit_revision_details.ordinal             1 
_pdbx_audit_revision_details.revision_ordinal    1 
_pdbx_audit_revision_details.data_content_type   'Structure model' 
_pdbx_audit_revision_details.provider            repository 
_pdbx_audit_revision_details.type                'Initial release' 
_pdbx_audit_revision_details.description         ? 
_pdbx_audit_revision_details.details             ? 
# 
loop_
_pdbx_audit_revision_group.ordinal 
_pdbx_audit_revision_group.revision_ordinal 
_pdbx_audit_revision_group.data_content_type 
_pdbx_audit_revision_group.group 
1 2 'Structure model' 'Database references'  
2 3 'Structure model' 'Data collection'      
3 3 'Structure model' 'Database references'  
4 3 'Structure model' 'Derived calculations' 
# 
loop_
_pdbx_audit_revision_category.ordinal 
_pdbx_audit_revision_category.revision_ordinal 
_pdbx_audit_revision_category.data_content_type 
_pdbx_audit_revision_category.category 
1 3 'Structure model' chem_comp_atom         
2 3 'Structure model' chem_comp_bond         
3 3 'Structure model' database_2             
4 3 'Structure model' pdbx_struct_conn_angle 
5 3 'Structure model' struct_conn            
6 3 'Structure model' struct_site            
# 
loop_
_pdbx_audit_revision_item.ordinal 
_pdbx_audit_revision_item.revision_ordinal 
_pdbx_audit_revision_item.data_content_type 
_pdbx_audit_revision_item.item 
1  3 'Structure model' '_database_2.pdbx_DOI'                        
2  3 'Structure model' '_database_2.pdbx_database_accession'         
3  3 'Structure model' '_pdbx_struct_conn_angle.ptnr1_auth_asym_id'  
4  3 'Structure model' '_pdbx_struct_conn_angle.ptnr1_auth_seq_id'   
5  3 'Structure model' '_pdbx_struct_conn_angle.ptnr1_label_asym_id' 
6  3 'Structure model' '_pdbx_struct_conn_angle.ptnr3_auth_asym_id'  
7  3 'Structure model' '_pdbx_struct_conn_angle.ptnr3_auth_seq_id'   
8  3 'Structure model' '_pdbx_struct_conn_angle.ptnr3_label_asym_id' 
9  3 'Structure model' '_pdbx_struct_conn_angle.value'               
10 3 'Structure model' '_struct_conn.pdbx_dist_value'                
11 3 'Structure model' '_struct_conn.pdbx_leaving_atom_flag'         
12 3 'Structure model' '_struct_conn.ptnr2_auth_asym_id'             
13 3 'Structure model' '_struct_conn.ptnr2_auth_seq_id'              
14 3 'Structure model' '_struct_conn.ptnr2_label_asym_id'            
15 3 'Structure model' '_struct_site.pdbx_auth_asym_id'              
16 3 'Structure model' '_struct_site.pdbx_auth_comp_id'              
17 3 'Structure model' '_struct_site.pdbx_auth_seq_id'               
# 
_database_PDB_caveat.id     1 
_database_PDB_caveat.text   
;Chirality error at C3' of 5CM B 15
;
# 
_pdbx_database_status.status_code                     REL 
_pdbx_database_status.entry_id                        4MKW 
_pdbx_database_status.recvd_initial_deposition_date   2013-09-05 
_pdbx_database_status.deposit_site                    RCSB 
_pdbx_database_status.process_site                    RCSB 
_pdbx_database_status.status_code_sf                  REL 
_pdbx_database_status.status_code_mr                  ? 
_pdbx_database_status.SG_entry                        ? 
_pdbx_database_status.status_code_cs                  ? 
_pdbx_database_status.methods_development_category    ? 
_pdbx_database_status.pdb_format_compatible           Y 
_pdbx_database_status.status_code_nmr_data            ? 
# 
_pdbx_database_related.db_name        PDB 
_pdbx_database_related.db_id          4MGW 
_pdbx_database_related.details        'Different modification of the same DNA.' 
_pdbx_database_related.content_type   unspecified 
# 
_audit_author.name           'Yin, Y.W.' 
_audit_author.pdbx_ordinal   1 
# 
_citation.id                        primary 
_citation.title                     
'Comparison of the structural and dynamic effects of 5-methylcytosine and 5-chlorocytosine in a CpG dinucleotide sequence.' 
_citation.journal_abbrev            Biochemistry 
_citation.journal_volume            52 
_citation.page_first                8590 
_citation.page_last                 8598 
_citation.year                      2013 
_citation.journal_id_ASTM           BICHAW 
_citation.country                   US 
_citation.journal_id_ISSN           0006-2960 
_citation.journal_id_CSD            0033 
_citation.book_publisher            ? 
_citation.pdbx_database_id_PubMed   24147911 
_citation.pdbx_database_id_DOI      10.1021/bi400980c 
# 
loop_
_citation_author.citation_id 
_citation_author.name 
_citation_author.ordinal 
_citation_author.identifier_ORCID 
primary 'Theruvathu, J.A.' 1 ? 
primary 'Yin, Y.W.'        2 ? 
primary 'Pettitt, B.M.'    3 ? 
primary 'Sowers, L.C.'     4 ? 
# 
loop_
_entity.id 
_entity.type 
_entity.src_method 
_entity.pdbx_description 
_entity.formula_weight 
_entity.pdbx_number_of_molecules 
_entity.pdbx_ec 
_entity.pdbx_mutation 
_entity.pdbx_fragment 
_entity.details 
1 polymer     syn '5methylC DNA dodecamer' 3677.419 2   ? ? ? ? 
2 non-polymer syn 'MAGNESIUM ION'          24.305   1   ? ? ? ? 
3 water       nat water                    18.015   193 ? ? ? ? 
# 
_entity_poly.entity_id                      1 
_entity_poly.type                           polydeoxyribonucleotide 
_entity_poly.nstd_linkage                   no 
_entity_poly.nstd_monomer                   yes 
_entity_poly.pdbx_seq_one_letter_code       '(DC)(DG)(5CM)(DG)(DA)(DA)(DT)(DT)(DC)(DG)(DC)(DG)' 
_entity_poly.pdbx_seq_one_letter_code_can   CGCGAATTCGCG 
_entity_poly.pdbx_strand_id                 A,B 
_entity_poly.pdbx_target_identifier         ? 
# 
loop_
_pdbx_entity_nonpoly.entity_id 
_pdbx_entity_nonpoly.name 
_pdbx_entity_nonpoly.comp_id 
2 'MAGNESIUM ION' MG  
3 water           HOH 
# 
loop_
_entity_poly_seq.entity_id 
_entity_poly_seq.num 
_entity_poly_seq.mon_id 
_entity_poly_seq.hetero 
1 1  DC  n 
1 2  DG  n 
1 3  5CM n 
1 4  DG  n 
1 5  DA  n 
1 6  DA  n 
1 7  DT  n 
1 8  DT  n 
1 9  DC  n 
1 10 DG  n 
1 11 DC  n 
1 12 DG  n 
# 
_pdbx_entity_src_syn.entity_id              1 
_pdbx_entity_src_syn.pdbx_src_id            1 
_pdbx_entity_src_syn.pdbx_alt_source_flag   sample 
_pdbx_entity_src_syn.pdbx_beg_seq_num       ? 
_pdbx_entity_src_syn.pdbx_end_seq_num       ? 
_pdbx_entity_src_syn.organism_scientific    ? 
_pdbx_entity_src_syn.organism_common_name   ? 
_pdbx_entity_src_syn.ncbi_taxonomy_id       ? 
_pdbx_entity_src_syn.details                'synthetic DNA oligos' 
# 
loop_
_chem_comp.id 
_chem_comp.type 
_chem_comp.mon_nstd_flag 
_chem_comp.name 
_chem_comp.pdbx_synonyms 
_chem_comp.formula 
_chem_comp.formula_weight 
5CM 'DNA linking' n "5-METHYL-2'-DEOXY-CYTIDINE-5'-MONOPHOSPHATE" ? 'C10 H16 N3 O7 P' 321.224 
DA  'DNA linking' y "2'-DEOXYADENOSINE-5'-MONOPHOSPHATE"          ? 'C10 H14 N5 O6 P' 331.222 
DC  'DNA linking' y "2'-DEOXYCYTIDINE-5'-MONOPHOSPHATE"           ? 'C9 H14 N3 O7 P'  307.197 
DG  'DNA linking' y "2'-DEOXYGUANOSINE-5'-MONOPHOSPHATE"          ? 'C10 H14 N5 O7 P' 347.221 
DT  'DNA linking' y "THYMIDINE-5'-MONOPHOSPHATE"                  ? 'C10 H15 N2 O8 P' 322.208 
HOH non-polymer   . WATER                                         ? 'H2 O'            18.015  
MG  non-polymer   . 'MAGNESIUM ION'                               ? 'Mg 2'            24.305  
# 
loop_
_pdbx_poly_seq_scheme.asym_id 
_pdbx_poly_seq_scheme.entity_id 
_pdbx_poly_seq_scheme.seq_id 
_pdbx_poly_seq_scheme.mon_id 
_pdbx_poly_seq_scheme.ndb_seq_num 
_pdbx_poly_seq_scheme.pdb_seq_num 
_pdbx_poly_seq_scheme.auth_seq_num 
_pdbx_poly_seq_scheme.pdb_mon_id 
_pdbx_poly_seq_scheme.auth_mon_id 
_pdbx_poly_seq_scheme.pdb_strand_id 
_pdbx_poly_seq_scheme.pdb_ins_code 
_pdbx_poly_seq_scheme.hetero 
A 1 1  DC  1  1  1  DC  DC  A . n 
A 1 2  DG  2  2  2  DG  DG  A . n 
A 1 3  5CM 3  3  3  5CM 5CM A . n 
A 1 4  DG  4  4  4  DG  DG  A . n 
A 1 5  DA  5  5  5  DA  DA  A . n 
A 1 6  DA  6  6  6  DA  DA  A . n 
A 1 7  DT  7  7  7  DT  DT  A . n 
A 1 8  DT  8  8  8  DT  DT  A . n 
A 1 9  DC  9  9  9  DC  DC  A . n 
A 1 10 DG  10 10 10 DG  DG  A . n 
A 1 11 DC  11 11 11 DC  DC  A . n 
A 1 12 DG  12 12 12 DG  DG  A . n 
B 1 1  DC  1  13 13 DC  DC  B . n 
B 1 2  DG  2  14 14 DG  DG  B . n 
B 1 3  5CM 3  15 15 5CM 5CM B . n 
B 1 4  DG  4  16 16 DG  DG  B . n 
B 1 5  DA  5  17 17 DA  DA  B . n 
B 1 6  DA  6  18 18 DA  DA  B . n 
B 1 7  DT  7  19 19 DT  DT  B . n 
B 1 8  DT  8  20 20 DT  DT  B . n 
B 1 9  DC  9  21 21 DC  DC  B . n 
B 1 10 DG  10 22 22 DG  DG  B . n 
B 1 11 DC  11 23 23 DC  DC  B . n 
B 1 12 DG  12 24 24 DG  DG  B . n 
# 
loop_
_pdbx_nonpoly_scheme.asym_id 
_pdbx_nonpoly_scheme.entity_id 
_pdbx_nonpoly_scheme.mon_id 
_pdbx_nonpoly_scheme.ndb_seq_num 
_pdbx_nonpoly_scheme.pdb_seq_num 
_pdbx_nonpoly_scheme.auth_seq_num 
_pdbx_nonpoly_scheme.pdb_mon_id 
_pdbx_nonpoly_scheme.auth_mon_id 
_pdbx_nonpoly_scheme.pdb_strand_id 
_pdbx_nonpoly_scheme.pdb_ins_code 
C 2 MG  1   101 25  MG  MG  A . 
D 3 HOH 1   201 1   HOH HOH A . 
D 3 HOH 2   202 3   HOH HOH A . 
D 3 HOH 3   203 4   HOH HOH A . 
D 3 HOH 4   204 7   HOH HOH A . 
D 3 HOH 5   205 8   HOH HOH A . 
D 3 HOH 6   206 9   HOH HOH A . 
D 3 HOH 7   207 11  HOH HOH A . 
D 3 HOH 8   208 12  HOH HOH A . 
D 3 HOH 9   209 13  HOH HOH A . 
D 3 HOH 10  210 14  HOH HOH A . 
D 3 HOH 11  211 18  HOH HOH A . 
D 3 HOH 12  212 21  HOH HOH A . 
D 3 HOH 13  213 22  HOH HOH A . 
D 3 HOH 14  214 23  HOH HOH A . 
D 3 HOH 15  215 25  HOH HOH A . 
D 3 HOH 16  216 26  HOH HOH A . 
D 3 HOH 17  217 27  HOH HOH A . 
D 3 HOH 18  218 28  HOH HOH A . 
D 3 HOH 19  219 30  HOH HOH A . 
D 3 HOH 20  220 31  HOH HOH A . 
D 3 HOH 21  221 32  HOH HOH A . 
D 3 HOH 22  222 36  HOH HOH A . 
D 3 HOH 23  223 38  HOH HOH A . 
D 3 HOH 24  224 40  HOH HOH A . 
D 3 HOH 25  225 41  HOH HOH A . 
D 3 HOH 26  226 42  HOH HOH A . 
D 3 HOH 27  227 43  HOH HOH A . 
D 3 HOH 28  228 45  HOH HOH A . 
D 3 HOH 29  229 47  HOH HOH A . 
D 3 HOH 30  230 48  HOH HOH A . 
D 3 HOH 31  231 49  HOH HOH A . 
D 3 HOH 32  232 53  HOH HOH A . 
D 3 HOH 33  233 54  HOH HOH A . 
D 3 HOH 34  234 57  HOH HOH A . 
D 3 HOH 35  235 58  HOH HOH A . 
D 3 HOH 36  236 61  HOH HOH A . 
D 3 HOH 37  237 62  HOH HOH A . 
D 3 HOH 38  238 64  HOH HOH A . 
D 3 HOH 39  239 65  HOH HOH A . 
D 3 HOH 40  240 70  HOH HOH A . 
D 3 HOH 41  241 71  HOH HOH A . 
D 3 HOH 42  242 73  HOH HOH A . 
D 3 HOH 43  243 75  HOH HOH A . 
D 3 HOH 44  244 77  HOH HOH A . 
D 3 HOH 45  245 78  HOH HOH A . 
D 3 HOH 46  246 79  HOH HOH A . 
D 3 HOH 47  247 80  HOH HOH A . 
D 3 HOH 48  248 82  HOH HOH A . 
D 3 HOH 49  249 83  HOH HOH A . 
D 3 HOH 50  250 85  HOH HOH A . 
D 3 HOH 51  251 86  HOH HOH A . 
D 3 HOH 52  252 89  HOH HOH A . 
D 3 HOH 53  253 91  HOH HOH A . 
D 3 HOH 54  254 93  HOH HOH A . 
D 3 HOH 55  255 94  HOH HOH A . 
D 3 HOH 56  256 95  HOH HOH A . 
D 3 HOH 57  257 99  HOH HOH A . 
D 3 HOH 58  258 101 HOH HOH A . 
D 3 HOH 59  259 107 HOH HOH A . 
D 3 HOH 60  260 108 HOH HOH A . 
D 3 HOH 61  261 110 HOH HOH A . 
D 3 HOH 62  262 111 HOH HOH A . 
D 3 HOH 63  263 112 HOH HOH A . 
D 3 HOH 64  264 115 HOH HOH A . 
D 3 HOH 65  265 116 HOH HOH A . 
D 3 HOH 66  266 117 HOH HOH A . 
D 3 HOH 67  267 118 HOH HOH A . 
D 3 HOH 68  268 120 HOH HOH A . 
D 3 HOH 69  269 121 HOH HOH A . 
D 3 HOH 70  270 122 HOH HOH A . 
D 3 HOH 71  271 123 HOH HOH A . 
D 3 HOH 72  272 124 HOH HOH A . 
D 3 HOH 73  273 126 HOH HOH A . 
D 3 HOH 74  274 127 HOH HOH A . 
D 3 HOH 75  275 128 HOH HOH A . 
D 3 HOH 76  276 129 HOH HOH A . 
D 3 HOH 77  277 131 HOH HOH A . 
D 3 HOH 78  278 134 HOH HOH A . 
D 3 HOH 79  279 135 HOH HOH A . 
D 3 HOH 80  280 136 HOH HOH A . 
D 3 HOH 81  281 138 HOH HOH A . 
D 3 HOH 82  282 139 HOH HOH A . 
D 3 HOH 83  283 141 HOH HOH A . 
D 3 HOH 84  284 142 HOH HOH A . 
D 3 HOH 85  285 143 HOH HOH A . 
D 3 HOH 86  286 145 HOH HOH A . 
D 3 HOH 87  287 147 HOH HOH A . 
D 3 HOH 88  288 148 HOH HOH A . 
D 3 HOH 89  289 149 HOH HOH A . 
D 3 HOH 90  290 153 HOH HOH A . 
D 3 HOH 91  291 157 HOH HOH A . 
D 3 HOH 92  292 158 HOH HOH A . 
D 3 HOH 93  293 162 HOH HOH A . 
D 3 HOH 94  294 163 HOH HOH A . 
D 3 HOH 95  295 168 HOH HOH A . 
D 3 HOH 96  296 169 HOH HOH A . 
D 3 HOH 97  297 170 HOH HOH A . 
D 3 HOH 98  298 171 HOH HOH A . 
D 3 HOH 99  299 172 HOH HOH A . 
D 3 HOH 100 300 175 HOH HOH A . 
D 3 HOH 101 301 178 HOH HOH A . 
D 3 HOH 102 302 179 HOH HOH A . 
D 3 HOH 103 303 181 HOH HOH A . 
D 3 HOH 104 304 182 HOH HOH A . 
D 3 HOH 105 305 186 HOH HOH A . 
D 3 HOH 106 306 188 HOH HOH A . 
D 3 HOH 107 307 189 HOH HOH A . 
D 3 HOH 108 308 191 HOH HOH A . 
D 3 HOH 109 309 192 HOH HOH A . 
D 3 HOH 110 310 193 HOH HOH A . 
E 3 HOH 1   101 2   HOH HOH B . 
E 3 HOH 2   102 5   HOH HOH B . 
E 3 HOH 3   103 6   HOH HOH B . 
E 3 HOH 4   104 10  HOH HOH B . 
E 3 HOH 5   105 15  HOH HOH B . 
E 3 HOH 6   106 16  HOH HOH B . 
E 3 HOH 7   107 17  HOH HOH B . 
E 3 HOH 8   108 19  HOH HOH B . 
E 3 HOH 9   109 20  HOH HOH B . 
E 3 HOH 10  110 24  HOH HOH B . 
E 3 HOH 11  111 29  HOH HOH B . 
E 3 HOH 12  112 33  HOH HOH B . 
E 3 HOH 13  113 34  HOH HOH B . 
E 3 HOH 14  114 35  HOH HOH B . 
E 3 HOH 15  115 37  HOH HOH B . 
E 3 HOH 16  116 39  HOH HOH B . 
E 3 HOH 17  117 44  HOH HOH B . 
E 3 HOH 18  118 46  HOH HOH B . 
E 3 HOH 19  119 50  HOH HOH B . 
E 3 HOH 20  120 51  HOH HOH B . 
E 3 HOH 21  121 52  HOH HOH B . 
E 3 HOH 22  122 55  HOH HOH B . 
E 3 HOH 23  123 56  HOH HOH B . 
E 3 HOH 24  124 59  HOH HOH B . 
E 3 HOH 25  125 60  HOH HOH B . 
E 3 HOH 26  126 63  HOH HOH B . 
E 3 HOH 27  127 66  HOH HOH B . 
E 3 HOH 28  128 67  HOH HOH B . 
E 3 HOH 29  129 68  HOH HOH B . 
E 3 HOH 30  130 69  HOH HOH B . 
E 3 HOH 31  131 72  HOH HOH B . 
E 3 HOH 32  132 74  HOH HOH B . 
E 3 HOH 33  133 76  HOH HOH B . 
E 3 HOH 34  134 81  HOH HOH B . 
E 3 HOH 35  135 84  HOH HOH B . 
E 3 HOH 36  136 87  HOH HOH B . 
E 3 HOH 37  137 88  HOH HOH B . 
E 3 HOH 38  138 90  HOH HOH B . 
E 3 HOH 39  139 92  HOH HOH B . 
E 3 HOH 40  140 96  HOH HOH B . 
E 3 HOH 41  141 97  HOH HOH B . 
E 3 HOH 42  142 98  HOH HOH B . 
E 3 HOH 43  143 100 HOH HOH B . 
E 3 HOH 44  144 102 HOH HOH B . 
E 3 HOH 45  145 103 HOH HOH B . 
E 3 HOH 46  146 104 HOH HOH B . 
E 3 HOH 47  147 105 HOH HOH B . 
E 3 HOH 48  148 106 HOH HOH B . 
E 3 HOH 49  149 109 HOH HOH B . 
E 3 HOH 50  150 113 HOH HOH B . 
E 3 HOH 51  151 114 HOH HOH B . 
E 3 HOH 52  152 119 HOH HOH B . 
E 3 HOH 53  153 125 HOH HOH B . 
E 3 HOH 54  154 130 HOH HOH B . 
E 3 HOH 55  155 132 HOH HOH B . 
E 3 HOH 56  156 133 HOH HOH B . 
E 3 HOH 57  157 137 HOH HOH B . 
E 3 HOH 58  158 140 HOH HOH B . 
E 3 HOH 59  159 144 HOH HOH B . 
E 3 HOH 60  160 146 HOH HOH B . 
E 3 HOH 61  161 150 HOH HOH B . 
E 3 HOH 62  162 151 HOH HOH B . 
E 3 HOH 63  163 152 HOH HOH B . 
E 3 HOH 64  164 154 HOH HOH B . 
E 3 HOH 65  165 155 HOH HOH B . 
E 3 HOH 66  166 156 HOH HOH B . 
E 3 HOH 67  167 159 HOH HOH B . 
E 3 HOH 68  168 160 HOH HOH B . 
E 3 HOH 69  169 161 HOH HOH B . 
E 3 HOH 70  170 164 HOH HOH B . 
E 3 HOH 71  171 165 HOH HOH B . 
E 3 HOH 72  172 166 HOH HOH B . 
E 3 HOH 73  173 167 HOH HOH B . 
E 3 HOH 74  174 173 HOH HOH B . 
E 3 HOH 75  175 174 HOH HOH B . 
E 3 HOH 76  176 176 HOH HOH B . 
E 3 HOH 77  177 177 HOH HOH B . 
E 3 HOH 78  178 180 HOH HOH B . 
E 3 HOH 79  179 183 HOH HOH B . 
E 3 HOH 80  180 184 HOH HOH B . 
E 3 HOH 81  181 185 HOH HOH B . 
E 3 HOH 82  182 187 HOH HOH B . 
E 3 HOH 83  183 190 HOH HOH B . 
# 
_software.name             PHENIX 
_software.classification   refinement 
_software.version          '(phenix.refine: 1.8.2_1309)' 
_software.citation_id      ? 
_software.pdbx_ordinal     1 
# 
_cell.entry_id           4MKW 
_cell.length_a           25.380 
_cell.length_b           40.274 
_cell.length_c           65.405 
_cell.angle_alpha        90.00 
_cell.angle_beta         90.00 
_cell.angle_gamma        90.00 
_cell.Z_PDB              8 
_cell.pdbx_unique_axis   ? 
_cell.length_a_esd       ? 
_cell.length_b_esd       ? 
_cell.length_c_esd       ? 
_cell.angle_alpha_esd    ? 
_cell.angle_beta_esd     ? 
_cell.angle_gamma_esd    ? 
# 
_symmetry.entry_id                         4MKW 
_symmetry.space_group_name_H-M             'P 21 21 21' 
_symmetry.pdbx_full_space_group_name_H-M   ? 
_symmetry.cell_setting                     ? 
_symmetry.Int_Tables_number                19 
_symmetry.space_group_name_Hall            ? 
# 
_exptl.entry_id          4MKW 
_exptl.method            'X-RAY DIFFRACTION' 
_exptl.crystals_number   ? 
# 
_exptl_crystal.id                    1 
_exptl_crystal.density_meas          ? 
_exptl_crystal.density_Matthews      2.27 
_exptl_crystal.density_percent_sol   45.87 
_exptl_crystal.description           ? 
_exptl_crystal.F_000                 ? 
_exptl_crystal.preparation           ? 
# 
_exptl_crystal_grow.crystal_id      1 
_exptl_crystal_grow.method          EVAPORATION 
_exptl_crystal_grow.temp            290 
_exptl_crystal_grow.temp_details    ? 
_exptl_crystal_grow.pH              7 
_exptl_crystal_grow.pdbx_details    'hanging drop, pH 7, EVAPORATION, temperature 290K' 
_exptl_crystal_grow.pdbx_pH_range   ? 
# 
_diffrn.id                     1 
_diffrn.ambient_temp           100 
_diffrn.ambient_temp_details   ? 
_diffrn.crystal_id             1 
# 
_diffrn_detector.diffrn_id              1 
_diffrn_detector.detector               CCD 
_diffrn_detector.type                   'ADSC QUANTUM 315r' 
_diffrn_detector.pdbx_collection_date   ? 
_diffrn_detector.details                ? 
# 
_diffrn_radiation.diffrn_id                        1 
_diffrn_radiation.wavelength_id                    1 
_diffrn_radiation.pdbx_monochromatic_or_laue_m_l   M 
_diffrn_radiation.monochromator                    ? 
_diffrn_radiation.pdbx_diffrn_protocol             'SINGLE WAVELENGTH' 
_diffrn_radiation.pdbx_scattering_type             x-ray 
# 
_diffrn_radiation_wavelength.id           1 
_diffrn_radiation_wavelength.wavelength   . 
_diffrn_radiation_wavelength.wt           1.0 
# 
_diffrn_source.diffrn_id                   1 
_diffrn_source.source                      SYNCHROTRON 
_diffrn_source.type                        'APS BEAMLINE 19-ID' 
_diffrn_source.pdbx_synchrotron_site       APS 
_diffrn_source.pdbx_synchrotron_beamline   19-ID 
_diffrn_source.pdbx_wavelength             ? 
_diffrn_source.pdbx_wavelength_list        ? 
# 
_reflns.entry_id                     4MKW 
_reflns.observed_criterion_sigma_I   2.0 
_reflns.observed_criterion_sigma_F   2.0 
_reflns.d_resolution_low             10 
_reflns.d_resolution_high            1.219 
_reflns.number_obs                   17380 
_reflns.number_all                   17417 
_reflns.percent_possible_obs         99 
_reflns.pdbx_Rmerge_I_obs            ? 
_reflns.pdbx_Rsym_value              ? 
_reflns.pdbx_netI_over_sigmaI        ? 
_reflns.B_iso_Wilson_estimate        ? 
_reflns.pdbx_redundancy              ? 
_reflns.R_free_details               ? 
_reflns.limit_h_max                  ? 
_reflns.limit_h_min                  ? 
_reflns.limit_k_max                  ? 
_reflns.limit_k_min                  ? 
_reflns.limit_l_max                  ? 
_reflns.limit_l_min                  ? 
_reflns.observed_criterion_F_max     ? 
_reflns.observed_criterion_F_min     ? 
_reflns.pdbx_chi_squared             ? 
_reflns.pdbx_scaling_rejects         ? 
_reflns.pdbx_ordinal                 1 
_reflns.pdbx_diffrn_id               1 
# 
_refine.entry_id                                 4MKW 
_refine.ls_number_reflns_obs                     17380 
_refine.ls_number_reflns_all                     17417 
_refine.pdbx_ls_sigma_I                          ? 
_refine.pdbx_ls_sigma_F                          1.36 
_refine.pdbx_data_cutoff_high_absF               ? 
_refine.pdbx_data_cutoff_low_absF                ? 
_refine.pdbx_data_cutoff_high_rms_absF           ? 
_refine.ls_d_res_low                             9.586 
_refine.ls_d_res_high                            1.219 
_refine.ls_percent_reflns_obs                    84.24 
_refine.ls_R_factor_obs                          0.2132 
_refine.ls_R_factor_all                          ? 
_refine.ls_R_factor_R_work                       0.2101 
_refine.ls_R_factor_R_free                       0.2400 
_refine.ls_R_factor_R_free_error                 ? 
_refine.ls_R_factor_R_free_error_details         ? 
_refine.ls_percent_reflns_R_free                 9.99 
_refine.ls_number_reflns_R_free                  1736 
_refine.ls_number_parameters                     ? 
_refine.ls_number_restraints                     ? 
_refine.occupancy_min                            ? 
_refine.occupancy_max                            ? 
_refine.correlation_coeff_Fo_to_Fc               ? 
_refine.correlation_coeff_Fo_to_Fc_free          ? 
_refine.B_iso_mean                               ? 
_refine.aniso_B[1][1]                            ? 
_refine.aniso_B[2][2]                            ? 
_refine.aniso_B[3][3]                            ? 
_refine.aniso_B[1][2]                            ? 
_refine.aniso_B[1][3]                            ? 
_refine.aniso_B[2][3]                            ? 
_refine.solvent_model_details                    'FLAT BULK SOLVENT MODEL' 
_refine.solvent_model_param_ksol                 ? 
_refine.solvent_model_param_bsol                 ? 
_refine.pdbx_solvent_vdw_probe_radii             1.11 
_refine.pdbx_solvent_ion_probe_radii             ? 
_refine.pdbx_solvent_shrinkage_radii             0.90 
_refine.pdbx_ls_cross_valid_method               ? 
_refine.details                                  ? 
_refine.pdbx_starting_model                      ? 
_refine.pdbx_method_to_determine_struct          'MOLECULAR REPLACEMENT' 
_refine.pdbx_isotropic_thermal_model             ? 
_refine.pdbx_stereochemistry_target_values       ML 
_refine.pdbx_stereochem_target_val_spec_case     ? 
_refine.pdbx_R_Free_selection_details            '10% random' 
_refine.pdbx_overall_ESU_R                       ? 
_refine.pdbx_overall_ESU_R_Free                  ? 
_refine.overall_SU_ML                            0.14 
_refine.pdbx_overall_phase_error                 26.64 
_refine.overall_SU_B                             ? 
_refine.overall_SU_R_Cruickshank_DPI             ? 
_refine.ls_redundancy_reflns_obs                 ? 
_refine.B_iso_min                                ? 
_refine.B_iso_max                                ? 
_refine.overall_SU_R_free                        ? 
_refine.ls_wR_factor_R_free                      ? 
_refine.ls_wR_factor_R_work                      ? 
_refine.overall_FOM_free_R_set                   ? 
_refine.overall_FOM_work_R_set                   ? 
_refine.pdbx_diffrn_id                           1 
_refine.pdbx_refine_id                           'X-RAY DIFFRACTION' 
_refine.pdbx_TLS_residual_ADP_flag               ? 
_refine.pdbx_overall_SU_R_free_Cruickshank_DPI   ? 
_refine.pdbx_overall_SU_R_Blow_DPI               ? 
_refine.pdbx_overall_SU_R_free_Blow_DPI          ? 
# 
_refine_hist.pdbx_refine_id                   'X-RAY DIFFRACTION' 
_refine_hist.cycle_id                         LAST 
_refine_hist.pdbx_number_atoms_protein        0 
_refine_hist.pdbx_number_atoms_nucleic_acid   488 
_refine_hist.pdbx_number_atoms_ligand         1 
_refine_hist.number_atoms_solvent             193 
_refine_hist.number_atoms_total               682 
_refine_hist.d_res_high                       1.219 
_refine_hist.d_res_low                        9.586 
# 
loop_
_refine_ls_restr.type 
_refine_ls_restr.dev_ideal 
_refine_ls_restr.dev_ideal_target 
_refine_ls_restr.weight 
_refine_ls_restr.number 
_refine_ls_restr.pdbx_restraint_function 
_refine_ls_restr.pdbx_refine_id 
f_bond_d           0.009  ? ? 546 ? 'X-RAY DIFFRACTION' 
f_angle_d          2.070  ? ? 840 ? 'X-RAY DIFFRACTION' 
f_dihedral_angle_d 31.262 ? ? 230 ? 'X-RAY DIFFRACTION' 
f_chiral_restr     0.282  ? ? 92  ? 'X-RAY DIFFRACTION' 
f_plane_restr      0.022  ? ? 26  ? 'X-RAY DIFFRACTION' 
# 
loop_
_refine_ls_shell.pdbx_total_number_of_bins_used 
_refine_ls_shell.d_res_high 
_refine_ls_shell.d_res_low 
_refine_ls_shell.number_reflns_R_work 
_refine_ls_shell.R_factor_R_work 
_refine_ls_shell.percent_reflns_obs 
_refine_ls_shell.R_factor_R_free 
_refine_ls_shell.R_factor_R_free_error 
_refine_ls_shell.percent_reflns_R_free 
_refine_ls_shell.number_reflns_R_free 
_refine_ls_shell.number_reflns_all 
_refine_ls_shell.R_factor_all 
_refine_ls_shell.number_reflns_obs 
_refine_ls_shell.redundancy_reflns_obs 
_refine_ls_shell.pdbx_refine_id 
. 1.2191 1.2549 571  0.3406 38.00  0.3594 . . 63  . . . . 'X-RAY DIFFRACTION' 
. 1.2549 1.2953 844  0.3223 56.00  0.3261 . . 95  . . . . 'X-RAY DIFFRACTION' 
. 1.2953 1.3415 1173 0.3065 76.00  0.3112 . . 129 . . . . 'X-RAY DIFFRACTION' 
. 1.3415 1.3951 1451 0.2756 95.00  0.2724 . . 162 . . . . 'X-RAY DIFFRACTION' 
. 1.3951 1.4584 1499 0.2480 99.00  0.2715 . . 166 . . . . 'X-RAY DIFFRACTION' 
. 1.4584 1.5350 1530 0.2373 99.00  0.2512 . . 171 . . . . 'X-RAY DIFFRACTION' 
. 1.5350 1.6307 1513 0.2141 99.00  0.2272 . . 165 . . . . 'X-RAY DIFFRACTION' 
. 1.6307 1.7559 1523 0.1864 99.00  0.1970 . . 169 . . . . 'X-RAY DIFFRACTION' 
. 1.7559 1.9313 1557 0.1900 100.00 0.2193 . . 173 . . . . 'X-RAY DIFFRACTION' 
. 1.9313 2.2078 1546 0.1836 100.00 0.2021 . . 171 . . . . 'X-RAY DIFFRACTION' 
. 2.2078 2.7704 1555 0.1969 98.00  0.2394 . . 174 . . . . 'X-RAY DIFFRACTION' 
. 2.7704 9.5866 882  0.2307 53.00  0.2859 . . 98  . . . . 'X-RAY DIFFRACTION' 
# 
_struct.entry_id                  4MKW 
_struct.title                     
'Comparison of the structural and dynamic effects of 5-methylcytosine and 5-chlorocytosine in a CpG dinucleotide sequence' 
_struct.pdbx_model_details        ? 
_struct.pdbx_CASP_flag            ? 
_struct.pdbx_model_type_details   ? 
# 
_struct_keywords.entry_id        4MKW 
_struct_keywords.pdbx_keywords   DNA 
_struct_keywords.text            'Modified DNA dodecamer, DNA' 
# 
loop_
_struct_asym.id 
_struct_asym.pdbx_blank_PDB_chainid_flag 
_struct_asym.pdbx_modified 
_struct_asym.entity_id 
_struct_asym.details 
A N N 1 ? 
B N N 1 ? 
C N N 2 ? 
D N N 3 ? 
E N N 3 ? 
# 
_struct_ref.id                         1 
_struct_ref.db_name                    PDB 
_struct_ref.db_code                    4MKW 
_struct_ref.pdbx_db_accession          4MKW 
_struct_ref.entity_id                  1 
_struct_ref.pdbx_align_begin           ? 
_struct_ref.pdbx_seq_one_letter_code   ? 
_struct_ref.pdbx_db_isoform            ? 
# 
loop_
_struct_ref_seq.align_id 
_struct_ref_seq.ref_id 
_struct_ref_seq.pdbx_PDB_id_code 
_struct_ref_seq.pdbx_strand_id 
_struct_ref_seq.seq_align_beg 
_struct_ref_seq.pdbx_seq_align_beg_ins_code 
_struct_ref_seq.seq_align_end 
_struct_ref_seq.pdbx_seq_align_end_ins_code 
_struct_ref_seq.pdbx_db_accession 
_struct_ref_seq.db_align_beg 
_struct_ref_seq.pdbx_db_align_beg_ins_code 
_struct_ref_seq.db_align_end 
_struct_ref_seq.pdbx_db_align_end_ins_code 
_struct_ref_seq.pdbx_auth_seq_align_beg 
_struct_ref_seq.pdbx_auth_seq_align_end 
1 1 4MKW A 1 ? 12 ? 4MKW 1  ? 12 ? 1  12 
2 1 4MKW B 1 ? 12 ? 4MKW 13 ? 24 ? 13 24 
# 
_pdbx_struct_assembly.id                   1 
_pdbx_struct_assembly.details              author_and_software_defined_assembly 
_pdbx_struct_assembly.method_details       PISA 
_pdbx_struct_assembly.oligomeric_details   dimeric 
_pdbx_struct_assembly.oligomeric_count     2 
# 
loop_
_pdbx_struct_assembly_prop.biol_id 
_pdbx_struct_assembly_prop.type 
_pdbx_struct_assembly_prop.value 
_pdbx_struct_assembly_prop.details 
1 'ABSA (A^2)' 2360 ? 
1 MORE         2    ? 
1 'SSA (A^2)'  4350 ? 
# 
_pdbx_struct_assembly_gen.assembly_id       1 
_pdbx_struct_assembly_gen.oper_expression   1 
_pdbx_struct_assembly_gen.asym_id_list      A,B,C,D,E 
# 
_pdbx_struct_oper_list.id                   1 
_pdbx_struct_oper_list.type                 'identity operation' 
_pdbx_struct_oper_list.name                 1_555 
_pdbx_struct_oper_list.symmetry_operation   x,y,z 
_pdbx_struct_oper_list.matrix[1][1]         1.0000000000 
_pdbx_struct_oper_list.matrix[1][2]         0.0000000000 
_pdbx_struct_oper_list.matrix[1][3]         0.0000000000 
_pdbx_struct_oper_list.vector[1]            0.0000000000 
_pdbx_struct_oper_list.matrix[2][1]         0.0000000000 
_pdbx_struct_oper_list.matrix[2][2]         1.0000000000 
_pdbx_struct_oper_list.matrix[2][3]         0.0000000000 
_pdbx_struct_oper_list.vector[2]            0.0000000000 
_pdbx_struct_oper_list.matrix[3][1]         0.0000000000 
_pdbx_struct_oper_list.matrix[3][2]         0.0000000000 
_pdbx_struct_oper_list.matrix[3][3]         1.0000000000 
_pdbx_struct_oper_list.vector[3]            0.0000000000 
# 
_struct_biol.id        1 
_struct_biol.details   ? 
# 
loop_
_struct_conn.id 
_struct_conn.conn_type_id 
_struct_conn.pdbx_leaving_atom_flag 
_struct_conn.pdbx_PDB_id 
_struct_conn.ptnr1_label_asym_id 
_struct_conn.ptnr1_label_comp_id 
_struct_conn.ptnr1_label_seq_id 
_struct_conn.ptnr1_label_atom_id 
_struct_conn.pdbx_ptnr1_label_alt_id 
_struct_conn.pdbx_ptnr1_PDB_ins_code 
_struct_conn.pdbx_ptnr1_standard_comp_id 
_struct_conn.ptnr1_symmetry 
_struct_conn.ptnr2_label_asym_id 
_struct_conn.ptnr2_label_comp_id 
_struct_conn.ptnr2_label_seq_id 
_struct_conn.ptnr2_label_atom_id 
_struct_conn.pdbx_ptnr2_label_alt_id 
_struct_conn.pdbx_ptnr2_PDB_ins_code 
_struct_conn.ptnr1_auth_asym_id 
_struct_conn.ptnr1_auth_comp_id 
_struct_conn.ptnr1_auth_seq_id 
_struct_conn.ptnr2_auth_asym_id 
_struct_conn.ptnr2_auth_comp_id 
_struct_conn.ptnr2_auth_seq_id 
_struct_conn.ptnr2_symmetry 
_struct_conn.pdbx_ptnr3_label_atom_id 
_struct_conn.pdbx_ptnr3_label_seq_id 
_struct_conn.pdbx_ptnr3_label_comp_id 
_struct_conn.pdbx_ptnr3_label_asym_id 
_struct_conn.pdbx_ptnr3_label_alt_id 
_struct_conn.pdbx_ptnr3_PDB_ins_code 
_struct_conn.details 
_struct_conn.pdbx_dist_value 
_struct_conn.pdbx_value_order 
_struct_conn.pdbx_role 
covale1  covale both ? A DG  2  "O3'" ? ? ? 1_555 A 5CM 3  P  ? ? A DG  2   A 5CM 3   1_555 ? ? ? ? ? ? ?            1.607 ? ? 
covale2  covale both ? A 5CM 3  "O3'" ? ? ? 1_555 A DG  4  P  ? ? A 5CM 3   A DG  4   1_555 ? ? ? ? ? ? ?            1.603 ? ? 
covale3  covale both ? B DG  2  "O3'" ? ? ? 1_555 B 5CM 3  P  ? ? B DG  14  B 5CM 15  1_555 ? ? ? ? ? ? ?            1.601 ? ? 
covale4  covale both ? B 5CM 3  "O3'" ? ? ? 1_555 B DG  4  P  ? ? B 5CM 15  B DG  16  1_555 ? ? ? ? ? ? ?            1.602 ? ? 
metalc1  metalc ?    ? C MG  .  MG    ? ? ? 1_555 D HOH .  O  ? ? A MG  101 A HOH 211 1_555 ? ? ? ? ? ? ?            2.156 ? ? 
metalc2  metalc ?    ? C MG  .  MG    ? ? ? 1_555 D HOH .  O  ? ? A MG  101 A HOH 263 1_555 ? ? ? ? ? ? ?            2.034 ? ? 
metalc3  metalc ?    ? C MG  .  MG    ? ? ? 1_555 E HOH .  O  ? ? A MG  101 B HOH 108 1_555 ? ? ? ? ? ? ?            2.076 ? ? 
metalc4  metalc ?    ? C MG  .  MG    ? ? ? 1_555 E HOH .  O  ? ? A MG  101 B HOH 109 1_555 ? ? ? ? ? ? ?            2.130 ? ? 
metalc5  metalc ?    ? C MG  .  MG    ? ? ? 1_555 E HOH .  O  ? ? A MG  101 B HOH 150 1_555 ? ? ? ? ? ? ?            2.051 ? ? 
metalc6  metalc ?    ? C MG  .  MG    ? ? ? 1_555 E HOH .  O  ? ? A MG  101 B HOH 152 1_555 ? ? ? ? ? ? ?            2.120 ? ? 
hydrog1  hydrog ?    ? A DC  1  N3    ? ? ? 1_555 B DG  12 N1 ? ? A DC  1   B DG  24  1_555 ? ? ? ? ? ? WATSON-CRICK ?     ? ? 
hydrog2  hydrog ?    ? A DC  1  N4    ? ? ? 1_555 B DG  12 O6 ? ? A DC  1   B DG  24  1_555 ? ? ? ? ? ? WATSON-CRICK ?     ? ? 
hydrog3  hydrog ?    ? A DC  1  O2    ? ? ? 1_555 B DG  12 N2 ? ? A DC  1   B DG  24  1_555 ? ? ? ? ? ? WATSON-CRICK ?     ? ? 
hydrog4  hydrog ?    ? A DG  2  N1    ? ? ? 1_555 B DC  11 N3 ? ? A DG  2   B DC  23  1_555 ? ? ? ? ? ? WATSON-CRICK ?     ? ? 
hydrog5  hydrog ?    ? A DG  2  N2    ? ? ? 1_555 B DC  11 O2 ? ? A DG  2   B DC  23  1_555 ? ? ? ? ? ? WATSON-CRICK ?     ? ? 
hydrog6  hydrog ?    ? A DG  2  O6    ? ? ? 1_555 B DC  11 N4 ? ? A DG  2   B DC  23  1_555 ? ? ? ? ? ? WATSON-CRICK ?     ? ? 
hydrog7  hydrog ?    ? A 5CM 3  N3    ? ? ? 1_555 B DG  10 N1 ? ? A 5CM 3   B DG  22  1_555 ? ? ? ? ? ? WATSON-CRICK ?     ? ? 
hydrog8  hydrog ?    ? A 5CM 3  N4    ? ? ? 1_555 B DG  10 O6 ? ? A 5CM 3   B DG  22  1_555 ? ? ? ? ? ? WATSON-CRICK ?     ? ? 
hydrog9  hydrog ?    ? A 5CM 3  O2    ? ? ? 1_555 B DG  10 N2 ? ? A 5CM 3   B DG  22  1_555 ? ? ? ? ? ? WATSON-CRICK ?     ? ? 
hydrog10 hydrog ?    ? A DG  4  N1    ? ? ? 1_555 B DC  9  N3 ? ? A DG  4   B DC  21  1_555 ? ? ? ? ? ? WATSON-CRICK ?     ? ? 
hydrog11 hydrog ?    ? A DG  4  N2    ? ? ? 1_555 B DC  9  O2 ? ? A DG  4   B DC  21  1_555 ? ? ? ? ? ? WATSON-CRICK ?     ? ? 
hydrog12 hydrog ?    ? A DG  4  O6    ? ? ? 1_555 B DC  9  N4 ? ? A DG  4   B DC  21  1_555 ? ? ? ? ? ? WATSON-CRICK ?     ? ? 
hydrog13 hydrog ?    ? A DA  5  N1    ? ? ? 1_555 B DT  8  N3 ? ? A DA  5   B DT  20  1_555 ? ? ? ? ? ? WATSON-CRICK ?     ? ? 
hydrog14 hydrog ?    ? A DA  5  N6    ? ? ? 1_555 B DT  8  O4 ? ? A DA  5   B DT  20  1_555 ? ? ? ? ? ? WATSON-CRICK ?     ? ? 
hydrog15 hydrog ?    ? A DA  6  N1    ? ? ? 1_555 B DT  7  N3 ? ? A DA  6   B DT  19  1_555 ? ? ? ? ? ? WATSON-CRICK ?     ? ? 
hydrog16 hydrog ?    ? A DA  6  N6    ? ? ? 1_555 B DT  7  O4 ? ? A DA  6   B DT  19  1_555 ? ? ? ? ? ? WATSON-CRICK ?     ? ? 
hydrog17 hydrog ?    ? A DT  7  N3    ? ? ? 1_555 B DA  6  N1 ? ? A DT  7   B DA  18  1_555 ? ? ? ? ? ? WATSON-CRICK ?     ? ? 
hydrog18 hydrog ?    ? A DT  7  O4    ? ? ? 1_555 B DA  6  N6 ? ? A DT  7   B DA  18  1_555 ? ? ? ? ? ? WATSON-CRICK ?     ? ? 
hydrog19 hydrog ?    ? A DT  8  N3    ? ? ? 1_555 B DA  5  N1 ? ? A DT  8   B DA  17  1_555 ? ? ? ? ? ? WATSON-CRICK ?     ? ? 
hydrog20 hydrog ?    ? A DT  8  O4    ? ? ? 1_555 B DA  5  N6 ? ? A DT  8   B DA  17  1_555 ? ? ? ? ? ? WATSON-CRICK ?     ? ? 
hydrog21 hydrog ?    ? A DC  9  N3    ? ? ? 1_555 B DG  4  N1 ? ? A DC  9   B DG  16  1_555 ? ? ? ? ? ? WATSON-CRICK ?     ? ? 
hydrog22 hydrog ?    ? A DC  9  N4    ? ? ? 1_555 B DG  4  O6 ? ? A DC  9   B DG  16  1_555 ? ? ? ? ? ? WATSON-CRICK ?     ? ? 
hydrog23 hydrog ?    ? A DC  9  O2    ? ? ? 1_555 B DG  4  N2 ? ? A DC  9   B DG  16  1_555 ? ? ? ? ? ? WATSON-CRICK ?     ? ? 
hydrog24 hydrog ?    ? A DG  10 N1    ? ? ? 1_555 B 5CM 3  N3 ? ? A DG  10  B 5CM 15  1_555 ? ? ? ? ? ? WATSON-CRICK ?     ? ? 
hydrog25 hydrog ?    ? A DG  10 N2    ? ? ? 1_555 B 5CM 3  O2 ? ? A DG  10  B 5CM 15  1_555 ? ? ? ? ? ? WATSON-CRICK ?     ? ? 
hydrog26 hydrog ?    ? A DG  10 O6    ? ? ? 1_555 B 5CM 3  N4 ? ? A DG  10  B 5CM 15  1_555 ? ? ? ? ? ? WATSON-CRICK ?     ? ? 
hydrog27 hydrog ?    ? A DC  11 N3    ? ? ? 1_555 B DG  2  N1 ? ? A DC  11  B DG  14  1_555 ? ? ? ? ? ? WATSON-CRICK ?     ? ? 
hydrog28 hydrog ?    ? A DC  11 N4    ? ? ? 1_555 B DG  2  O6 ? ? A DC  11  B DG  14  1_555 ? ? ? ? ? ? WATSON-CRICK ?     ? ? 
hydrog29 hydrog ?    ? A DC  11 O2    ? ? ? 1_555 B DG  2  N2 ? ? A DC  11  B DG  14  1_555 ? ? ? ? ? ? WATSON-CRICK ?     ? ? 
hydrog30 hydrog ?    ? A DG  12 N1    ? ? ? 1_555 B DC  1  N3 ? ? A DG  12  B DC  13  1_555 ? ? ? ? ? ? WATSON-CRICK ?     ? ? 
hydrog31 hydrog ?    ? A DG  12 N2    ? ? ? 1_555 B DC  1  O2 ? ? A DG  12  B DC  13  1_555 ? ? ? ? ? ? WATSON-CRICK ?     ? ? 
hydrog32 hydrog ?    ? A DG  12 O6    ? ? ? 1_555 B DC  1  N4 ? ? A DG  12  B DC  13  1_555 ? ? ? ? ? ? WATSON-CRICK ?     ? ? 
# 
loop_
_struct_conn_type.id 
_struct_conn_type.criteria 
_struct_conn_type.reference 
covale ? ? 
metalc ? ? 
hydrog ? ? 
# 
loop_
_pdbx_struct_conn_angle.id 
_pdbx_struct_conn_angle.ptnr1_label_atom_id 
_pdbx_struct_conn_angle.ptnr1_label_alt_id 
_pdbx_struct_conn_angle.ptnr1_label_asym_id 
_pdbx_struct_conn_angle.ptnr1_label_comp_id 
_pdbx_struct_conn_angle.ptnr1_label_seq_id 
_pdbx_struct_conn_angle.ptnr1_auth_atom_id 
_pdbx_struct_conn_angle.ptnr1_auth_asym_id 
_pdbx_struct_conn_angle.ptnr1_auth_comp_id 
_pdbx_struct_conn_angle.ptnr1_auth_seq_id 
_pdbx_struct_conn_angle.ptnr1_PDB_ins_code 
_pdbx_struct_conn_angle.ptnr1_symmetry 
_pdbx_struct_conn_angle.ptnr2_label_atom_id 
_pdbx_struct_conn_angle.ptnr2_label_alt_id 
_pdbx_struct_conn_angle.ptnr2_label_asym_id 
_pdbx_struct_conn_angle.ptnr2_label_comp_id 
_pdbx_struct_conn_angle.ptnr2_label_seq_id 
_pdbx_struct_conn_angle.ptnr2_auth_atom_id 
_pdbx_struct_conn_angle.ptnr2_auth_asym_id 
_pdbx_struct_conn_angle.ptnr2_auth_comp_id 
_pdbx_struct_conn_angle.ptnr2_auth_seq_id 
_pdbx_struct_conn_angle.ptnr2_PDB_ins_code 
_pdbx_struct_conn_angle.ptnr2_symmetry 
_pdbx_struct_conn_angle.ptnr3_label_atom_id 
_pdbx_struct_conn_angle.ptnr3_label_alt_id 
_pdbx_struct_conn_angle.ptnr3_label_asym_id 
_pdbx_struct_conn_angle.ptnr3_label_comp_id 
_pdbx_struct_conn_angle.ptnr3_label_seq_id 
_pdbx_struct_conn_angle.ptnr3_auth_atom_id 
_pdbx_struct_conn_angle.ptnr3_auth_asym_id 
_pdbx_struct_conn_angle.ptnr3_auth_comp_id 
_pdbx_struct_conn_angle.ptnr3_auth_seq_id 
_pdbx_struct_conn_angle.ptnr3_PDB_ins_code 
_pdbx_struct_conn_angle.ptnr3_symmetry 
_pdbx_struct_conn_angle.value 
_pdbx_struct_conn_angle.value_esd 
1  O ? D HOH . ? A HOH 211 ? 1_555 MG ? C MG . ? A MG 101 ? 1_555 O ? D HOH . ? A HOH 263 ? 1_555 91.3  ? 
2  O ? D HOH . ? A HOH 211 ? 1_555 MG ? C MG . ? A MG 101 ? 1_555 O ? E HOH . ? B HOH 108 ? 1_555 91.6  ? 
3  O ? D HOH . ? A HOH 263 ? 1_555 MG ? C MG . ? A MG 101 ? 1_555 O ? E HOH . ? B HOH 108 ? 1_555 91.6  ? 
4  O ? D HOH . ? A HOH 211 ? 1_555 MG ? C MG . ? A MG 101 ? 1_555 O ? E HOH . ? B HOH 109 ? 1_555 176.6 ? 
5  O ? D HOH . ? A HOH 263 ? 1_555 MG ? C MG . ? A MG 101 ? 1_555 O ? E HOH . ? B HOH 109 ? 1_555 87.0  ? 
6  O ? E HOH . ? B HOH 108 ? 1_555 MG ? C MG . ? A MG 101 ? 1_555 O ? E HOH . ? B HOH 109 ? 1_555 85.5  ? 
7  O ? D HOH . ? A HOH 211 ? 1_555 MG ? C MG . ? A MG 101 ? 1_555 O ? E HOH . ? B HOH 150 ? 1_555 91.6  ? 
8  O ? D HOH . ? A HOH 263 ? 1_555 MG ? C MG . ? A MG 101 ? 1_555 O ? E HOH . ? B HOH 150 ? 1_555 86.6  ? 
9  O ? E HOH . ? B HOH 108 ? 1_555 MG ? C MG . ? A MG 101 ? 1_555 O ? E HOH . ? B HOH 150 ? 1_555 176.4 ? 
10 O ? E HOH . ? B HOH 109 ? 1_555 MG ? C MG . ? A MG 101 ? 1_555 O ? E HOH . ? B HOH 150 ? 1_555 91.3  ? 
11 O ? D HOH . ? A HOH 211 ? 1_555 MG ? C MG . ? A MG 101 ? 1_555 O ? E HOH . ? B HOH 152 ? 1_555 89.0  ? 
12 O ? D HOH . ? A HOH 263 ? 1_555 MG ? C MG . ? A MG 101 ? 1_555 O ? E HOH . ? B HOH 152 ? 1_555 177.1 ? 
13 O ? E HOH . ? B HOH 108 ? 1_555 MG ? C MG . ? A MG 101 ? 1_555 O ? E HOH . ? B HOH 152 ? 1_555 91.2  ? 
14 O ? E HOH . ? B HOH 109 ? 1_555 MG ? C MG . ? A MG 101 ? 1_555 O ? E HOH . ? B HOH 152 ? 1_555 92.9  ? 
15 O ? E HOH . ? B HOH 150 ? 1_555 MG ? C MG . ? A MG 101 ? 1_555 O ? E HOH . ? B HOH 152 ? 1_555 90.5  ? 
# 
_struct_site.id                   AC1 
_struct_site.pdbx_evidence_code   Software 
_struct_site.pdbx_auth_asym_id    A 
_struct_site.pdbx_auth_comp_id    MG 
_struct_site.pdbx_auth_seq_id     101 
_struct_site.pdbx_auth_ins_code   ? 
_struct_site.pdbx_num_residues    6 
_struct_site.details              'BINDING SITE FOR RESIDUE MG A 101' 
# 
loop_
_struct_site_gen.id 
_struct_site_gen.site_id 
_struct_site_gen.pdbx_num_res 
_struct_site_gen.label_comp_id 
_struct_site_gen.label_asym_id 
_struct_site_gen.label_seq_id 
_struct_site_gen.pdbx_auth_ins_code 
_struct_site_gen.auth_comp_id 
_struct_site_gen.auth_asym_id 
_struct_site_gen.auth_seq_id 
_struct_site_gen.label_atom_id 
_struct_site_gen.label_alt_id 
_struct_site_gen.symmetry 
_struct_site_gen.details 
1 AC1 6 HOH D . ? HOH A 211 . ? 1_555 ? 
2 AC1 6 HOH D . ? HOH A 263 . ? 1_555 ? 
3 AC1 6 HOH E . ? HOH B 108 . ? 1_555 ? 
4 AC1 6 HOH E . ? HOH B 109 . ? 1_555 ? 
5 AC1 6 HOH E . ? HOH B 150 . ? 1_555 ? 
6 AC1 6 HOH E . ? HOH B 152 . ? 1_555 ? 
# 
loop_
_pdbx_validate_close_contact.id 
_pdbx_validate_close_contact.PDB_model_num 
_pdbx_validate_close_contact.auth_atom_id_1 
_pdbx_validate_close_contact.auth_asym_id_1 
_pdbx_validate_close_contact.auth_comp_id_1 
_pdbx_validate_close_contact.auth_seq_id_1 
_pdbx_validate_close_contact.PDB_ins_code_1 
_pdbx_validate_close_contact.label_alt_id_1 
_pdbx_validate_close_contact.auth_atom_id_2 
_pdbx_validate_close_contact.auth_asym_id_2 
_pdbx_validate_close_contact.auth_comp_id_2 
_pdbx_validate_close_contact.auth_seq_id_2 
_pdbx_validate_close_contact.PDB_ins_code_2 
_pdbx_validate_close_contact.label_alt_id_2 
_pdbx_validate_close_contact.dist 
1  1 O     A HOH 268 ? ? O B HOH 171 ? ? 1.85 
2  1 OP1   A DC  11  ? ? O A HOH 265 ? ? 1.86 
3  1 O     B HOH 131 ? ? O B HOH 139 ? ? 1.92 
4  1 O     A HOH 241 ? ? O A HOH 296 ? ? 2.04 
5  1 O     B HOH 174 ? ? O B HOH 176 ? ? 2.05 
6  1 O     A HOH 213 ? ? O A HOH 297 ? ? 2.06 
7  1 O     B HOH 153 ? ? O B HOH 176 ? ? 2.07 
8  1 O     B HOH 117 ? ? O B HOH 171 ? ? 2.08 
9  1 OP1   A DG  10  ? ? O A HOH 296 ? ? 2.09 
10 1 OP1   A DG  12  ? ? O A HOH 246 ? ? 2.09 
11 1 OP2   B DG  14  ? ? O B HOH 140 ? ? 2.15 
12 1 O     A HOH 249 ? ? O A HOH 297 ? ? 2.16 
13 1 O     A HOH 295 ? ? O A HOH 304 ? ? 2.16 
14 1 O     A HOH 256 ? ? O A HOH 258 ? ? 2.16 
15 1 OP2   B DT  20  ? ? O B HOH 165 ? ? 2.16 
16 1 "O5'" B DG  22  ? ? O B HOH 162 ? ? 2.17 
# 
loop_
_pdbx_validate_symm_contact.id 
_pdbx_validate_symm_contact.PDB_model_num 
_pdbx_validate_symm_contact.auth_atom_id_1 
_pdbx_validate_symm_contact.auth_asym_id_1 
_pdbx_validate_symm_contact.auth_comp_id_1 
_pdbx_validate_symm_contact.auth_seq_id_1 
_pdbx_validate_symm_contact.PDB_ins_code_1 
_pdbx_validate_symm_contact.label_alt_id_1 
_pdbx_validate_symm_contact.site_symmetry_1 
_pdbx_validate_symm_contact.auth_atom_id_2 
_pdbx_validate_symm_contact.auth_asym_id_2 
_pdbx_validate_symm_contact.auth_comp_id_2 
_pdbx_validate_symm_contact.auth_seq_id_2 
_pdbx_validate_symm_contact.PDB_ins_code_2 
_pdbx_validate_symm_contact.label_alt_id_2 
_pdbx_validate_symm_contact.site_symmetry_2 
_pdbx_validate_symm_contact.dist 
1 1 O A HOH 300 ? ? 1_555 O B HOH 183 ? ? 3_645 1.81 
2 1 O A HOH 294 ? ? 1_555 O A HOH 295 ? ? 3_555 2.09 
# 
loop_
_pdbx_validate_rmsd_angle.id 
_pdbx_validate_rmsd_angle.PDB_model_num 
_pdbx_validate_rmsd_angle.auth_atom_id_1 
_pdbx_validate_rmsd_angle.auth_asym_id_1 
_pdbx_validate_rmsd_angle.auth_comp_id_1 
_pdbx_validate_rmsd_angle.auth_seq_id_1 
_pdbx_validate_rmsd_angle.PDB_ins_code_1 
_pdbx_validate_rmsd_angle.label_alt_id_1 
_pdbx_validate_rmsd_angle.auth_atom_id_2 
_pdbx_validate_rmsd_angle.auth_asym_id_2 
_pdbx_validate_rmsd_angle.auth_comp_id_2 
_pdbx_validate_rmsd_angle.auth_seq_id_2 
_pdbx_validate_rmsd_angle.PDB_ins_code_2 
_pdbx_validate_rmsd_angle.label_alt_id_2 
_pdbx_validate_rmsd_angle.auth_atom_id_3 
_pdbx_validate_rmsd_angle.auth_asym_id_3 
_pdbx_validate_rmsd_angle.auth_comp_id_3 
_pdbx_validate_rmsd_angle.auth_seq_id_3 
_pdbx_validate_rmsd_angle.PDB_ins_code_3 
_pdbx_validate_rmsd_angle.label_alt_id_3 
_pdbx_validate_rmsd_angle.angle_value 
_pdbx_validate_rmsd_angle.angle_target_value 
_pdbx_validate_rmsd_angle.angle_deviation 
_pdbx_validate_rmsd_angle.angle_standard_deviation 
_pdbx_validate_rmsd_angle.linker_flag 
1 1 "O4'" A DC 9  ? ? "C1'" A DC 9  ? ? N1    A DC 9  ? ? 103.01 108.00 -4.99 0.70 N 
2 1 "C3'" A DG 10 ? ? "C2'" A DG 10 ? ? "C1'" A DG 10 ? ? 97.27  102.40 -5.13 0.80 N 
3 1 "O4'" A DG 10 ? ? "C1'" A DG 10 ? ? N9    A DG 10 ? ? 110.83 108.30 2.53  0.30 N 
4 1 "O4'" A DC 11 ? ? "C1'" A DC 11 ? ? N1    A DC 11 ? ? 102.49 108.00 -5.51 0.70 N 
5 1 "O4'" A DG 12 ? ? "C1'" A DG 12 ? ? N9    A DG 12 ? ? 102.87 108.00 -5.13 0.70 N 
6 1 "O4'" B DG 16 ? ? "C1'" B DG 16 ? ? N9    B DG 16 ? ? 111.71 108.30 3.41  0.30 N 
7 1 "O4'" B DA 17 ? ? "C1'" B DA 17 ? ? N9    B DA 17 ? ? 103.05 108.00 -4.95 0.70 N 
8 1 "O4'" B DT 20 ? ? "C1'" B DT 20 ? ? N1    B DT 20 ? ? 102.55 108.00 -5.45 0.70 N 
# 
_pdbx_validate_chiral.id              1 
_pdbx_validate_chiral.PDB_model_num   1 
_pdbx_validate_chiral.auth_atom_id    "C3'" 
_pdbx_validate_chiral.label_alt_id    ? 
_pdbx_validate_chiral.auth_asym_id    B 
_pdbx_validate_chiral.auth_comp_id    5CM 
_pdbx_validate_chiral.auth_seq_id     15 
_pdbx_validate_chiral.PDB_ins_code    ? 
_pdbx_validate_chiral.details         PLANAR 
_pdbx_validate_chiral.omega           . 
# 
loop_
_pdbx_struct_mod_residue.id 
_pdbx_struct_mod_residue.label_asym_id 
_pdbx_struct_mod_residue.label_comp_id 
_pdbx_struct_mod_residue.label_seq_id 
_pdbx_struct_mod_residue.auth_asym_id 
_pdbx_struct_mod_residue.auth_comp_id 
_pdbx_struct_mod_residue.auth_seq_id 
_pdbx_struct_mod_residue.PDB_ins_code 
_pdbx_struct_mod_residue.parent_comp_id 
_pdbx_struct_mod_residue.details 
1 A 5CM 3 A 5CM 3  ? DC ? 
2 B 5CM 3 B 5CM 15 ? DC ? 
# 
_pdbx_refine_tls.pdbx_refine_id   'X-RAY DIFFRACTION' 
_pdbx_refine_tls.id               1 
_pdbx_refine_tls.details          ? 
_pdbx_refine_tls.method           refined 
_pdbx_refine_tls.origin_x         0.0251 
_pdbx_refine_tls.origin_y         -0.2075 
_pdbx_refine_tls.origin_z         -0.0345 
_pdbx_refine_tls.T[1][1]          0.1721 
_pdbx_refine_tls.T[2][2]          0.1819 
_pdbx_refine_tls.T[3][3]          0.1722 
_pdbx_refine_tls.T[1][2]          0.0144 
_pdbx_refine_tls.T[1][3]          -0.0097 
_pdbx_refine_tls.T[2][3]          -0.0008 
_pdbx_refine_tls.L[1][1]          0.2083 
_pdbx_refine_tls.L[2][2]          1.7359 
_pdbx_refine_tls.L[3][3]          0.3359 
_pdbx_refine_tls.L[1][2]          -0.6231 
_pdbx_refine_tls.L[1][3]          -0.6827 
_pdbx_refine_tls.L[2][3]          0.5565 
_pdbx_refine_tls.S[1][1]          0.0883 
_pdbx_refine_tls.S[1][2]          0.1305 
_pdbx_refine_tls.S[1][3]          0.0117 
_pdbx_refine_tls.S[2][1]          -0.0137 
_pdbx_refine_tls.S[2][2]          -0.0994 
_pdbx_refine_tls.S[2][3]          -0.0111 
_pdbx_refine_tls.S[3][1]          -0.0537 
_pdbx_refine_tls.S[3][2]          -0.1385 
_pdbx_refine_tls.S[3][3]          0.0982 
# 
_pdbx_refine_tls_group.pdbx_refine_id      'X-RAY DIFFRACTION' 
_pdbx_refine_tls_group.id                  1 
_pdbx_refine_tls_group.refine_tls_id       1 
_pdbx_refine_tls_group.beg_auth_asym_id    ? 
_pdbx_refine_tls_group.beg_auth_seq_id     ? 
_pdbx_refine_tls_group.beg_label_asym_id   ? 
_pdbx_refine_tls_group.beg_label_seq_id    ? 
_pdbx_refine_tls_group.end_auth_asym_id    ? 
_pdbx_refine_tls_group.end_auth_seq_id     ? 
_pdbx_refine_tls_group.end_label_asym_id   ? 
_pdbx_refine_tls_group.end_label_seq_id    ? 
_pdbx_refine_tls_group.selection           ? 
_pdbx_refine_tls_group.selection_details   all 
# 
loop_
_chem_comp_atom.comp_id 
_chem_comp_atom.atom_id 
_chem_comp_atom.type_symbol 
_chem_comp_atom.pdbx_aromatic_flag 
_chem_comp_atom.pdbx_stereo_config 
_chem_comp_atom.pdbx_ordinal 
5CM N1     N  N N 1   
5CM C2     C  N N 2   
5CM N3     N  N N 3   
5CM C4     C  N N 4   
5CM C5     C  N N 5   
5CM C5A    C  N N 6   
5CM C6     C  N N 7   
5CM O2     O  N N 8   
5CM N4     N  N N 9   
5CM "C1'"  C  N R 10  
5CM "C2'"  C  N N 11  
5CM "C3'"  C  N S 12  
5CM "C4'"  C  N R 13  
5CM "O4'"  O  N N 14  
5CM "O3'"  O  N N 15  
5CM "C5'"  C  N N 16  
5CM "O5'"  O  N N 17  
5CM P      P  N N 18  
5CM OP1    O  N N 19  
5CM OP2    O  N N 20  
5CM OP3    O  N N 21  
5CM H5A1   H  N N 22  
5CM H5A2   H  N N 23  
5CM H5A3   H  N N 24  
5CM H6     H  N N 25  
5CM HN41   H  N N 26  
5CM HN42   H  N N 27  
5CM "H1'"  H  N N 28  
5CM "H2'"  H  N N 29  
5CM "H2''" H  N N 30  
5CM "H3'"  H  N N 31  
5CM "H4'"  H  N N 32  
5CM "HO3'" H  N N 33  
5CM "H5'"  H  N N 34  
5CM "H5''" H  N N 35  
5CM HOP2   H  N N 36  
5CM HOP3   H  N N 37  
DA  OP3    O  N N 38  
DA  P      P  N N 39  
DA  OP1    O  N N 40  
DA  OP2    O  N N 41  
DA  "O5'"  O  N N 42  
DA  "C5'"  C  N N 43  
DA  "C4'"  C  N R 44  
DA  "O4'"  O  N N 45  
DA  "C3'"  C  N S 46  
DA  "O3'"  O  N N 47  
DA  "C2'"  C  N N 48  
DA  "C1'"  C  N R 49  
DA  N9     N  Y N 50  
DA  C8     C  Y N 51  
DA  N7     N  Y N 52  
DA  C5     C  Y N 53  
DA  C6     C  Y N 54  
DA  N6     N  N N 55  
DA  N1     N  Y N 56  
DA  C2     C  Y N 57  
DA  N3     N  Y N 58  
DA  C4     C  Y N 59  
DA  HOP3   H  N N 60  
DA  HOP2   H  N N 61  
DA  "H5'"  H  N N 62  
DA  "H5''" H  N N 63  
DA  "H4'"  H  N N 64  
DA  "H3'"  H  N N 65  
DA  "HO3'" H  N N 66  
DA  "H2'"  H  N N 67  
DA  "H2''" H  N N 68  
DA  "H1'"  H  N N 69  
DA  H8     H  N N 70  
DA  H61    H  N N 71  
DA  H62    H  N N 72  
DA  H2     H  N N 73  
DC  OP3    O  N N 74  
DC  P      P  N N 75  
DC  OP1    O  N N 76  
DC  OP2    O  N N 77  
DC  "O5'"  O  N N 78  
DC  "C5'"  C  N N 79  
DC  "C4'"  C  N R 80  
DC  "O4'"  O  N N 81  
DC  "C3'"  C  N S 82  
DC  "O3'"  O  N N 83  
DC  "C2'"  C  N N 84  
DC  "C1'"  C  N R 85  
DC  N1     N  N N 86  
DC  C2     C  N N 87  
DC  O2     O  N N 88  
DC  N3     N  N N 89  
DC  C4     C  N N 90  
DC  N4     N  N N 91  
DC  C5     C  N N 92  
DC  C6     C  N N 93  
DC  HOP3   H  N N 94  
DC  HOP2   H  N N 95  
DC  "H5'"  H  N N 96  
DC  "H5''" H  N N 97  
DC  "H4'"  H  N N 98  
DC  "H3'"  H  N N 99  
DC  "HO3'" H  N N 100 
DC  "H2'"  H  N N 101 
DC  "H2''" H  N N 102 
DC  "H1'"  H  N N 103 
DC  H41    H  N N 104 
DC  H42    H  N N 105 
DC  H5     H  N N 106 
DC  H6     H  N N 107 
DG  OP3    O  N N 108 
DG  P      P  N N 109 
DG  OP1    O  N N 110 
DG  OP2    O  N N 111 
DG  "O5'"  O  N N 112 
DG  "C5'"  C  N N 113 
DG  "C4'"  C  N R 114 
DG  "O4'"  O  N N 115 
DG  "C3'"  C  N S 116 
DG  "O3'"  O  N N 117 
DG  "C2'"  C  N N 118 
DG  "C1'"  C  N R 119 
DG  N9     N  Y N 120 
DG  C8     C  Y N 121 
DG  N7     N  Y N 122 
DG  C5     C  Y N 123 
DG  C6     C  N N 124 
DG  O6     O  N N 125 
DG  N1     N  N N 126 
DG  C2     C  N N 127 
DG  N2     N  N N 128 
DG  N3     N  N N 129 
DG  C4     C  Y N 130 
DG  HOP3   H  N N 131 
DG  HOP2   H  N N 132 
DG  "H5'"  H  N N 133 
DG  "H5''" H  N N 134 
DG  "H4'"  H  N N 135 
DG  "H3'"  H  N N 136 
DG  "HO3'" H  N N 137 
DG  "H2'"  H  N N 138 
DG  "H2''" H  N N 139 
DG  "H1'"  H  N N 140 
DG  H8     H  N N 141 
DG  H1     H  N N 142 
DG  H21    H  N N 143 
DG  H22    H  N N 144 
DT  OP3    O  N N 145 
DT  P      P  N N 146 
DT  OP1    O  N N 147 
DT  OP2    O  N N 148 
DT  "O5'"  O  N N 149 
DT  "C5'"  C  N N 150 
DT  "C4'"  C  N R 151 
DT  "O4'"  O  N N 152 
DT  "C3'"  C  N S 153 
DT  "O3'"  O  N N 154 
DT  "C2'"  C  N N 155 
DT  "C1'"  C  N R 156 
DT  N1     N  N N 157 
DT  C2     C  N N 158 
DT  O2     O  N N 159 
DT  N3     N  N N 160 
DT  C4     C  N N 161 
DT  O4     O  N N 162 
DT  C5     C  N N 163 
DT  C7     C  N N 164 
DT  C6     C  N N 165 
DT  HOP3   H  N N 166 
DT  HOP2   H  N N 167 
DT  "H5'"  H  N N 168 
DT  "H5''" H  N N 169 
DT  "H4'"  H  N N 170 
DT  "H3'"  H  N N 171 
DT  "HO3'" H  N N 172 
DT  "H2'"  H  N N 173 
DT  "H2''" H  N N 174 
DT  "H1'"  H  N N 175 
DT  H3     H  N N 176 
DT  H71    H  N N 177 
DT  H72    H  N N 178 
DT  H73    H  N N 179 
DT  H6     H  N N 180 
HOH O      O  N N 181 
HOH H1     H  N N 182 
HOH H2     H  N N 183 
MG  MG     MG N N 184 
# 
loop_
_chem_comp_bond.comp_id 
_chem_comp_bond.atom_id_1 
_chem_comp_bond.atom_id_2 
_chem_comp_bond.value_order 
_chem_comp_bond.pdbx_aromatic_flag 
_chem_comp_bond.pdbx_stereo_config 
_chem_comp_bond.pdbx_ordinal 
5CM N1    C2     sing N N 1   
5CM N1    C6     sing N N 2   
5CM N1    "C1'"  sing N N 3   
5CM C2    N3     sing N N 4   
5CM C2    O2     doub N N 5   
5CM N3    C4     doub N N 6   
5CM C4    C5     sing N N 7   
5CM C4    N4     sing N N 8   
5CM C5    C5A    sing N N 9   
5CM C5    C6     doub N N 10  
5CM C5A   H5A1   sing N N 11  
5CM C5A   H5A2   sing N N 12  
5CM C5A   H5A3   sing N N 13  
5CM C6    H6     sing N N 14  
5CM N4    HN41   sing N N 15  
5CM N4    HN42   sing N N 16  
5CM "C1'" "C2'"  sing N N 17  
5CM "C1'" "O4'"  sing N N 18  
5CM "C1'" "H1'"  sing N N 19  
5CM "C2'" "C3'"  sing N N 20  
5CM "C2'" "H2'"  sing N N 21  
5CM "C2'" "H2''" sing N N 22  
5CM "C3'" "C4'"  sing N N 23  
5CM "C3'" "O3'"  sing N N 24  
5CM "C3'" "H3'"  sing N N 25  
5CM "C4'" "O4'"  sing N N 26  
5CM "C4'" "C5'"  sing N N 27  
5CM "C4'" "H4'"  sing N N 28  
5CM "O3'" "HO3'" sing N N 29  
5CM "C5'" "O5'"  sing N N 30  
5CM "C5'" "H5'"  sing N N 31  
5CM "C5'" "H5''" sing N N 32  
5CM "O5'" P      sing N N 33  
5CM P     OP1    doub N N 34  
5CM P     OP2    sing N N 35  
5CM P     OP3    sing N N 36  
5CM OP2   HOP2   sing N N 37  
5CM OP3   HOP3   sing N N 38  
DA  OP3   P      sing N N 39  
DA  OP3   HOP3   sing N N 40  
DA  P     OP1    doub N N 41  
DA  P     OP2    sing N N 42  
DA  P     "O5'"  sing N N 43  
DA  OP2   HOP2   sing N N 44  
DA  "O5'" "C5'"  sing N N 45  
DA  "C5'" "C4'"  sing N N 46  
DA  "C5'" "H5'"  sing N N 47  
DA  "C5'" "H5''" sing N N 48  
DA  "C4'" "O4'"  sing N N 49  
DA  "C4'" "C3'"  sing N N 50  
DA  "C4'" "H4'"  sing N N 51  
DA  "O4'" "C1'"  sing N N 52  
DA  "C3'" "O3'"  sing N N 53  
DA  "C3'" "C2'"  sing N N 54  
DA  "C3'" "H3'"  sing N N 55  
DA  "O3'" "HO3'" sing N N 56  
DA  "C2'" "C1'"  sing N N 57  
DA  "C2'" "H2'"  sing N N 58  
DA  "C2'" "H2''" sing N N 59  
DA  "C1'" N9     sing N N 60  
DA  "C1'" "H1'"  sing N N 61  
DA  N9    C8     sing Y N 62  
DA  N9    C4     sing Y N 63  
DA  C8    N7     doub Y N 64  
DA  C8    H8     sing N N 65  
DA  N7    C5     sing Y N 66  
DA  C5    C6     sing Y N 67  
DA  C5    C4     doub Y N 68  
DA  C6    N6     sing N N 69  
DA  C6    N1     doub Y N 70  
DA  N6    H61    sing N N 71  
DA  N6    H62    sing N N 72  
DA  N1    C2     sing Y N 73  
DA  C2    N3     doub Y N 74  
DA  C2    H2     sing N N 75  
DA  N3    C4     sing Y N 76  
DC  OP3   P      sing N N 77  
DC  OP3   HOP3   sing N N 78  
DC  P     OP1    doub N N 79  
DC  P     OP2    sing N N 80  
DC  P     "O5'"  sing N N 81  
DC  OP2   HOP2   sing N N 82  
DC  "O5'" "C5'"  sing N N 83  
DC  "C5'" "C4'"  sing N N 84  
DC  "C5'" "H5'"  sing N N 85  
DC  "C5'" "H5''" sing N N 86  
DC  "C4'" "O4'"  sing N N 87  
DC  "C4'" "C3'"  sing N N 88  
DC  "C4'" "H4'"  sing N N 89  
DC  "O4'" "C1'"  sing N N 90  
DC  "C3'" "O3'"  sing N N 91  
DC  "C3'" "C2'"  sing N N 92  
DC  "C3'" "H3'"  sing N N 93  
DC  "O3'" "HO3'" sing N N 94  
DC  "C2'" "C1'"  sing N N 95  
DC  "C2'" "H2'"  sing N N 96  
DC  "C2'" "H2''" sing N N 97  
DC  "C1'" N1     sing N N 98  
DC  "C1'" "H1'"  sing N N 99  
DC  N1    C2     sing N N 100 
DC  N1    C6     sing N N 101 
DC  C2    O2     doub N N 102 
DC  C2    N3     sing N N 103 
DC  N3    C4     doub N N 104 
DC  C4    N4     sing N N 105 
DC  C4    C5     sing N N 106 
DC  N4    H41    sing N N 107 
DC  N4    H42    sing N N 108 
DC  C5    C6     doub N N 109 
DC  C5    H5     sing N N 110 
DC  C6    H6     sing N N 111 
DG  OP3   P      sing N N 112 
DG  OP3   HOP3   sing N N 113 
DG  P     OP1    doub N N 114 
DG  P     OP2    sing N N 115 
DG  P     "O5'"  sing N N 116 
DG  OP2   HOP2   sing N N 117 
DG  "O5'" "C5'"  sing N N 118 
DG  "C5'" "C4'"  sing N N 119 
DG  "C5'" "H5'"  sing N N 120 
DG  "C5'" "H5''" sing N N 121 
DG  "C4'" "O4'"  sing N N 122 
DG  "C4'" "C3'"  sing N N 123 
DG  "C4'" "H4'"  sing N N 124 
DG  "O4'" "C1'"  sing N N 125 
DG  "C3'" "O3'"  sing N N 126 
DG  "C3'" "C2'"  sing N N 127 
DG  "C3'" "H3'"  sing N N 128 
DG  "O3'" "HO3'" sing N N 129 
DG  "C2'" "C1'"  sing N N 130 
DG  "C2'" "H2'"  sing N N 131 
DG  "C2'" "H2''" sing N N 132 
DG  "C1'" N9     sing N N 133 
DG  "C1'" "H1'"  sing N N 134 
DG  N9    C8     sing Y N 135 
DG  N9    C4     sing Y N 136 
DG  C8    N7     doub Y N 137 
DG  C8    H8     sing N N 138 
DG  N7    C5     sing Y N 139 
DG  C5    C6     sing N N 140 
DG  C5    C4     doub Y N 141 
DG  C6    O6     doub N N 142 
DG  C6    N1     sing N N 143 
DG  N1    C2     sing N N 144 
DG  N1    H1     sing N N 145 
DG  C2    N2     sing N N 146 
DG  C2    N3     doub N N 147 
DG  N2    H21    sing N N 148 
DG  N2    H22    sing N N 149 
DG  N3    C4     sing N N 150 
DT  OP3   P      sing N N 151 
DT  OP3   HOP3   sing N N 152 
DT  P     OP1    doub N N 153 
DT  P     OP2    sing N N 154 
DT  P     "O5'"  sing N N 155 
DT  OP2   HOP2   sing N N 156 
DT  "O5'" "C5'"  sing N N 157 
DT  "C5'" "C4'"  sing N N 158 
DT  "C5'" "H5'"  sing N N 159 
DT  "C5'" "H5''" sing N N 160 
DT  "C4'" "O4'"  sing N N 161 
DT  "C4'" "C3'"  sing N N 162 
DT  "C4'" "H4'"  sing N N 163 
DT  "O4'" "C1'"  sing N N 164 
DT  "C3'" "O3'"  sing N N 165 
DT  "C3'" "C2'"  sing N N 166 
DT  "C3'" "H3'"  sing N N 167 
DT  "O3'" "HO3'" sing N N 168 
DT  "C2'" "C1'"  sing N N 169 
DT  "C2'" "H2'"  sing N N 170 
DT  "C2'" "H2''" sing N N 171 
DT  "C1'" N1     sing N N 172 
DT  "C1'" "H1'"  sing N N 173 
DT  N1    C2     sing N N 174 
DT  N1    C6     sing N N 175 
DT  C2    O2     doub N N 176 
DT  C2    N3     sing N N 177 
DT  N3    C4     sing N N 178 
DT  N3    H3     sing N N 179 
DT  C4    O4     doub N N 180 
DT  C4    C5     sing N N 181 
DT  C5    C7     sing N N 182 
DT  C5    C6     doub N N 183 
DT  C7    H71    sing N N 184 
DT  C7    H72    sing N N 185 
DT  C7    H73    sing N N 186 
DT  C6    H6     sing N N 187 
HOH O     H1     sing N N 188 
HOH O     H2     sing N N 189 
# 
_ndb_struct_conf_na.entry_id   4MKW 
_ndb_struct_conf_na.feature    'b-form double helix' 
# 
loop_
_ndb_struct_na_base_pair.model_number 
_ndb_struct_na_base_pair.i_label_asym_id 
_ndb_struct_na_base_pair.i_label_comp_id 
_ndb_struct_na_base_pair.i_label_seq_id 
_ndb_struct_na_base_pair.i_symmetry 
_ndb_struct_na_base_pair.j_label_asym_id 
_ndb_struct_na_base_pair.j_label_comp_id 
_ndb_struct_na_base_pair.j_label_seq_id 
_ndb_struct_na_base_pair.j_symmetry 
_ndb_struct_na_base_pair.shear 
_ndb_struct_na_base_pair.stretch 
_ndb_struct_na_base_pair.stagger 
_ndb_struct_na_base_pair.buckle 
_ndb_struct_na_base_pair.propeller 
_ndb_struct_na_base_pair.opening 
_ndb_struct_na_base_pair.pair_number 
_ndb_struct_na_base_pair.pair_name 
_ndb_struct_na_base_pair.i_auth_asym_id 
_ndb_struct_na_base_pair.i_auth_seq_id 
_ndb_struct_na_base_pair.i_PDB_ins_code 
_ndb_struct_na_base_pair.j_auth_asym_id 
_ndb_struct_na_base_pair.j_auth_seq_id 
_ndb_struct_na_base_pair.j_PDB_ins_code 
_ndb_struct_na_base_pair.hbond_type_28 
_ndb_struct_na_base_pair.hbond_type_12 
1 A DC  1  1_555 B DG  12 1_555 0.232  -0.178 0.214  2.127   -13.864 -0.863 1  A_DC1:DG24_B   A 1  ? B 24 ? 19 1 
1 A DG  2  1_555 B DC  11 1_555 -0.256 -0.199 0.518  8.194   -12.514 -2.363 2  A_DG2:DC23_B   A 2  ? B 23 ? 19 1 
1 A 5CM 3  1_555 B DG  10 1_555 0.205  -0.117 0.178  -3.083  -8.050  0.386  3  A_5CM3:DG22_B  A 3  ? B 22 ? 19 1 
1 A DG  4  1_555 B DC  9  1_555 -0.268 -0.178 0.020  12.999  -8.258  -0.045 4  A_DG4:DC21_B   A 4  ? B 21 ? 19 1 
1 A DA  5  1_555 B DT  8  1_555 0.028  -0.119 -0.055 5.752   -14.732 2.757  5  A_DA5:DT20_B   A 5  ? B 20 ? 20 1 
1 A DA  6  1_555 B DT  7  1_555 0.023  -0.137 0.131  1.255   -16.824 3.665  6  A_DA6:DT19_B   A 6  ? B 19 ? 20 1 
1 A DT  7  1_555 B DA  6  1_555 -0.039 -0.123 0.087  -1.010  -16.286 3.244  7  A_DT7:DA18_B   A 7  ? B 18 ? 20 1 
1 A DT  8  1_555 B DA  5  1_555 -0.074 -0.174 -0.006 -1.560  -12.457 3.587  8  A_DT8:DA17_B   A 8  ? B 17 ? 20 1 
1 A DC  9  1_555 B DG  4  1_555 0.203  -0.150 0.078  -12.540 -8.036  -2.210 9  A_DC9:DG16_B   A 9  ? B 16 ? 19 1 
1 A DG  10 1_555 B 5CM 3  1_555 -0.160 -0.102 0.186  4.984   -6.693  2.741  10 A_DG10:5CM15_B A 10 ? B 15 ? 19 1 
1 A DC  11 1_555 B DG  2  1_555 0.117  -0.240 0.155  1.967   -16.061 -2.687 11 A_DC11:DG14_B  A 11 ? B 14 ? 19 1 
1 A DG  12 1_555 B DC  1  1_555 -0.139 -0.484 -0.554 8.907   25.520  -9.793 12 A_DG12:DC13_B  A 12 ? B 13 ? 19 1 
# 
loop_
_ndb_struct_na_base_pair_step.model_number 
_ndb_struct_na_base_pair_step.i_label_asym_id_1 
_ndb_struct_na_base_pair_step.i_label_comp_id_1 
_ndb_struct_na_base_pair_step.i_label_seq_id_1 
_ndb_struct_na_base_pair_step.i_symmetry_1 
_ndb_struct_na_base_pair_step.j_label_asym_id_1 
_ndb_struct_na_base_pair_step.j_label_comp_id_1 
_ndb_struct_na_base_pair_step.j_label_seq_id_1 
_ndb_struct_na_base_pair_step.j_symmetry_1 
_ndb_struct_na_base_pair_step.i_label_asym_id_2 
_ndb_struct_na_base_pair_step.i_label_comp_id_2 
_ndb_struct_na_base_pair_step.i_label_seq_id_2 
_ndb_struct_na_base_pair_step.i_symmetry_2 
_ndb_struct_na_base_pair_step.j_label_asym_id_2 
_ndb_struct_na_base_pair_step.j_label_comp_id_2 
_ndb_struct_na_base_pair_step.j_label_seq_id_2 
_ndb_struct_na_base_pair_step.j_symmetry_2 
_ndb_struct_na_base_pair_step.shift 
_ndb_struct_na_base_pair_step.slide 
_ndb_struct_na_base_pair_step.rise 
_ndb_struct_na_base_pair_step.tilt 
_ndb_struct_na_base_pair_step.roll 
_ndb_struct_na_base_pair_step.twist 
_ndb_struct_na_base_pair_step.x_displacement 
_ndb_struct_na_base_pair_step.y_displacement 
_ndb_struct_na_base_pair_step.helical_rise 
_ndb_struct_na_base_pair_step.inclination 
_ndb_struct_na_base_pair_step.tip 
_ndb_struct_na_base_pair_step.helical_twist 
_ndb_struct_na_base_pair_step.step_number 
_ndb_struct_na_base_pair_step.step_name 
_ndb_struct_na_base_pair_step.i_auth_asym_id_1 
_ndb_struct_na_base_pair_step.i_auth_seq_id_1 
_ndb_struct_na_base_pair_step.i_PDB_ins_code_1 
_ndb_struct_na_base_pair_step.j_auth_asym_id_1 
_ndb_struct_na_base_pair_step.j_auth_seq_id_1 
_ndb_struct_na_base_pair_step.j_PDB_ins_code_1 
_ndb_struct_na_base_pair_step.i_auth_asym_id_2 
_ndb_struct_na_base_pair_step.i_auth_seq_id_2 
_ndb_struct_na_base_pair_step.i_PDB_ins_code_2 
_ndb_struct_na_base_pair_step.j_auth_asym_id_2 
_ndb_struct_na_base_pair_step.j_auth_seq_id_2 
_ndb_struct_na_base_pair_step.j_PDB_ins_code_2 
1 A DC  1  1_555 B DG  12 1_555 A DG  2  1_555 B DC  11 1_555 -0.155 0.061  3.100 -3.013 5.621   34.538 -0.699 -0.172 3.074 9.369 
5.022  35.104 1  AA_DC1DG2:DC23DG24_BB    A 1  ? B 24 ? A 2  ? B 23 ? 
1 A DG  2  1_555 B DC  11 1_555 A 5CM 3  1_555 B DG  10 1_555 0.665  0.576  3.646 3.898  -8.608  42.714 1.687  -0.479 3.516 
-11.648 -5.274 43.699 2  AA_DG25CM3:DG22DC23_BB   A 2  ? B 23 ? A 3  ? B 22 ? 
1 A 5CM 3  1_555 B DG  10 1_555 A DG  4  1_555 B DC  9  1_555 -0.270 0.567  3.001 0.905  10.876  24.442 -1.472 0.809  2.966 24.206 
-2.014 26.734 3  AA_5CM3DG4:DC21DG22_BB   A 3  ? B 22 ? A 4  ? B 21 ? 
1 A DG  4  1_555 B DC  9  1_555 A DA  5  1_555 B DT  8  1_555 -0.268 -0.054 3.389 -0.616 3.110   38.397 -0.481 0.327  3.379 4.719 
0.934  38.523 4  AA_DG4DA5:DT20DC21_BB    A 4  ? B 21 ? A 5  ? B 20 ? 
1 A DA  5  1_555 B DT  8  1_555 A DA  6  1_555 B DT  7  1_555 0.064  -0.356 3.257 -1.643 1.341   36.657 -0.746 -0.325 3.236 2.130 
2.610  36.716 5  AA_DA5DA6:DT19DT20_BB    A 5  ? B 20 ? A 6  ? B 19 ? 
1 A DA  6  1_555 B DT  7  1_555 A DT  7  1_555 B DA  6  1_555 0.037  -0.607 3.247 0.653  -2.122  32.383 -0.714 0.048  3.279 -3.799 
-1.170 32.457 6  AA_DA6DT7:DA18DT19_BB    A 6  ? B 19 ? A 7  ? B 18 ? 
1 A DT  7  1_555 B DA  6  1_555 A DT  8  1_555 B DA  5  1_555 -0.071 -0.396 3.199 1.177  -1.849  34.609 -0.387 0.296  3.211 -3.104 
-1.977 34.676 7  AA_DT7DT8:DA17DA18_BB    A 7  ? B 18 ? A 8  ? B 17 ? 
1 A DT  8  1_555 B DA  5  1_555 A DC  9  1_555 B DG  4  1_555 -0.192 -0.259 3.491 0.484  -2.201  42.500 -0.120 0.316  3.497 -3.034 
-0.667 42.557 8  AA_DT8DC9:DG16DA17_BB    A 8  ? B 17 ? A 9  ? B 16 ? 
1 A DC  9  1_555 B DG  4  1_555 A DG  10 1_555 B 5CM 3  1_555 0.693  0.627  3.001 -2.055 3.460   25.013 0.505  -2.130 2.993 7.924 
4.707  25.329 9  AA_DC9DG10:5CM15DG16_BB  A 9  ? B 16 ? A 10 ? B 15 ? 
1 A DG  10 1_555 B 5CM 3  1_555 A DC  11 1_555 B DG  2  1_555 -1.221 0.503  3.406 -2.882 -8.122  42.852 1.487  1.354  3.333 
-10.984 3.898  43.670 10 AA_DG10DC11:DG145CM15_BB A 10 ? B 15 ? A 11 ? B 14 ? 
1 A DC  11 1_555 B DG  2  1_555 A DG  12 1_555 B DC  1  1_555 0.334  0.555  3.639 1.904  -10.902 37.006 2.315  -0.249 3.361 
-16.723 -2.920 38.570 11 AA_DC11DG12:DC13DG14_BB  A 11 ? B 14 ? A 12 ? B 13 ? 
# 
_atom_sites.entry_id                    4MKW 
_atom_sites.fract_transf_matrix[1][1]   0.00805411 
_atom_sites.fract_transf_matrix[1][2]   -0.02041005 
_atom_sites.fract_transf_matrix[1][3]   0.03272613 
_atom_sites.fract_transf_matrix[2][1]   -0.02398157 
_atom_sites.fract_transf_matrix[2][2]   0.00077919 
_atom_sites.fract_transf_matrix[2][3]   0.00638797 
_atom_sites.fract_transf_matrix[3][1]   -0.00243603 
_atom_sites.fract_transf_matrix[3][2]   -0.01306903 
_atom_sites.fract_transf_matrix[3][3]   -0.00755114 
_atom_sites.fract_transf_vector[1]      0.408142 
_atom_sites.fract_transf_vector[2]      0.022669 
_atom_sites.fract_transf_vector[3]      0.365303 
# 
loop_
_atom_type.symbol 
C  
H  
MG 
N  
O  
P  
# 
loop_
_atom_site.group_PDB 
_atom_site.id 
_atom_site.type_symbol 
_atom_site.label_atom_id 
_atom_site.label_alt_id 
_atom_site.label_comp_id 
_atom_site.label_asym_id 
_atom_site.label_entity_id 
_atom_site.label_seq_id 
_atom_site.pdbx_PDB_ins_code 
_atom_site.Cartn_x 
_atom_site.Cartn_y 
_atom_site.Cartn_z 
_atom_site.occupancy 
_atom_site.B_iso_or_equiv 
_atom_site.pdbx_formal_charge 
_atom_site.auth_seq_id 
_atom_site.auth_comp_id 
_atom_site.auth_asym_id 
_atom_site.auth_atom_id 
_atom_site.pdbx_PDB_model_num 
ATOM   1   O  "O5'"  . DC  A 1 1  ? -12.105 15.895  6.218   1.00 27.03 ? 1   DC  A "O5'"  1 
ATOM   2   C  "C5'"  . DC  A 1 1  ? -10.782 15.655  6.698   1.00 21.60 ? 1   DC  A "C5'"  1 
ATOM   3   C  "C4'"  . DC  A 1 1  ? -9.786  16.053  5.633   1.00 21.63 ? 1   DC  A "C4'"  1 
ATOM   4   O  "O4'"  . DC  A 1 1  ? -8.442  16.154  6.171   1.00 18.07 ? 1   DC  A "O4'"  1 
ATOM   5   C  "C3'"  . DC  A 1 1  ? -9.679  15.071  4.484   1.00 22.28 ? 1   DC  A "C3'"  1 
ATOM   6   O  "O3'"  . DC  A 1 1  ? -9.482  15.824  3.286   1.00 24.87 ? 1   DC  A "O3'"  1 
ATOM   7   C  "C2'"  . DC  A 1 1  ? -8.479  14.215  4.889   1.00 19.92 ? 1   DC  A "C2'"  1 
ATOM   8   C  "C1'"  . DC  A 1 1  ? -7.564  15.265  5.505   1.00 16.15 ? 1   DC  A "C1'"  1 
ATOM   9   N  N1     . DC  A 1 1  ? -6.594  14.855  6.548   1.00 15.34 ? 1   DC  A N1     1 
ATOM   10  C  C2     . DC  A 1 1  ? -5.300  15.381  6.508   1.00 16.89 ? 1   DC  A C2     1 
ATOM   11  O  O2     . DC  A 1 1  ? -4.987  16.125  5.579   1.00 18.97 ? 1   DC  A O2     1 
ATOM   12  N  N3     . DC  A 1 1  ? -4.418  15.045  7.470   1.00 16.15 ? 1   DC  A N3     1 
ATOM   13  C  C4     . DC  A 1 1  ? -4.788  14.229  8.456   1.00 15.81 ? 1   DC  A C4     1 
ATOM   14  N  N4     . DC  A 1 1  ? -3.892  13.934  9.395   1.00 17.54 ? 1   DC  A N4     1 
ATOM   15  C  C5     . DC  A 1 1  ? -6.104  13.682  8.528   1.00 18.75 ? 1   DC  A C5     1 
ATOM   16  C  C6     . DC  A 1 1  ? -6.958  14.033  7.569   1.00 16.68 ? 1   DC  A C6     1 
ATOM   17  H  "H5'"  . DC  A 1 1  ? -10.677 14.713  6.904   1.00 25.92 ? 1   DC  A "H5'"  1 
ATOM   18  H  "H5''" . DC  A 1 1  ? -10.627 16.181  7.499   1.00 25.92 ? 1   DC  A "H5''" 1 
ATOM   19  H  "H4'"  . DC  A 1 1  ? -10.042 16.919  5.278   1.00 25.95 ? 1   DC  A "H4'"  1 
ATOM   20  H  "H3'"  . DC  A 1 1  ? -10.482 14.530  4.423   1.00 26.73 ? 1   DC  A "H3'"  1 
ATOM   21  H  "H2'"  . DC  A 1 1  ? -8.733  13.548  5.546   1.00 23.91 ? 1   DC  A "H2'"  1 
ATOM   22  H  "H2''" . DC  A 1 1  ? -8.065  13.805  4.113   1.00 23.91 ? 1   DC  A "H2''" 1 
ATOM   23  H  "H1'"  . DC  A 1 1  ? -7.098  15.741  4.799   1.00 19.37 ? 1   DC  A "H1'"  1 
ATOM   24  H  H41    . DC  A 1 1  ? -4.104  13.410  10.043  1.00 21.05 ? 1   DC  A H41    1 
ATOM   25  H  H42    . DC  A 1 1  ? -3.100  14.269  9.355   1.00 21.05 ? 1   DC  A H42    1 
ATOM   26  H  H5     . DC  A 1 1  ? -6.359  13.121  9.225   1.00 22.50 ? 1   DC  A H5     1 
ATOM   27  H  H6     . DC  A 1 1  ? -7.827  13.702  7.593   1.00 20.02 ? 1   DC  A H6     1 
ATOM   28  H  "HO5'" . DC  A 1 1  ? -12.497 15.300  5.543   1.00 32.43 ? 1   DC  A "HO5'" 1 
ATOM   29  P  P      . DG  A 1 2  ? -9.561  15.117  1.848   1.00 26.54 ? 2   DG  A P      1 
ATOM   30  O  OP1    . DG  A 1 2  ? -10.178 16.085  0.916   1.00 29.49 ? 2   DG  A OP1    1 
ATOM   31  O  OP2    . DG  A 1 2  ? -10.139 13.765  2.006   1.00 26.46 ? 2   DG  A OP2    1 
ATOM   32  O  "O5'"  . DG  A 1 2  ? -8.035  14.921  1.437   1.00 23.14 ? 2   DG  A "O5'"  1 
ATOM   33  C  "C5'"  . DG  A 1 2  ? -7.258  16.075  1.209   1.00 23.44 ? 2   DG  A "C5'"  1 
ATOM   34  C  "C4'"  . DG  A 1 2  ? -5.893  15.672  0.707   1.00 19.07 ? 2   DG  A "C4'"  1 
ATOM   35  O  "O4'"  . DG  A 1 2  ? -5.042  15.239  1.804   1.00 20.74 ? 2   DG  A "O4'"  1 
ATOM   36  C  "C3'"  . DG  A 1 2  ? -5.901  14.526  -0.295  1.00 19.57 ? 2   DG  A "C3'"  1 
ATOM   37  O  "O3'"  . DG  A 1 2  ? -5.009  14.909  -1.332  1.00 25.16 ? 2   DG  A "O3'"  1 
ATOM   38  C  "C2'"  . DG  A 1 2  ? -5.449  13.323  0.528   1.00 21.24 ? 2   DG  A "C2'"  1 
ATOM   39  C  "C1'"  . DG  A 1 2  ? -4.509  13.952  1.541   1.00 18.53 ? 2   DG  A "C1'"  1 
ATOM   40  N  N9     . DG  A 1 2  ? -4.413  13.305  2.843   1.00 16.36 ? 2   DG  A N9     1 
ATOM   41  C  C8     . DG  A 1 2  ? -5.381  12.617  3.541   1.00 18.75 ? 2   DG  A C8     1 
ATOM   42  N  N7     . DG  A 1 2  ? -4.974  12.212  4.716   1.00 15.85 ? 2   DG  A N7     1 
ATOM   43  C  C5     . DG  A 1 2  ? -3.664  12.669  4.791   1.00 14.66 ? 2   DG  A C5     1 
ATOM   44  C  C6     . DG  A 1 2  ? -2.706  12.539  5.816   1.00 14.50 ? 2   DG  A C6     1 
ATOM   45  O  O6     . DG  A 1 2  ? -2.838  11.975  6.904   1.00 15.20 ? 2   DG  A O6     1 
ATOM   46  N  N1     . DG  A 1 2  ? -1.496  13.163  5.508   1.00 14.60 ? 2   DG  A N1     1 
ATOM   47  C  C2     . DG  A 1 2  ? -1.241  13.830  4.338   1.00 14.86 ? 2   DG  A C2     1 
ATOM   48  N  N2     . DG  A 1 2  ? -0.027  14.370  4.183   1.00 15.21 ? 2   DG  A N2     1 
ATOM   49  N  N3     . DG  A 1 2  ? -2.127  13.946  3.364   1.00 14.98 ? 2   DG  A N3     1 
ATOM   50  C  C4     . DG  A 1 2  ? -3.310  13.354  3.658   1.00 15.61 ? 2   DG  A C4     1 
ATOM   51  H  "H5'"  . DG  A 1 2  ? -7.164  16.570  2.037   1.00 28.12 ? 2   DG  A "H5'"  1 
ATOM   52  H  "H5''" . DG  A 1 2  ? -7.694  16.632  0.546   1.00 28.12 ? 2   DG  A "H5''" 1 
ATOM   53  H  "H4'"  . DG  A 1 2  ? -5.482  16.443  0.286   1.00 22.88 ? 2   DG  A "H4'"  1 
ATOM   54  H  "H3'"  . DG  A 1 2  ? -6.796  14.386  -0.645  1.00 23.49 ? 2   DG  A "H3'"  1 
ATOM   55  H  "H2'"  . DG  A 1 2  ? -6.204  12.906  0.971   1.00 25.49 ? 2   DG  A "H2'"  1 
ATOM   56  H  "H2''" . DG  A 1 2  ? -4.977  12.684  -0.028  1.00 25.49 ? 2   DG  A "H2''" 1 
ATOM   57  H  "H1'"  . DG  A 1 2  ? -3.623  14.039  1.155   1.00 22.24 ? 2   DG  A "H1'"  1 
ATOM   58  H  H8     . DG  A 1 2  ? -6.234  12.451  3.209   1.00 22.50 ? 2   DG  A H8     1 
ATOM   59  H  H1     . DG  A 1 2  ? -0.865  13.121  6.089   1.00 17.52 ? 2   DG  A H1     1 
ATOM   60  H  H21    . DG  A 1 2  ? 0.169   14.786  3.458   1.00 18.25 ? 2   DG  A H21    1 
ATOM   61  H  H22    . DG  A 1 2  ? 0.557   14.300  4.811   1.00 18.25 ? 2   DG  A H22    1 
HETATM 62  N  N1     . 5CM A 1 3  ? -1.432  11.627  0.761   1.00 17.59 ? 3   5CM A N1     1 
HETATM 63  C  C2     . 5CM A 1 3  ? -0.831  11.202  2.042   1.00 15.46 ? 3   5CM A C2     1 
HETATM 64  N  N3     . 5CM A 1 3  ? -1.602  10.405  2.864   1.00 15.05 ? 3   5CM A N3     1 
HETATM 65  C  C4     . 5CM A 1 3  ? -2.816  10.009  2.498   1.00 15.92 ? 3   5CM A C4     1 
HETATM 66  C  C5     . 5CM A 1 3  ? -3.385  10.301  1.178   1.00 19.05 ? 3   5CM A C5     1 
HETATM 67  C  C5A    . 5CM A 1 3  ? -4.552  9.806   0.756   1.00 23.77 ? 3   5CM A C5A    1 
HETATM 68  C  C6     . 5CM A 1 3  ? -2.596  11.181  0.360   1.00 18.68 ? 3   5CM A C6     1 
HETATM 69  O  O2     . 5CM A 1 3  ? 0.290   11.579  2.304   1.00 16.07 ? 3   5CM A O2     1 
HETATM 70  N  N4     . 5CM A 1 3  ? -3.574  9.359   3.409   1.00 16.12 ? 3   5CM A N4     1 
HETATM 71  C  "C1'"  . 5CM A 1 3  ? -0.639  12.569  -0.127  1.00 19.15 ? 3   5CM A "C1'"  1 
HETATM 72  C  "C2'"  . 5CM A 1 3  ? -0.254  11.822  -1.401  1.00 20.67 ? 3   5CM A "C2'"  1 
HETATM 73  C  "C3'"  . 5CM A 1 3  ? -0.218  13.088  -2.350  1.00 26.12 ? 3   5CM A "C3'"  1 
HETATM 74  C  "C4'"  . 5CM A 1 3  ? -1.068  14.197  -1.617  1.00 17.97 ? 3   5CM A "C4'"  1 
HETATM 75  O  "O4'"  . 5CM A 1 3  ? -1.519  13.594  -0.430  1.00 18.65 ? 3   5CM A "O4'"  1 
HETATM 76  O  "O3'"  . 5CM A 1 3  ? 0.550   13.392  -3.286  1.00 22.73 ? 3   5CM A "O3'"  1 
HETATM 77  C  "C5'"  . 5CM A 1 3  ? -2.244  14.722  -2.451  1.00 22.87 ? 3   5CM A "C5'"  1 
HETATM 78  O  "O5'"  . 5CM A 1 3  ? -3.256  13.759  -2.642  1.00 25.59 ? 3   5CM A "O5'"  1 
HETATM 79  P  P      . 5CM A 1 3  ? -4.824  14.029  -2.664  1.00 24.56 ? 3   5CM A P      1 
HETATM 80  O  OP1    . 5CM A 1 3  ? -5.077  15.051  -3.696  1.00 31.92 ? 3   5CM A OP1    1 
HETATM 81  O  OP2    . 5CM A 1 3  ? -5.530  12.773  -2.379  1.00 35.17 ? 3   5CM A OP2    1 
HETATM 82  H  H6     . 5CM A 1 3  ? -3.031  11.568  -0.583  1.00 22.42 ? 3   5CM A H6     1 
HETATM 83  H  HN41   . 5CM A 1 3  ? -4.507  9.047   3.186   1.00 19.35 ? 3   5CM A HN41   1 
HETATM 84  H  HN42   . 5CM A 1 3  ? -3.254  9.155   4.335   1.00 19.35 ? 3   5CM A HN42   1 
HETATM 85  H  "H1'"  . 5CM A 1 3  ? 0.180   12.984  0.516   1.00 22.98 ? 3   5CM A "H1'"  1 
HETATM 86  H  "H2'"  . 5CM A 1 3  ? -0.955  11.062  -1.781  1.00 24.80 ? 3   5CM A "H2'"  1 
HETATM 87  H  "H2''" . 5CM A 1 3  ? 0.724   11.318  -1.326  1.00 24.80 ? 3   5CM A "H2''" 1 
HETATM 88  H  "H4'"  . 5CM A 1 3  ? -0.394  15.037  -1.326  1.00 21.56 ? 3   5CM A "H4'"  1 
HETATM 89  H  "H5'"  . 5CM A 1 3  ? -2.710  15.623  -1.998  1.00 27.44 ? 3   5CM A "H5'"  1 
HETATM 90  H  "H5''" . 5CM A 1 3  ? -1.883  15.032  -3.459  1.00 27.44 ? 3   5CM A "H5''" 1 
ATOM   91  P  P      . DG  A 1 4  ? 1.179   12.315  -4.292  1.00 30.42 ? 4   DG  A P      1 
ATOM   92  O  OP1    . DG  A 1 4  ? 1.909   13.098  -5.315  1.00 41.99 ? 4   DG  A OP1    1 
ATOM   93  O  OP2    . DG  A 1 4  ? 0.146   11.337  -4.688  1.00 30.56 ? 4   DG  A OP2    1 
ATOM   94  O  "O5'"  . DG  A 1 4  ? 2.241   11.520  -3.414  1.00 21.91 ? 4   DG  A "O5'"  1 
ATOM   95  C  "C5'"  . DG  A 1 4  ? 3.371   12.193  -2.883  1.00 25.65 ? 4   DG  A "C5'"  1 
ATOM   96  C  "C4'"  . DG  A 1 4  ? 4.144   11.212  -2.035  1.00 26.88 ? 4   DG  A "C4'"  1 
ATOM   97  O  "O4'"  . DG  A 1 4  ? 3.294   10.712  -0.970  1.00 22.79 ? 4   DG  A "O4'"  1 
ATOM   98  C  "C3'"  . DG  A 1 4  ? 4.630   9.989   -2.800  1.00 28.51 ? 4   DG  A "C3'"  1 
ATOM   99  O  "O3'"  . DG  A 1 4  ? 5.927   9.715   -2.325  1.00 32.04 ? 4   DG  A "O3'"  1 
ATOM   100 C  "C2'"  . DG  A 1 4  ? 3.593   8.932   -2.440  1.00 27.76 ? 4   DG  A "C2'"  1 
ATOM   101 C  "C1'"  . DG  A 1 4  ? 3.254   9.297   -1.001  1.00 25.97 ? 4   DG  A "C1'"  1 
ATOM   102 N  N9     . DG  A 1 4  ? 1.954   8.827   -0.530  1.00 19.70 ? 4   DG  A N9     1 
ATOM   103 C  C8     . DG  A 1 4  ? 0.769   8.724   -1.212  1.00 19.78 ? 4   DG  A C8     1 
ATOM   104 N  N7     . DG  A 1 4  ? -0.222  8.273   -0.507  1.00 21.54 ? 4   DG  A N7     1 
ATOM   105 C  C5     . DG  A 1 4  ? 0.337   8.076   0.752   1.00 16.38 ? 4   DG  A C5     1 
ATOM   106 C  C6     . DG  A 1 4  ? -0.249  7.586   1.938   1.00 17.06 ? 4   DG  A C6     1 
ATOM   107 O  O6     . DG  A 1 4  ? -1.411  7.230   2.137   1.00 19.84 ? 4   DG  A O6     1 
ATOM   108 N  N1     . DG  A 1 4  ? 0.682   7.535   2.964   1.00 15.58 ? 4   DG  A N1     1 
ATOM   109 C  C2     . DG  A 1 4  ? 1.994   7.891   2.864   1.00 16.00 ? 4   DG  A C2     1 
ATOM   110 N  N2     . DG  A 1 4  ? 2.740   7.772   3.965   1.00 17.60 ? 4   DG  A N2     1 
ATOM   111 N  N3     . DG  A 1 4  ? 2.556   8.354   1.761   1.00 19.79 ? 4   DG  A N3     1 
ATOM   112 C  C4     . DG  A 1 4  ? 1.669   8.411   0.749   1.00 19.87 ? 4   DG  A C4     1 
ATOM   113 H  "H5'"  . DG  A 1 4  ? 3.082   12.941  -2.337  1.00 30.78 ? 4   DG  A "H5'"  1 
ATOM   114 H  "H5''" . DG  A 1 4  ? 3.932   12.513  -3.607  1.00 30.78 ? 4   DG  A "H5''" 1 
ATOM   115 H  "H4'"  . DG  A 1 4  ? 4.908   11.665  -1.644  1.00 32.26 ? 4   DG  A "H4'"  1 
ATOM   116 H  "H3'"  . DG  A 1 4  ? 4.636   10.160  -3.754  1.00 34.21 ? 4   DG  A "H3'"  1 
ATOM   117 H  "H2'"  . DG  A 1 4  ? 2.811   9.007   -3.008  1.00 33.32 ? 4   DG  A "H2'"  1 
ATOM   118 H  "H2''" . DG  A 1 4  ? 3.976   8.041   -2.488  1.00 33.32 ? 4   DG  A "H2''" 1 
ATOM   119 H  "H1'"  . DG  A 1 4  ? 3.946   8.949   -0.417  1.00 31.17 ? 4   DG  A "H1'"  1 
ATOM   120 H  H8     . DG  A 1 4  ? 0.685   8.955   -2.109  1.00 23.74 ? 4   DG  A H8     1 
ATOM   121 H  H1     . DG  A 1 4  ? 0.410   7.251   3.729   1.00 18.70 ? 4   DG  A H1     1 
ATOM   122 H  H21    . DG  A 1 4  ? 3.571   7.996   3.947   1.00 21.12 ? 4   DG  A H21    1 
ATOM   123 H  H22    . DG  A 1 4  ? 2.392   7.472   4.691   1.00 21.12 ? 4   DG  A H22    1 
ATOM   124 P  P      . DA  A 1 5  ? 6.821   8.549   -2.966  1.00 29.92 ? 5   DA  A P      1 
ATOM   125 O  OP1    . DA  A 1 5  ? 8.031   9.187   -3.523  1.00 38.97 ? 5   DA  A OP1    1 
ATOM   126 O  OP2    . DA  A 1 5  ? 5.976   7.678   -3.815  1.00 32.80 ? 5   DA  A OP2    1 
ATOM   127 O  "O5'"  . DA  A 1 5  ? 7.231   7.686   -1.698  1.00 28.56 ? 5   DA  A "O5'"  1 
ATOM   128 C  "C5'"  . DA  A 1 5  ? 7.737   8.332   -0.560  1.00 23.10 ? 5   DA  A "C5'"  1 
ATOM   129 C  "C4'"  . DA  A 1 5  ? 7.671   7.392   0.619   1.00 21.95 ? 5   DA  A "C4'"  1 
ATOM   130 O  "O4'"  . DA  A 1 5  ? 6.295   7.102   0.985   1.00 21.75 ? 5   DA  A "O4'"  1 
ATOM   131 C  "C3'"  . DA  A 1 5  ? 8.343   6.053   0.368   1.00 24.16 ? 5   DA  A "C3'"  1 
ATOM   132 O  "O3'"  . DA  A 1 5  ? 9.146   5.816   1.516   1.00 20.23 ? 5   DA  A "O3'"  1 
ATOM   133 C  "C2'"  . DA  A 1 5  ? 7.163   5.099   0.154   1.00 21.20 ? 5   DA  A "C2'"  1 
ATOM   134 C  "C1'"  . DA  A 1 5  ? 6.067   5.699   1.020   1.00 18.04 ? 5   DA  A "C1'"  1 
ATOM   135 N  N9     . DA  A 1 5  ? 4.684   5.512   0.586   1.00 18.57 ? 5   DA  A N9     1 
ATOM   136 C  C8     . DA  A 1 5  ? 4.144   5.786   -0.638  1.00 18.65 ? 5   DA  A C8     1 
ATOM   137 N  N7     . DA  A 1 5  ? 2.862   5.557   -0.726  1.00 18.42 ? 5   DA  A N7     1 
ATOM   138 C  C5     . DA  A 1 5  ? 2.522   5.083   0.523   1.00 14.53 ? 5   DA  A C5     1 
ATOM   139 C  C6     . DA  A 1 5  ? 1.298   4.662   1.080   1.00 14.41 ? 5   DA  A C6     1 
ATOM   140 N  N6     . DA  A 1 5  ? 0.148   4.621   0.421   1.00 15.70 ? 5   DA  A N6     1 
ATOM   141 N  N1     . DA  A 1 5  ? 1.325   4.260   2.358   1.00 16.02 ? 5   DA  A N1     1 
ATOM   142 C  C2     . DA  A 1 5  ? 2.470   4.294   3.034   1.00 15.69 ? 5   DA  A C2     1 
ATOM   143 N  N3     . DA  A 1 5  ? 3.679   4.672   2.626   1.00 16.32 ? 5   DA  A N3     1 
ATOM   144 C  C4     . DA  A 1 5  ? 3.630   5.054   1.343   1.00 15.39 ? 5   DA  A C4     1 
ATOM   145 H  "H5'"  . DA  A 1 5  ? 7.205   9.123   -0.374  1.00 27.72 ? 5   DA  A "H5'"  1 
ATOM   146 H  "H5''" . DA  A 1 5  ? 8.658   8.591   -0.718  1.00 27.72 ? 5   DA  A "H5''" 1 
ATOM   147 H  "H4'"  . DA  A 1 5  ? 8.107   7.818   1.375   1.00 26.34 ? 5   DA  A "H4'"  1 
ATOM   148 H  "H3'"  . DA  A 1 5  ? 8.893   6.098   -0.429  1.00 28.99 ? 5   DA  A "H3'"  1 
ATOM   149 H  "H2'"  . DA  A 1 5  ? 6.895   5.090   -0.778  1.00 25.44 ? 5   DA  A "H2'"  1 
ATOM   150 H  "H2''" . DA  A 1 5  ? 7.387   4.205   0.457   1.00 25.44 ? 5   DA  A "H2''" 1 
ATOM   151 H  "H1'"  . DA  A 1 5  ? 6.164   5.380   1.932   1.00 21.64 ? 5   DA  A "H1'"  1 
ATOM   152 H  H8     . DA  A 1 5  ? 4.647   6.120   -1.345  1.00 22.38 ? 5   DA  A H8     1 
ATOM   153 H  H61    . DA  A 1 5  ? -0.563  4.340   0.813   1.00 18.84 ? 5   DA  A H61    1 
ATOM   154 H  H62    . DA  A 1 5  ? 0.114   4.875   -0.401  1.00 18.84 ? 5   DA  A H62    1 
ATOM   155 H  H2     . DA  A 1 5  ? 2.419   4.005   3.916   1.00 18.82 ? 5   DA  A H2     1 
ATOM   156 P  P      . DA  A 1 6  ? 9.977   4.453   1.681   1.00 21.79 ? 6   DA  A P      1 
ATOM   157 O  OP1    . DA  A 1 6  ? 11.074  4.742   2.619   1.00 22.87 ? 6   DA  A OP1    1 
ATOM   158 O  OP2    . DA  A 1 6  ? 10.242  3.852   0.354   1.00 22.30 ? 6   DA  A OP2    1 
ATOM   159 O  "O5'"  . DA  A 1 6  ? 8.954   3.479   2.402   1.00 19.85 ? 6   DA  A "O5'"  1 
ATOM   160 C  "C5'"  . DA  A 1 6  ? 8.539   3.721   3.728   1.00 19.24 ? 6   DA  A "C5'"  1 
ATOM   161 C  "C4'"  . DA  A 1 6  ? 7.673   2.571   4.170   1.00 17.99 ? 6   DA  A "C4'"  1 
ATOM   162 O  "O4'"  . DA  A 1 6  ? 6.420   2.636   3.451   1.00 17.30 ? 6   DA  A "O4'"  1 
ATOM   163 C  "C3'"  . DA  A 1 6  ? 8.285   1.199   3.908   1.00 17.89 ? 6   DA  A "C3'"  1 
ATOM   164 O  "O3'"  . DA  A 1 6  ? 8.360   0.541   5.168   1.00 18.31 ? 6   DA  A "O3'"  1 
ATOM   165 C  "C2'"  . DA  A 1 6  ? 7.341   0.557   2.888   1.00 16.30 ? 6   DA  A "C2'"  1 
ATOM   166 C  "C1'"  . DA  A 1 6  ? 6.040   1.316   3.101   1.00 15.25 ? 6   DA  A "C1'"  1 
ATOM   167 N  N9     . DA  A 1 6  ? 5.151   1.480   1.959   1.00 15.16 ? 6   DA  A N9     1 
ATOM   168 C  C8     . DA  A 1 6  ? 5.465   1.961   0.723   1.00 15.06 ? 6   DA  A C8     1 
ATOM   169 N  N7     . DA  A 1 6  ? 4.432   2.039   -0.085  1.00 14.69 ? 6   DA  A N7     1 
ATOM   170 C  C5     . DA  A 1 6  ? 3.358   1.598   0.668   1.00 14.00 ? 6   DA  A C5     1 
ATOM   171 C  C6     . DA  A 1 6  ? 1.987   1.456   0.391   1.00 14.02 ? 6   DA  A C6     1 
ATOM   172 N  N6     . DA  A 1 6  ? 1.432   1.748   -0.785  1.00 14.23 ? 6   DA  A N6     1 
ATOM   173 N  N1     . DA  A 1 6  ? 1.200   0.981   1.368   1.00 13.91 ? 6   DA  A N1     1 
ATOM   174 C  C2     . DA  A 1 6  ? 1.766   0.710   2.551   1.00 14.38 ? 6   DA  A C2     1 
ATOM   175 N  N3     . DA  A 1 6  ? 3.032   0.792   2.933   1.00 15.22 ? 6   DA  A N3     1 
ATOM   176 C  C4     . DA  A 1 6  ? 3.787   1.268   1.937   1.00 13.95 ? 6   DA  A C4     1 
ATOM   177 H  "H5'"  . DA  A 1 6  ? 8.031   4.546   3.765   1.00 23.09 ? 6   DA  A "H5'"  1 
ATOM   178 H  "H5''" . DA  A 1 6  ? 9.315   3.787   4.306   1.00 23.09 ? 6   DA  A "H5''" 1 
ATOM   179 H  "H4'"  . DA  A 1 6  ? 7.495   2.659   5.120   1.00 21.59 ? 6   DA  A "H4'"  1 
ATOM   180 H  "H3'"  . DA  A 1 6  ? 9.173   1.298   3.528   1.00 21.47 ? 6   DA  A "H3'"  1 
ATOM   181 H  "H2'"  . DA  A 1 6  ? 7.670   0.690   1.985   1.00 19.56 ? 6   DA  A "H2'"  1 
ATOM   182 H  "H2''" . DA  A 1 6  ? 7.222   -0.386  3.076   1.00 19.56 ? 6   DA  A "H2''" 1 
ATOM   183 H  "H1'"  . DA  A 1 6  ? 5.550   0.916   3.836   1.00 18.30 ? 6   DA  A "H1'"  1 
ATOM   184 H  H8     . DA  A 1 6  ? 6.329   2.200   0.474   1.00 18.07 ? 6   DA  A H8     1 
ATOM   185 H  H61    . DA  A 1 6  ? 0.588   1.630   -0.902  1.00 17.07 ? 6   DA  A H61    1 
ATOM   186 H  H62    . DA  A 1 6  ? 1.917   2.053   -1.426  1.00 17.07 ? 6   DA  A H62    1 
ATOM   187 H  H2     . DA  A 1 6  ? 1.183   0.386   3.200   1.00 17.25 ? 6   DA  A H2     1 
ATOM   188 P  P      . DT  A 1 7  ? 8.845   -0.977  5.305   1.00 18.32 ? 7   DT  A P      1 
ATOM   189 O  OP1    . DT  A 1 7  ? 9.381   -1.071  6.684   1.00 21.93 ? 7   DT  A OP1    1 
ATOM   190 O  OP2    . DT  A 1 7  ? 9.691   -1.411  4.164   1.00 17.86 ? 7   DT  A OP2    1 
ATOM   191 O  "O5'"  . DT  A 1 7  ? 7.484   -1.796  5.203   1.00 17.15 ? 7   DT  A "O5'"  1 
ATOM   192 C  "C5'"  . DT  A 1 7  ? 6.424   -1.472  6.094   1.00 19.61 ? 7   DT  A "C5'"  1 
ATOM   193 C  "C4'"  . DT  A 1 7  ? 5.185   -2.253  5.720   1.00 19.17 ? 7   DT  A "C4'"  1 
ATOM   194 O  "O4'"  . DT  A 1 7  ? 4.678   -1.771  4.459   1.00 16.34 ? 7   DT  A "O4'"  1 
ATOM   195 C  "C3'"  . DT  A 1 7  ? 5.407   -3.758  5.553   1.00 19.01 ? 7   DT  A "C3'"  1 
ATOM   196 O  "O3'"  . DT  A 1 7  ? 4.728   -4.386  6.635   1.00 22.55 ? 7   DT  A "O3'"  1 
ATOM   197 C  "C2'"  . DT  A 1 7  ? 4.858   -4.094  4.162   1.00 16.39 ? 7   DT  A "C2'"  1 
ATOM   198 C  "C1'"  . DT  A 1 7  ? 4.023   -2.867  3.843   1.00 16.87 ? 7   DT  A "C1'"  1 
ATOM   199 N  N1     . DT  A 1 7  ? 3.866   -2.483  2.420   1.00 14.23 ? 7   DT  A N1     1 
ATOM   200 C  C2     . DT  A 1 7  ? 2.591   -2.443  1.890   1.00 13.66 ? 7   DT  A C2     1 
ATOM   201 O  O2     . DT  A 1 7  ? 1.575   -2.750  2.503   1.00 15.74 ? 7   DT  A O2     1 
ATOM   202 N  N3     . DT  A 1 7  ? 2.521   -2.037  0.587   1.00 13.74 ? 7   DT  A N3     1 
ATOM   203 C  C4     . DT  A 1 7  ? 3.552   -1.686  -0.238  1.00 13.80 ? 7   DT  A C4     1 
ATOM   204 O  O4     . DT  A 1 7  ? 3.357   -1.332  -1.391  1.00 14.53 ? 7   DT  A O4     1 
ATOM   205 C  C5     . DT  A 1 7  ? 4.864   -1.757  0.360   1.00 13.77 ? 7   DT  A C5     1 
ATOM   206 C  C7     . DT  A 1 7  ? 6.078   -1.394  -0.447  1.00 15.95 ? 7   DT  A C7     1 
ATOM   207 C  C6     . DT  A 1 7  ? 4.963   -2.141  1.644   1.00 15.00 ? 7   DT  A C6     1 
ATOM   208 H  "H5'"  . DT  A 1 7  ? 6.235   -0.522  6.039   1.00 23.54 ? 7   DT  A "H5'"  1 
ATOM   209 H  "H5''" . DT  A 1 7  ? 6.686   -1.697  7.000   1.00 23.54 ? 7   DT  A "H5''" 1 
ATOM   210 H  "H4'"  . DT  A 1 7  ? 4.510   -2.112  6.403   1.00 23.00 ? 7   DT  A "H4'"  1 
ATOM   211 H  "H3'"  . DT  A 1 7  ? 6.354   -3.958  5.595   1.00 22.82 ? 7   DT  A "H3'"  1 
ATOM   212 H  "H2'"  . DT  A 1 7  ? 5.580   -4.195  3.522   1.00 19.67 ? 7   DT  A "H2'"  1 
ATOM   213 H  "H2''" . DT  A 1 7  ? 4.305   -4.889  4.192   1.00 19.67 ? 7   DT  A "H2''" 1 
ATOM   214 H  "H1'"  . DT  A 1 7  ? 3.145   -2.973  4.240   1.00 20.25 ? 7   DT  A "H1'"  1 
ATOM   215 H  H3     . DT  A 1 7  ? 1.735   -2.013  0.240   1.00 16.49 ? 7   DT  A H3     1 
ATOM   216 H  H71    . DT  A 1 7  ? 6.673   -2.158  -0.497  1.00 19.14 ? 7   DT  A H71    1 
ATOM   217 H  H72    . DT  A 1 7  ? 5.807   -1.136  -1.342  1.00 19.14 ? 7   DT  A H72    1 
ATOM   218 H  H73    . DT  A 1 7  ? 6.538   -0.652  -0.023  1.00 19.14 ? 7   DT  A H73    1 
ATOM   219 H  H6     . DT  A 1 7  ? 5.808   -2.171  2.034   1.00 18.00 ? 7   DT  A H6     1 
ATOM   220 P  P      . DT  A 1 8  ? 4.698   -5.982  6.802   1.00 23.08 ? 8   DT  A P      1 
ATOM   221 O  OP1    . DT  A 1 8  ? 4.479   -6.233  8.247   1.00 27.36 ? 8   DT  A OP1    1 
ATOM   222 O  OP2    . DT  A 1 8  ? 5.827   -6.608  6.085   1.00 23.73 ? 8   DT  A OP2    1 
ATOM   223 O  "O5'"  . DT  A 1 8  ? 3.391   -6.419  6.004   1.00 19.55 ? 8   DT  A "O5'"  1 
ATOM   224 C  "C5'"  . DT  A 1 8  ? 2.162   -5.879  6.423   1.00 19.93 ? 8   DT  A "C5'"  1 
ATOM   225 C  "C4'"  . DT  A 1 8  ? 1.084   -6.299  5.456   1.00 22.07 ? 8   DT  A "C4'"  1 
ATOM   226 O  "O4'"  . DT  A 1 8  ? 1.330   -5.678  4.173   1.00 19.82 ? 8   DT  A "O4'"  1 
ATOM   227 C  "C3'"  . DT  A 1 8  ? 1.008   -7.806  5.196   1.00 21.53 ? 8   DT  A "C3'"  1 
ATOM   228 O  "O3'"  . DT  A 1 8  ? -0.278  -8.196  5.658   1.00 23.07 ? 8   DT  A "O3'"  1 
ATOM   229 C  "C2'"  . DT  A 1 8  ? 1.227   -7.972  3.693   1.00 18.45 ? 8   DT  A "C2'"  1 
ATOM   230 C  "C1'"  . DT  A 1 8  ? 0.870   -6.589  3.178   1.00 17.16 ? 8   DT  A "C1'"  1 
ATOM   231 N  N1     . DT  A 1 8  ? 1.505   -6.152  1.919   1.00 15.45 ? 8   DT  A N1     1 
ATOM   232 C  C2     . DT  A 1 8  ? 0.734   -5.770  0.851   1.00 14.07 ? 8   DT  A C2     1 
ATOM   233 O  O2     . DT  A 1 8  ? -0.476  -5.811  0.854   1.00 15.67 ? 8   DT  A O2     1 
ATOM   234 N  N3     . DT  A 1 8  ? 1.426   -5.343  -0.241  1.00 13.76 ? 8   DT  A N3     1 
ATOM   235 C  C4     . DT  A 1 8  ? 2.802   -5.263  -0.366  1.00 13.63 ? 8   DT  A C4     1 
ATOM   236 O  O4     . DT  A 1 8  ? 3.321   -4.860  -1.392  1.00 13.70 ? 8   DT  A O4     1 
ATOM   237 C  C5     . DT  A 1 8  ? 3.553   -5.694  0.783   1.00 14.23 ? 8   DT  A C5     1 
ATOM   238 C  C7     . DT  A 1 8  ? 5.055   -5.655  0.769   1.00 16.65 ? 8   DT  A C7     1 
ATOM   239 C  C6     . DT  A 1 8  ? 2.880   -6.099  1.859   1.00 16.52 ? 8   DT  A C6     1 
ATOM   240 H  "H5'"  . DT  A 1 8  ? 2.221   -4.912  6.442   1.00 23.91 ? 8   DT  A "H5'"  1 
ATOM   241 H  "H5''" . DT  A 1 8  ? 1.948   -6.210  7.310   1.00 23.91 ? 8   DT  A "H5''" 1 
ATOM   242 H  "H4'"  . DT  A 1 8  ? 0.227   -5.995  5.793   1.00 26.49 ? 8   DT  A "H4'"  1 
ATOM   243 H  "H3'"  . DT  A 1 8  ? 1.701   -8.268  5.692   1.00 25.83 ? 8   DT  A "H3'"  1 
ATOM   244 H  "H2'"  . DT  A 1 8  ? 2.153   -8.185  3.499   1.00 22.14 ? 8   DT  A "H2'"  1 
ATOM   245 H  "H2''" . DT  A 1 8  ? 0.629   -8.642  3.328   1.00 22.14 ? 8   DT  A "H2''" 1 
ATOM   246 H  "H1'"  . DT  A 1 8  ? -0.094  -6.514  3.094   1.00 20.59 ? 8   DT  A "H1'"  1 
ATOM   247 H  H3     . DT  A 1 8  ? 0.962   -5.103  -0.923  1.00 16.51 ? 8   DT  A H3     1 
ATOM   248 H  H71    . DT  A 1 8  ? 5.402   -6.551  0.905   1.00 19.98 ? 8   DT  A H71    1 
ATOM   249 H  H72    . DT  A 1 8  ? 5.361   -5.316  -0.086  1.00 19.98 ? 8   DT  A H72    1 
ATOM   250 H  H73    . DT  A 1 8  ? 5.371   -5.074  1.478   1.00 19.98 ? 8   DT  A H73    1 
ATOM   251 H  H6     . DT  A 1 8  ? 3.365   -6.359  2.610   1.00 19.83 ? 8   DT  A H6     1 
ATOM   252 P  P      . DC  A 1 9  ? -0.902  -9.650  5.357   1.00 24.41 ? 9   DC  A P      1 
ATOM   253 O  OP1    . DC  A 1 9  ? -1.822  -9.912  6.490   1.00 29.64 ? 9   DC  A OP1    1 
ATOM   254 O  OP2    . DC  A 1 9  ? 0.164   -10.612 5.034   1.00 24.10 ? 9   DC  A OP2    1 
ATOM   255 O  "O5'"  . DC  A 1 9  ? -1.756  -9.433  4.024   1.00 21.47 ? 9   DC  A "O5'"  1 
ATOM   256 C  "C5'"  . DC  A 1 9  ? -2.716  -8.395  4.005   1.00 20.80 ? 9   DC  A "C5'"  1 
ATOM   257 C  "C4'"  . DC  A 1 9  ? -3.474  -8.423  2.705   1.00 20.81 ? 9   DC  A "C4'"  1 
ATOM   258 O  "O4'"  . DC  A 1 9  ? -2.592  -8.081  1.607   1.00 19.32 ? 9   DC  A "O4'"  1 
ATOM   259 C  "C3'"  . DC  A 1 9  ? -4.054  -9.791  2.364   1.00 21.26 ? 9   DC  A "C3'"  1 
ATOM   260 O  "O3'"  . DC  A 1 9  ? -5.388  -9.549  1.914   1.00 21.08 ? 9   DC  A "O3'"  1 
ATOM   261 C  "C2'"  . DC  A 1 9  ? -3.131  -10.360 1.285   1.00 17.56 ? 9   DC  A "C2'"  1 
ATOM   262 C  "C1'"  . DC  A 1 9  ? -2.686  -9.082  0.585   1.00 18.46 ? 9   DC  A "C1'"  1 
ATOM   263 N  N1     . DC  A 1 9  ? -1.348  -9.000  -0.094  1.00 16.73 ? 9   DC  A N1     1 
ATOM   264 C  C2     . DC  A 1 9  ? -1.240  -8.529  -1.409  1.00 15.35 ? 9   DC  A C2     1 
ATOM   265 O  O2     . DC  A 1 9  ? -2.254  -8.287  -2.074  1.00 16.97 ? 9   DC  A O2     1 
ATOM   266 N  N3     . DC  A 1 9  ? -0.008  -8.383  -1.957  1.00 14.42 ? 9   DC  A N3     1 
ATOM   267 C  C4     . DC  A 1 9  ? 1.071   -8.655  -1.223  1.00 13.92 ? 9   DC  A C4     1 
ATOM   268 N  N4     . DC  A 1 9  ? 2.275   -8.475  -1.769  1.00 14.15 ? 9   DC  A N4     1 
ATOM   269 C  C5     . DC  A 1 9  ? 0.980   -9.139  0.111   1.00 15.15 ? 9   DC  A C5     1 
ATOM   270 C  C6     . DC  A 1 9  ? -0.238  -9.271  0.640   1.00 17.03 ? 9   DC  A C6     1 
ATOM   271 H  "H5'"  . DC  A 1 9  ? -2.267  -7.540  4.098   1.00 24.96 ? 9   DC  A "H5'"  1 
ATOM   272 H  "H5''" . DC  A 1 9  ? -3.335  -8.516  4.742   1.00 24.96 ? 9   DC  A "H5''" 1 
ATOM   273 H  "H4'"  . DC  A 1 9  ? -4.195  -7.776  2.744   1.00 24.97 ? 9   DC  A "H4'"  1 
ATOM   274 H  "H3'"  . DC  A 1 9  ? -4.056  -10.363 3.148   1.00 25.52 ? 9   DC  A "H3'"  1 
ATOM   275 H  "H2'"  . DC  A 1 9  ? -2.374  -10.820 1.680   1.00 21.08 ? 9   DC  A "H2'"  1 
ATOM   276 H  "H2''" . DC  A 1 9  ? -3.619  -10.938 0.678   1.00 21.08 ? 9   DC  A "H2''" 1 
ATOM   277 H  "H1'"  . DC  A 1 9  ? -3.372  -8.819  -0.048  1.00 22.16 ? 9   DC  A "H1'"  1 
ATOM   278 H  H41    . DC  A 1 9  ? 2.983   -8.645  -1.312  1.00 16.98 ? 9   DC  A H41    1 
ATOM   279 H  H42    . DC  A 1 9  ? 2.342   -8.189  -2.577  1.00 16.98 ? 9   DC  A H42    1 
ATOM   280 H  H5     . DC  A 1 9  ? 1.744   -9.306  0.616   1.00 18.19 ? 9   DC  A H5     1 
ATOM   281 H  H6     . DC  A 1 9  ? -0.328  -9.545  1.524   1.00 20.43 ? 9   DC  A H6     1 
ATOM   282 P  P      . DG  A 1 10 ? -6.492  -10.718 1.851   1.00 25.61 ? 10  DG  A P      1 
ATOM   283 O  OP1    . DG  A 1 10 ? -7.809  -10.039 1.949   1.00 28.31 ? 10  DG  A OP1    1 
ATOM   284 O  OP2    . DG  A 1 10 ? -6.112  -11.818 2.763   1.00 25.93 ? 10  DG  A OP2    1 
ATOM   285 O  "O5'"  . DG  A 1 10 ? -6.284  -11.319 0.397   1.00 23.64 ? 10  DG  A "O5'"  1 
ATOM   286 C  "C5'"  . DG  A 1 10 ? -6.606  -10.593 -0.762  1.00 22.25 ? 10  DG  A "C5'"  1 
ATOM   287 C  "C4'"  . DG  A 1 10 ? -6.012  -11.281 -1.975  1.00 21.72 ? 10  DG  A "C4'"  1 
ATOM   288 O  "O4'"  . DG  A 1 10 ? -4.579  -11.057 -1.984  1.00 21.11 ? 10  DG  A "O4'"  1 
ATOM   289 C  "C3'"  . DG  A 1 10 ? -6.160  -12.799 -2.051  1.00 25.36 ? 10  DG  A "C3'"  1 
ATOM   290 O  "O3'"  . DG  A 1 10 ? -6.463  -13.139 -3.378  1.00 22.80 ? 10  DG  A "O3'"  1 
ATOM   291 C  "C2'"  . DG  A 1 10 ? -4.774  -13.325 -1.701  1.00 25.74 ? 10  DG  A "C2'"  1 
ATOM   292 C  "C1'"  . DG  A 1 10 ? -3.974  -12.255 -2.426  1.00 20.44 ? 10  DG  A "C1'"  1 
ATOM   293 N  N9     . DG  A 1 10 ? -2.533  -12.229 -2.184  1.00 18.36 ? 10  DG  A N9     1 
ATOM   294 C  C8     . DG  A 1 10 ? -1.800  -12.658 -1.100  1.00 20.05 ? 10  DG  A C8     1 
ATOM   295 N  N7     . DG  A 1 10 ? -0.519  -12.467 -1.247  1.00 19.73 ? 10  DG  A N7     1 
ATOM   296 C  C5     . DG  A 1 10 ? -0.399  -11.868 -2.496  1.00 14.90 ? 10  DG  A C5     1 
ATOM   297 C  C6     . DG  A 1 10 ? 0.739   -11.425 -3.205  1.00 15.45 ? 10  DG  A C6     1 
ATOM   298 O  O6     . DG  A 1 10 ? 1.927   -11.457 -2.871  1.00 16.60 ? 10  DG  A O6     1 
ATOM   299 N  N1     . DG  A 1 10 ? 0.390   -10.885 -4.433  1.00 14.56 ? 10  DG  A N1     1 
ATOM   300 C  C2     . DG  A 1 10 ? -0.885  -10.778 -4.925  1.00 16.21 ? 10  DG  A C2     1 
ATOM   301 N  N2     . DG  A 1 10 ? -1.020  -10.246 -6.143  1.00 16.41 ? 10  DG  A N2     1 
ATOM   302 N  N3     . DG  A 1 10 ? -1.966  -11.180 -4.269  1.00 16.86 ? 10  DG  A N3     1 
ATOM   303 C  C4     . DG  A 1 10 ? -1.628  -11.721 -3.079  1.00 15.94 ? 10  DG  A C4     1 
ATOM   304 H  "H5'"  . DG  A 1 10 ? -6.246  -9.696  -0.692  1.00 26.70 ? 10  DG  A "H5'"  1 
ATOM   305 H  "H5''" . DG  A 1 10 ? -7.570  -10.548 -0.856  1.00 26.70 ? 10  DG  A "H5''" 1 
ATOM   306 H  "H4'"  . DG  A 1 10 ? -6.396  -10.889 -2.775  1.00 26.06 ? 10  DG  A "H4'"  1 
ATOM   307 H  "H3'"  . DG  A 1 10 ? -6.833  -13.124 -1.432  1.00 30.43 ? 10  DG  A "H3'"  1 
ATOM   308 H  "H2'"  . DG  A 1 10 ? -4.615  -13.304 -0.744  1.00 30.89 ? 10  DG  A "H2'"  1 
ATOM   309 H  "H2''" . DG  A 1 10 ? -4.620  -14.205 -2.078  1.00 30.89 ? 10  DG  A "H2''" 1 
ATOM   310 H  "H1'"  . DG  A 1 10 ? -4.125  -12.346 -3.380  1.00 24.53 ? 10  DG  A "H1'"  1 
ATOM   311 H  H8     . DG  A 1 10 ? -2.179  -13.047 -0.345  1.00 24.06 ? 10  DG  A H8     1 
ATOM   312 H  H1     . DG  A 1 10 ? 1.029   -10.592 -4.929  1.00 17.47 ? 10  DG  A H1     1 
ATOM   313 H  H21    . DG  A 1 10 ? -0.325  -9.982  -6.576  1.00 19.69 ? 10  DG  A H21    1 
ATOM   314 H  H22    . DG  A 1 10 ? -1.801  -10.168 -6.494  1.00 19.69 ? 10  DG  A H22    1 
ATOM   315 P  P      . DC  A 1 11 ? -7.954  -13.547 -3.791  1.00 29.68 ? 11  DC  A P      1 
ATOM   316 O  OP1    . DC  A 1 11 ? -8.904  -12.729 -3.009  1.00 31.77 ? 11  DC  A OP1    1 
ATOM   317 O  OP2    . DC  A 1 11 ? -8.041  -15.022 -3.734  1.00 35.55 ? 11  DC  A OP2    1 
ATOM   318 O  "O5'"  . DC  A 1 11 ? -8.019  -13.129 -5.329  1.00 30.12 ? 11  DC  A "O5'"  1 
ATOM   319 C  "C5'"  . DC  A 1 11 ? -7.994  -11.763 -5.679  1.00 28.33 ? 11  DC  A "C5'"  1 
ATOM   320 C  "C4'"  . DC  A 1 11 ? -7.126  -11.520 -6.901  1.00 26.31 ? 11  DC  A "C4'"  1 
ATOM   321 O  "O4'"  . DC  A 1 11 ? -5.714  -11.763 -6.644  1.00 21.88 ? 11  DC  A "O4'"  1 
ATOM   322 C  "C3'"  . DC  A 1 11 ? -7.456  -12.401 -8.091  1.00 28.21 ? 11  DC  A "C3'"  1 
ATOM   323 O  "O3'"  . DC  A 1 11 ? -7.368  -11.571 -9.243  1.00 27.02 ? 11  DC  A "O3'"  1 
ATOM   324 C  "C2'"  . DC  A 1 11 ? -6.394  -13.500 -8.019  1.00 24.36 ? 11  DC  A "C2'"  1 
ATOM   325 C  "C1'"  . DC  A 1 11 ? -5.183  -12.688 -7.592  1.00 20.25 ? 11  DC  A "C1'"  1 
ATOM   326 N  N1     . DC  A 1 11 ? -4.087  -13.333 -6.830  1.00 22.60 ? 11  DC  A N1     1 
ATOM   327 C  C2     . DC  A 1 11 ? -2.751  -13.086 -7.177  1.00 18.46 ? 11  DC  A C2     1 
ATOM   328 O  O2     . DC  A 1 11 ? -2.510  -12.399 -8.175  1.00 19.57 ? 11  DC  A O2     1 
ATOM   329 N  N3     . DC  A 1 11 ? -1.767  -13.642 -6.432  1.00 19.37 ? 11  DC  A N3     1 
ATOM   330 C  C4     . DC  A 1 11 ? -2.065  -14.371 -5.356  1.00 18.51 ? 11  DC  A C4     1 
ATOM   331 N  N4     . DC  A 1 11 ? -1.065  -14.882 -4.636  1.00 19.53 ? 11  DC  A N4     1 
ATOM   332 C  C5     . DC  A 1 11 ? -3.415  -14.620 -4.978  1.00 21.25 ? 11  DC  A C5     1 
ATOM   333 C  C6     . DC  A 1 11 ? -4.379  -14.077 -5.727  1.00 23.65 ? 11  DC  A C6     1 
ATOM   334 H  "H5'"  . DC  A 1 11 ? -7.642  -11.251 -4.933  1.00 33.99 ? 11  DC  A "H5'"  1 
ATOM   335 H  "H5''" . DC  A 1 11 ? -8.898  -11.468 -5.868  1.00 33.99 ? 11  DC  A "H5''" 1 
ATOM   336 H  "H4'"  . DC  A 1 11 ? -7.231  -10.594 -7.170  1.00 31.57 ? 11  DC  A "H4'"  1 
ATOM   337 H  "H3'"  . DC  A 1 11 ? -8.346  -12.776 -8.002  1.00 33.85 ? 11  DC  A "H3'"  1 
ATOM   338 H  "H2'"  . DC  A 1 11 ? -6.623  -14.165 -7.352  1.00 29.23 ? 11  DC  A "H2'"  1 
ATOM   339 H  "H2''" . DC  A 1 11 ? -6.252  -13.907 -8.890  1.00 29.23 ? 11  DC  A "H2''" 1 
ATOM   340 H  "H1'"  . DC  A 1 11 ? -4.820  -12.207 -8.352  1.00 24.30 ? 11  DC  A "H1'"  1 
ATOM   341 H  H41    . DC  A 1 11 ? -0.250  -14.739 -4.870  1.00 23.43 ? 11  DC  A H41    1 
ATOM   342 H  H42    . DC  A 1 11 ? -1.236  -15.355 -3.938  1.00 23.43 ? 11  DC  A H42    1 
ATOM   343 H  H5     . DC  A 1 11 ? -3.618  -15.131 -4.228  1.00 25.50 ? 11  DC  A H5     1 
ATOM   344 H  H6     . DC  A 1 11 ? -5.268  -14.208 -5.488  1.00 28.38 ? 11  DC  A H6     1 
ATOM   345 P  P      . DG  A 1 12 ? -8.099  -11.983 -10.610 1.00 38.57 ? 12  DG  A P      1 
ATOM   346 O  OP1    . DG  A 1 12 ? -8.497  -10.728 -11.282 1.00 42.28 ? 12  DG  A OP1    1 
ATOM   347 O  OP2    . DG  A 1 12 ? -9.104  -13.025 -10.302 1.00 45.72 ? 12  DG  A OP2    1 
ATOM   348 O  "O5'"  . DG  A 1 12 ? -6.951  -12.689 -11.460 1.00 33.80 ? 12  DG  A "O5'"  1 
ATOM   349 C  "C5'"  . DG  A 1 12 ? -5.792  -11.972 -11.852 1.00 29.87 ? 12  DG  A "C5'"  1 
ATOM   350 C  "C4'"  . DG  A 1 12 ? -4.857  -12.874 -12.643 1.00 23.34 ? 12  DG  A "C4'"  1 
ATOM   351 O  "O4'"  . DG  A 1 12 ? -3.937  -13.483 -11.717 1.00 29.50 ? 12  DG  A "O4'"  1 
ATOM   352 C  "C3'"  . DG  A 1 12 ? -5.504  -14.028 -13.405 1.00 22.59 ? 12  DG  A "C3'"  1 
ATOM   353 O  "O3'"  . DG  A 1 12 ? -5.280  -13.849 -14.791 1.00 26.82 ? 12  DG  A "O3'"  1 
ATOM   354 C  "C2'"  . DG  A 1 12 ? -4.850  -15.310 -12.883 1.00 23.65 ? 12  DG  A "C2'"  1 
ATOM   355 C  "C1'"  . DG  A 1 12 ? -3.670  -14.827 -12.054 1.00 23.86 ? 12  DG  A "C1'"  1 
ATOM   356 N  N9     . DG  A 1 12 ? -3.441  -15.446 -10.760 1.00 19.53 ? 12  DG  A N9     1 
ATOM   357 C  C8     . DG  A 1 12 ? -4.353  -15.866 -9.818  1.00 22.32 ? 12  DG  A C8     1 
ATOM   358 N  N7     . DG  A 1 12 ? -3.781  -16.335 -8.743  1.00 22.50 ? 12  DG  A N7     1 
ATOM   359 C  C5     . DG  A 1 12 ? -2.424  -16.192 -8.974  1.00 21.18 ? 12  DG  A C5     1 
ATOM   360 C  C6     . DG  A 1 12 ? -1.308  -16.531 -8.178  1.00 22.00 ? 12  DG  A C6     1 
ATOM   361 O  O6     . DG  A 1 12 ? -1.290  -17.036 -7.045  1.00 26.62 ? 12  DG  A O6     1 
ATOM   362 N  N1     . DG  A 1 12 ? -0.113  -16.225 -8.806  1.00 19.80 ? 12  DG  A N1     1 
ATOM   363 C  C2     . DG  A 1 12 ? 0.014   -15.676 -10.060 1.00 20.53 ? 12  DG  A C2     1 
ATOM   364 N  N2     . DG  A 1 12 ? 1.257   -15.462 -10.515 1.00 19.59 ? 12  DG  A N2     1 
ATOM   365 N  N3     . DG  A 1 12 ? -1.027  -15.356 -10.813 1.00 19.21 ? 12  DG  A N3     1 
ATOM   366 C  C4     . DG  A 1 12 ? -2.201  -15.642 -10.209 1.00 20.17 ? 12  DG  A C4     1 
ATOM   367 H  "H5'"  . DG  A 1 12 ? -5.333  -11.649 -11.062 1.00 35.85 ? 12  DG  A "H5'"  1 
ATOM   368 H  "H5''" . DG  A 1 12 ? -6.053  -11.218 -12.404 1.00 35.85 ? 12  DG  A "H5''" 1 
ATOM   369 H  "H4'"  . DG  A 1 12 ? -4.354  -12.329 -13.269 1.00 28.01 ? 12  DG  A "H4'"  1 
ATOM   370 H  "H3'"  . DG  A 1 12 ? -6.457  -14.047 -13.225 1.00 27.11 ? 12  DG  A "H3'"  1 
ATOM   371 H  "HO3'" . DG  A 1 12 ? -5.932  -13.773 -15.315 1.00 32.18 ? 12  DG  A "HO3'" 1 
ATOM   372 H  "H2'"  . DG  A 1 12 ? -5.472  -15.806 -12.327 1.00 28.38 ? 12  DG  A "H2'"  1 
ATOM   373 H  "H2''" . DG  A 1 12 ? -4.543  -15.859 -13.621 1.00 28.38 ? 12  DG  A "H2''" 1 
ATOM   374 H  "H1'"  . DG  A 1 12 ? -2.859  -14.872 -12.585 1.00 28.63 ? 12  DG  A "H1'"  1 
ATOM   375 H  H8     . DG  A 1 12 ? -5.276  -15.822 -9.935  1.00 26.78 ? 12  DG  A H8     1 
ATOM   376 H  H1     . DG  A 1 12 ? 0.613   -16.410 -8.383  1.00 23.77 ? 12  DG  A H1     1 
ATOM   377 H  H21    . DG  A 1 12 ? 1.377   -15.116 -11.294 1.00 23.51 ? 12  DG  A H21    1 
ATOM   378 H  H22    . DG  A 1 12 ? 1.935   -15.669 -10.029 1.00 23.51 ? 12  DG  A H22    1 
ATOM   379 O  "O5'"  . DC  B 1 1  ? 8.028   -19.383 -5.686  1.00 37.02 ? 13  DC  B "O5'"  1 
ATOM   380 C  "C5'"  . DC  B 1 1  ? 8.359   -19.373 -7.058  1.00 26.86 ? 13  DC  B "C5'"  1 
ATOM   381 C  "C4'"  . DC  B 1 1  ? 7.796   -18.133 -7.722  1.00 28.50 ? 13  DC  B "C4'"  1 
ATOM   382 O  "O4'"  . DC  B 1 1  ? 6.394   -18.330 -8.040  1.00 26.24 ? 13  DC  B "O4'"  1 
ATOM   383 C  "C3'"  . DC  B 1 1  ? 7.815   -16.875 -6.863  1.00 36.34 ? 13  DC  B "C3'"  1 
ATOM   384 O  "O3'"  . DC  B 1 1  ? 7.939   -15.777 -7.703  1.00 39.51 ? 13  DC  B "O3'"  1 
ATOM   385 C  "C2'"  . DC  B 1 1  ? 6.426   -16.870 -6.246  1.00 37.07 ? 13  DC  B "C2'"  1 
ATOM   386 C  "C1'"  . DC  B 1 1  ? 5.644   -17.267 -7.491  1.00 31.57 ? 13  DC  B "C1'"  1 
ATOM   387 N  N1     . DC  B 1 1  ? 4.252   -17.739 -7.256  1.00 40.09 ? 13  DC  B N1     1 
ATOM   388 C  C2     . DC  B 1 1  ? 3.186   -17.105 -7.903  1.00 35.57 ? 13  DC  B C2     1 
ATOM   389 O  O2     . DC  B 1 1  ? 3.419   -16.165 -8.676  1.00 24.79 ? 13  DC  B O2     1 
ATOM   390 N  N3     . DC  B 1 1  ? 1.928   -17.559 -7.679  1.00 45.15 ? 13  DC  B N3     1 
ATOM   391 C  C4     . DC  B 1 1  ? 1.721   -18.591 -6.855  1.00 37.47 ? 13  DC  B C4     1 
ATOM   392 N  N4     . DC  B 1 1  ? 0.463   -19.004 -6.663  1.00 39.82 ? 13  DC  B N4     1 
ATOM   393 C  C5     . DC  B 1 1  ? 2.797   -19.245 -6.187  1.00 37.28 ? 13  DC  B C5     1 
ATOM   394 C  C6     . DC  B 1 1  ? 4.032   -18.791 -6.417  1.00 37.82 ? 13  DC  B C6     1 
ATOM   395 H  "H5'"  . DC  B 1 1  ? 7.988   -20.162 -7.484  1.00 32.23 ? 13  DC  B "H5'"  1 
ATOM   396 H  "H5''" . DC  B 1 1  ? 9.323   -19.379 -7.156  1.00 32.23 ? 13  DC  B "H5''" 1 
ATOM   397 H  "H4'"  . DC  B 1 1  ? 8.285   -17.963 -8.542  1.00 34.20 ? 13  DC  B "H4'"  1 
ATOM   398 H  "H3'"  . DC  B 1 1  ? 8.513   -16.905 -6.191  1.00 43.61 ? 13  DC  B "H3'"  1 
ATOM   399 H  "H2'"  . DC  B 1 1  ? 6.345   -17.538 -5.547  1.00 44.48 ? 13  DC  B "H2'"  1 
ATOM   400 H  "H2''" . DC  B 1 1  ? 6.177   -15.986 -5.936  1.00 44.48 ? 13  DC  B "H2''" 1 
ATOM   401 H  "H1'"  . DC  B 1 1  ? 5.633   -16.524 -8.116  1.00 37.89 ? 13  DC  B "H1'"  1 
ATOM   402 H  H41    . DC  B 1 1  ? 0.303   -19.665 -6.137  1.00 47.79 ? 13  DC  B H41    1 
ATOM   403 H  H42    . DC  B 1 1  ? -0.186  -18.608 -7.066  1.00 47.79 ? 13  DC  B H42    1 
ATOM   404 H  H5     . DC  B 1 1  ? 2.645   -19.960 -5.610  1.00 44.74 ? 13  DC  B H5     1 
ATOM   405 H  H6     . DC  B 1 1  ? 4.754   -19.196 -5.994  1.00 45.38 ? 13  DC  B H6     1 
ATOM   406 P  P      . DG  B 1 2  ? 9.138   -14.732 -7.518  1.00 36.54 ? 14  DG  B P      1 
ATOM   407 O  OP1    . DG  B 1 2  ? 10.409  -15.390 -7.879  1.00 40.03 ? 14  DG  B OP1    1 
ATOM   408 O  OP2    . DG  B 1 2  ? 8.965   -14.092 -6.196  1.00 46.35 ? 14  DG  B OP2    1 
ATOM   409 O  "O5'"  . DG  B 1 2  ? 8.828   -13.655 -8.648  1.00 27.39 ? 14  DG  B "O5'"  1 
ATOM   410 C  "C5'"  . DG  B 1 2  ? 8.526   -14.070 -9.980  1.00 23.37 ? 14  DG  B "C5'"  1 
ATOM   411 C  "C4'"  . DG  B 1 2  ? 7.395   -13.207 -10.494 1.00 18.68 ? 14  DG  B "C4'"  1 
ATOM   412 O  "O4'"  . DG  B 1 2  ? 6.133   -13.623 -9.904  1.00 25.64 ? 14  DG  B "O4'"  1 
ATOM   413 C  "C3'"  . DG  B 1 2  ? 7.621   -11.755 -10.112 1.00 25.40 ? 14  DG  B "C3'"  1 
ATOM   414 O  "O3'"  . DG  B 1 2  ? 7.579   -10.934 -11.244 1.00 22.51 ? 14  DG  B "O3'"  1 
ATOM   415 C  "C2'"  . DG  B 1 2  ? 6.526   -11.441 -9.103  1.00 21.86 ? 14  DG  B "C2'"  1 
ATOM   416 C  "C1'"  . DG  B 1 2  ? 5.456   -12.484 -9.412  1.00 23.63 ? 14  DG  B "C1'"  1 
ATOM   417 N  N9     . DG  B 1 2  ? 4.708   -12.887 -8.229  1.00 22.63 ? 14  DG  B N9     1 
ATOM   418 C  C8     . DG  B 1 2  ? 5.261   -13.294 -7.038  1.00 26.90 ? 14  DG  B C8     1 
ATOM   419 N  N7     . DG  B 1 2  ? 4.385   -13.603 -6.132  1.00 19.20 ? 14  DG  B N7     1 
ATOM   420 C  C5     . DG  B 1 2  ? 3.178   -13.382 -6.758  1.00 16.45 ? 14  DG  B C5     1 
ATOM   421 C  C6     . DG  B 1 2  ? 1.886   -13.555 -6.247  1.00 15.60 ? 14  DG  B C6     1 
ATOM   422 O  O6     . DG  B 1 2  ? 1.560   -13.941 -5.120  1.00 17.73 ? 14  DG  B O6     1 
ATOM   423 N  N1     . DG  B 1 2  ? 0.922   -13.223 -7.184  1.00 15.00 ? 14  DG  B N1     1 
ATOM   424 C  C2     . DG  B 1 2  ? 1.179   -12.794 -8.462  1.00 15.45 ? 14  DG  B C2     1 
ATOM   425 N  N2     . DG  B 1 2  ? 0.108   -12.529 -9.213  1.00 17.74 ? 14  DG  B N2     1 
ATOM   426 N  N3     . DG  B 1 2  ? 2.400   -12.644 -8.981  1.00 16.81 ? 14  DG  B N3     1 
ATOM   427 C  C4     . DG  B 1 2  ? 3.346   -12.946 -8.054  1.00 19.50 ? 14  DG  B C4     1 
ATOM   428 H  "H5'"  . DG  B 1 2  ? 8.255   -15.001 -9.980  1.00 28.04 ? 14  DG  B "H5'"  1 
ATOM   429 H  "H5''" . DG  B 1 2  ? 9.308   -13.956 -10.543 1.00 28.04 ? 14  DG  B "H5''" 1 
ATOM   430 H  "H4'"  . DG  B 1 2  ? 7.343   -13.283 -11.459 1.00 22.42 ? 14  DG  B "H4'"  1 
ATOM   431 H  "H3'"  . DG  B 1 2  ? 8.487   -11.666 -9.683  1.00 30.48 ? 14  DG  B "H3'"  1 
ATOM   432 H  "H2'"  . DG  B 1 2  ? 6.855   -11.547 -8.197  1.00 26.24 ? 14  DG  B "H2'"  1 
ATOM   433 H  "H2''" . DG  B 1 2  ? 6.181   -10.545 -9.242  1.00 26.24 ? 14  DG  B "H2''" 1 
ATOM   434 H  "H1'"  . DG  B 1 2  ? 4.848   -12.144 -10.088 1.00 28.36 ? 14  DG  B "H1'"  1 
ATOM   435 H  H8     . DG  B 1 2  ? 6.178   -13.349 -6.896  1.00 32.28 ? 14  DG  B H8     1 
ATOM   436 H  H1     . DG  B 1 2  ? 0.098   -13.306 -6.951  1.00 18.00 ? 14  DG  B H1     1 
ATOM   437 H  H21    . DG  B 1 2  ? -0.681  -12.624 -8.885  1.00 21.29 ? 14  DG  B H21    1 
ATOM   438 H  H22    . DG  B 1 2  ? 0.207   -12.263 -10.025 1.00 21.29 ? 14  DG  B H22    1 
HETATM 439 N  N1     . 5CM B 1 3  ? 3.185   -9.262  -8.373  1.00 17.70 ? 15  5CM B N1     1 
HETATM 440 C  C2     . 5CM B 1 3  ? 2.139   -9.567  -7.423  1.00 14.68 ? 15  5CM B C2     1 
HETATM 441 N  N3     . 5CM B 1 3  ? 2.502   -9.880  -6.143  1.00 14.84 ? 15  5CM B N3     1 
HETATM 442 C  C4     . 5CM B 1 3  ? 3.775   -9.922  -5.780  1.00 17.44 ? 15  5CM B C4     1 
HETATM 443 C  C5     . 5CM B 1 3  ? 4.852   -9.501  -6.671  1.00 22.24 ? 15  5CM B C5     1 
HETATM 444 C  C5A    . 5CM B 1 3  ? 6.110   -9.330  -6.255  1.00 35.15 ? 15  5CM B C5A    1 
HETATM 445 C  C6     . 5CM B 1 3  ? 4.401   -9.016  -7.962  1.00 20.25 ? 15  5CM B C6     1 
HETATM 446 O  O2     . 5CM B 1 3  ? 1.002   -9.549  -7.822  1.00 16.34 ? 15  5CM B O2     1 
HETATM 447 N  N4     . 5CM B 1 3  ? 4.068   -10.322 -4.515  1.00 18.77 ? 15  5CM B N4     1 
HETATM 448 C  "C1'"  . 5CM B 1 3  ? 2.784   -8.975  -9.821  1.00 18.35 ? 15  5CM B "C1'"  1 
HETATM 449 C  "C2'"  . 5CM B 1 3  ? 2.769   -7.463  -9.983  1.00 26.03 ? 15  5CM B "C2'"  1 
HETATM 450 C  "C3'"  . 5CM B 1 3  ? 3.520   -7.330  -11.377 1.00 29.00 ? 15  5CM B "C3'"  1 
HETATM 451 C  "C4'"  . 5CM B 1 3  ? 3.985   -8.767  -11.759 1.00 17.86 ? 15  5CM B "C4'"  1 
HETATM 452 O  "O4'"  . 5CM B 1 3  ? 3.788   -9.550  -10.600 1.00 18.75 ? 15  5CM B "O4'"  1 
HETATM 453 O  "O3'"  . 5CM B 1 3  ? 3.502   -6.415  -12.218 1.00 20.87 ? 15  5CM B "O3'"  1 
HETATM 454 C  "C5'"  . 5CM B 1 3  ? 5.445   -8.845  -12.212 1.00 20.22 ? 15  5CM B "C5'"  1 
HETATM 455 O  "O5'"  . 5CM B 1 3  ? 6.321   -8.805  -11.121 1.00 21.05 ? 15  5CM B "O5'"  1 
HETATM 456 P  P      . 5CM B 1 3  ? 7.807   -9.357  -11.080 1.00 21.08 ? 15  5CM B P      1 
HETATM 457 O  OP1    . 5CM B 1 3  ? 8.323   -9.169  -9.712  1.00 26.56 ? 15  5CM B OP1    1 
HETATM 458 O  OP2    . 5CM B 1 3  ? 8.429   -9.018  -12.369 1.00 23.78 ? 15  5CM B OP2    1 
HETATM 459 H  H6     . 5CM B 1 3  ? 5.148   -8.616  -8.676  1.00 24.30 ? 15  5CM B H6     1 
HETATM 460 H  HN41   . 5CM B 1 3  ? 5.021   -10.359 -4.187  1.00 22.52 ? 15  5CM B HN41   1 
HETATM 461 H  HN42   . 5CM B 1 3  ? 3.366   -10.594 -3.857  1.00 22.52 ? 15  5CM B HN42   1 
HETATM 462 H  "H1'"  . 5CM B 1 3  ? 1.831   -9.540  -9.996  1.00 22.02 ? 15  5CM B "H1'"  1 
HETATM 463 H  "H2'"  . 5CM B 1 3  ? 3.291   -6.877  -9.210  1.00 31.24 ? 15  5CM B "H2'"  1 
HETATM 464 H  "H2''" . 5CM B 1 3  ? 1.750   -7.047  -10.016 1.00 31.24 ? 15  5CM B "H2''" 1 
HETATM 465 H  "H4'"  . 5CM B 1 3  ? 3.309   -9.170  -12.552 1.00 21.44 ? 15  5CM B "H4'"  1 
HETATM 466 H  "H5'"  . 5CM B 1 3  ? 5.661   -9.763  -12.799 1.00 24.26 ? 15  5CM B "H5'"  1 
HETATM 467 H  "H5''" . 5CM B 1 3  ? 5.685   -7.980  -12.871 1.00 24.26 ? 15  5CM B "H5''" 1 
ATOM   468 P  P      . DG  B 1 4  ? 3.391   -4.865  -11.828 1.00 23.24 ? 16  DG  B P      1 
ATOM   469 O  OP1    . DG  B 1 4  ? 3.578   -4.175  -13.122 1.00 25.87 ? 16  DG  B OP1    1 
ATOM   470 O  OP2    . DG  B 1 4  ? 4.247   -4.510  -10.672 1.00 25.64 ? 16  DG  B OP2    1 
ATOM   471 O  "O5'"  . DG  B 1 4  ? 1.882   -4.705  -11.349 1.00 21.01 ? 16  DG  B "O5'"  1 
ATOM   472 C  "C5'"  . DG  B 1 4  ? 0.792   -5.001  -12.185 1.00 22.58 ? 16  DG  B "C5'"  1 
ATOM   473 C  "C4'"  . DG  B 1 4  ? -0.498  -4.875  -11.400 1.00 20.35 ? 16  DG  B "C4'"  1 
ATOM   474 O  "O4'"  . DG  B 1 4  ? -0.417  -5.707  -10.209 1.00 17.89 ? 16  DG  B "O4'"  1 
ATOM   475 C  "C3'"  . DG  B 1 4  ? -0.836  -3.467  -10.899 1.00 22.73 ? 16  DG  B "C3'"  1 
ATOM   476 O  "O3'"  . DG  B 1 4  ? -2.242  -3.340  -10.964 1.00 23.08 ? 16  DG  B "O3'"  1 
ATOM   477 C  "C2'"  . DG  B 1 4  ? -0.236  -3.465  -9.498  1.00 20.90 ? 16  DG  B "C2'"  1 
ATOM   478 C  "C1'"  . DG  B 1 4  ? -0.479  -4.899  -9.050  1.00 18.86 ? 16  DG  B "C1'"  1 
ATOM   479 N  N9     . DG  B 1 4  ? 0.480   -5.331  -8.039  1.00 17.23 ? 16  DG  B N9     1 
ATOM   480 C  C8     . DG  B 1 4  ? 1.833   -5.098  -7.988  1.00 17.58 ? 16  DG  B C8     1 
ATOM   481 N  N7     . DG  B 1 4  ? 2.412   -5.611  -6.941  1.00 16.93 ? 16  DG  B N7     1 
ATOM   482 C  C5     . DG  B 1 4  ? 1.375   -6.209  -6.239  1.00 14.68 ? 16  DG  B C5     1 
ATOM   483 C  C6     . DG  B 1 4  ? 1.396   -6.896  -5.010  1.00 14.34 ? 16  DG  B C6     1 
ATOM   484 O  O6     . DG  B 1 4  ? 2.362   -7.135  -4.283  1.00 14.01 ? 16  DG  B O6     1 
ATOM   485 N  N1     . DG  B 1 4  ? 0.122   -7.325  -4.647  1.00 14.51 ? 16  DG  B N1     1 
ATOM   486 C  C2     . DG  B 1 4  ? -1.004  -7.117  -5.393  1.00 14.98 ? 16  DG  B C2     1 
ATOM   487 N  N2     . DG  B 1 4  ? -2.134  -7.601  -4.880  1.00 16.10 ? 16  DG  B N2     1 
ATOM   488 N  N3     . DG  B 1 4  ? -1.036  -6.483  -6.554  1.00 15.46 ? 16  DG  B N3     1 
ATOM   489 C  C4     . DG  B 1 4  ? 0.188   -6.041  -6.904  1.00 15.14 ? 16  DG  B C4     1 
ATOM   490 H  "H5'"  . DG  B 1 4  ? 0.879   -5.908  -12.518 1.00 27.09 ? 16  DG  B "H5'"  1 
ATOM   491 H  "H5''" . DG  B 1 4  ? 0.779   -4.381  -12.930 1.00 27.09 ? 16  DG  B "H5''" 1 
ATOM   492 H  "H4'"  . DG  B 1 4  ? -1.230  -5.192  -11.951 1.00 24.42 ? 16  DG  B "H4'"  1 
ATOM   493 H  "H3'"  . DG  B 1 4  ? -0.406  -2.799  -11.455 1.00 27.28 ? 16  DG  B "H3'"  1 
ATOM   494 H  "H2'"  . DG  B 1 4  ? 0.713   -3.269  -9.529  1.00 25.08 ? 16  DG  B "H2'"  1 
ATOM   495 H  "H2''" . DG  B 1 4  ? -0.704  -2.840  -8.923  1.00 25.08 ? 16  DG  B "H2''" 1 
ATOM   496 H  "H1'"  . DG  B 1 4  ? -1.372  -4.961  -8.676  1.00 22.63 ? 16  DG  B "H1'"  1 
ATOM   497 H  H8     . DG  B 1 4  ? 2.297   -4.643  -8.653  1.00 21.09 ? 16  DG  B H8     1 
ATOM   498 H  H1     . DG  B 1 4  ? 0.042   -7.772  -3.917  1.00 17.42 ? 16  DG  B H1     1 
ATOM   499 H  H21    . DG  B 1 4  ? -2.121  -8.015  -4.126  1.00 19.32 ? 16  DG  B H21    1 
ATOM   500 H  H22    . DG  B 1 4  ? -2.876  -7.501  -5.303  1.00 19.32 ? 16  DG  B H22    1 
ATOM   501 P  P      . DA  B 1 5  ? -3.041  -2.204  -10.151 1.00 24.09 ? 17  DA  B P      1 
ATOM   502 O  OP1    . DA  B 1 5  ? -4.186  -1.853  -11.016 1.00 27.36 ? 17  DA  B OP1    1 
ATOM   503 O  OP2    . DA  B 1 5  ? -2.148  -1.115  -9.668  1.00 24.63 ? 17  DA  B OP2    1 
ATOM   504 O  "O5'"  . DA  B 1 5  ? -3.590  -2.981  -8.871  1.00 22.27 ? 17  DA  B "O5'"  1 
ATOM   505 C  "C5'"  . DA  B 1 5  ? -4.348  -4.163  -9.050  1.00 22.89 ? 17  DA  B "C5'"  1 
ATOM   506 C  "C4'"  . DA  B 1 5  ? -5.007  -4.562  -7.748  1.00 22.23 ? 17  DA  B "C4'"  1 
ATOM   507 O  "O4'"  . DA  B 1 5  ? -3.989  -4.869  -6.757  1.00 19.03 ? 17  DA  B "O4'"  1 
ATOM   508 C  "C3'"  . DA  B 1 5  ? -5.876  -3.497  -7.100  1.00 23.56 ? 17  DA  B "C3'"  1 
ATOM   509 O  "O3'"  . DA  B 1 5  ? -6.955  -4.186  -6.500  1.00 23.80 ? 17  DA  B "O3'"  1 
ATOM   510 C  "C2'"  . DA  B 1 5  ? -4.928  -2.809  -6.114  1.00 20.87 ? 17  DA  B "C2'"  1 
ATOM   511 C  "C1'"  . DA  B 1 5  ? -4.039  -3.954  -5.659  1.00 19.02 ? 17  DA  B "C1'"  1 
ATOM   512 N  N9     . DA  B 1 5  ? -2.633  -3.688  -5.387  1.00 16.83 ? 17  DA  B N9     1 
ATOM   513 C  C8     . DA  B 1 5  ? -1.733  -3.062  -6.195  1.00 17.28 ? 17  DA  B C8     1 
ATOM   514 N  N7     . DA  B 1 5  ? -0.507  -3.032  -5.718  1.00 15.61 ? 17  DA  B N7     1 
ATOM   515 C  C5     . DA  B 1 5  ? -0.609  -3.692  -4.512  1.00 14.59 ? 17  DA  B C5     1 
ATOM   516 C  C6     . DA  B 1 5  ? 0.342   -4.021  -3.533  1.00 14.16 ? 17  DA  B C6     1 
ATOM   517 N  N6     . DA  B 1 5  ? 1.628   -3.695  -3.608  1.00 13.99 ? 17  DA  B N6     1 
ATOM   518 N  N1     . DA  B 1 5  ? -0.077  -4.683  -2.447  1.00 14.00 ? 17  DA  B N1     1 
ATOM   519 C  C2     . DA  B 1 5  ? -1.367  -5.019  -2.360  1.00 14.25 ? 17  DA  B C2     1 
ATOM   520 N  N3     . DA  B 1 5  ? -2.357  -4.781  -3.221  1.00 14.68 ? 17  DA  B N3     1 
ATOM   521 C  C4     . DA  B 1 5  ? -1.904  -4.114  -4.295  1.00 14.83 ? 17  DA  B C4     1 
ATOM   522 H  "H5'"  . DA  B 1 5  ? -3.762  -4.877  -9.347  1.00 27.47 ? 17  DA  B "H5'"  1 
ATOM   523 H  "H5''" . DA  B 1 5  ? -5.031  -4.008  -9.721  1.00 27.47 ? 17  DA  B "H5''" 1 
ATOM   524 H  "H4'"  . DA  B 1 5  ? -5.544  -5.354  -7.900  1.00 26.68 ? 17  DA  B "H4'"  1 
ATOM   525 H  "H3'"  . DA  B 1 5  ? -6.195  -2.868  -7.764  1.00 28.27 ? 17  DA  B "H3'"  1 
ATOM   526 H  "H2'"  . DA  B 1 5  ? -4.405  -2.124  -6.560  1.00 25.04 ? 17  DA  B "H2'"  1 
ATOM   527 H  "H2''" . DA  B 1 5  ? -5.419  -2.437  -5.366  1.00 25.04 ? 17  DA  B "H2''" 1 
ATOM   528 H  "H1'"  . DA  B 1 5  ? -4.441  -4.391  -4.892  1.00 22.83 ? 17  DA  B "H1'"  1 
ATOM   529 H  H8     . DA  B 1 5  ? -1.964  -2.693  -7.017  1.00 20.74 ? 17  DA  B H8     1 
ATOM   530 H  H61    . DA  B 1 5  ? 2.164   -3.908  -2.970  1.00 16.78 ? 17  DA  B H61    1 
ATOM   531 H  H62    . DA  B 1 5  ? 1.926   -3.270  -4.293  1.00 16.78 ? 17  DA  B H62    1 
ATOM   532 H  H2     . DA  B 1 5  ? -1.607  -5.489  -1.593  1.00 17.10 ? 17  DA  B H2     1 
ATOM   533 P  P      . DA  B 1 6  ? -8.105  -3.384  -5.732  1.00 28.07 ? 18  DA  B P      1 
ATOM   534 O  OP1    . DA  B 1 6  ? -9.332  -4.214  -5.769  1.00 32.21 ? 18  DA  B OP1    1 
ATOM   535 O  OP2    . DA  B 1 6  ? -8.039  -1.984  -6.202  1.00 26.80 ? 18  DA  B OP2    1 
ATOM   536 O  "O5'"  . DA  B 1 6  ? -7.571  -3.275  -4.241  1.00 23.53 ? 18  DA  B "O5'"  1 
ATOM   537 C  "C5'"  . DA  B 1 6  ? -7.515  -4.407  -3.430  1.00 21.26 ? 18  DA  B "C5'"  1 
ATOM   538 C  "C4'"  . DA  B 1 6  ? -6.868  -4.037  -2.117  1.00 20.49 ? 18  DA  B "C4'"  1 
ATOM   539 O  "O4'"  . DA  B 1 6  ? -5.460  -3.718  -2.285  1.00 20.46 ? 18  DA  B "O4'"  1 
ATOM   540 C  "C3'"  . DA  B 1 6  ? -7.508  -2.826  -1.449  1.00 23.27 ? 18  DA  B "C3'"  1 
ATOM   541 O  "O3'"  . DA  B 1 6  ? -8.172  -3.331  -0.305  1.00 23.51 ? 18  DA  B "O3'"  1 
ATOM   542 C  "C2'"  . DA  B 1 6  ? -6.338  -1.874  -1.164  1.00 20.16 ? 18  DA  B "C2'"  1 
ATOM   543 C  "C1'"  . DA  B 1 6  ? -5.115  -2.772  -1.288  1.00 19.48 ? 18  DA  B "C1'"  1 
ATOM   544 N  N9     . DA  B 1 6  ? -3.891  -2.140  -1.749  1.00 16.10 ? 18  DA  B N9     1 
ATOM   545 C  C8     . DA  B 1 6  ? -3.720  -1.388  -2.876  1.00 16.27 ? 18  DA  B C8     1 
ATOM   546 N  N7     . DA  B 1 6  ? -2.495  -0.972  -3.069  1.00 15.55 ? 18  DA  B N7     1 
ATOM   547 C  C5     . DA  B 1 6  ? -1.801  -1.497  -2.000  1.00 14.57 ? 18  DA  B C5     1 
ATOM   548 C  C6     . DA  B 1 6  ? -0.453  -1.413  -1.638  1.00 14.25 ? 18  DA  B C6     1 
ATOM   549 N  N6     . DA  B 1 6  ? 0.447   -0.761  -2.377  1.00 14.30 ? 18  DA  B N6     1 
ATOM   550 N  N1     . DA  B 1 6  ? -0.083  -2.026  -0.497  1.00 13.99 ? 18  DA  B N1     1 
ATOM   551 C  C2     . DA  B 1 6  ? -0.996  -2.700  0.198   1.00 14.85 ? 18  DA  B C2     1 
ATOM   552 N  N3     . DA  B 1 6  ? -2.295  -2.856  -0.052  1.00 14.35 ? 18  DA  B N3     1 
ATOM   553 C  C4     . DA  B 1 6  ? -2.636  -2.221  -1.180  1.00 14.58 ? 18  DA  B C4     1 
ATOM   554 H  "H5'"  . DA  B 1 6  ? -6.992  -5.097  -3.867  1.00 25.51 ? 18  DA  B "H5'"  1 
ATOM   555 H  "H5''" . DA  B 1 6  ? -8.414  -4.735  -3.267  1.00 25.51 ? 18  DA  B "H5''" 1 
ATOM   556 H  "H4'"  . DA  B 1 6  ? -6.941  -4.795  -1.514  1.00 24.59 ? 18  DA  B "H4'"  1 
ATOM   557 H  "H3'"  . DA  B 1 6  ? -8.144  -2.410  -2.052  1.00 27.92 ? 18  DA  B "H3'"  1 
ATOM   558 H  "H2'"  . DA  B 1 6  ? -6.308  -1.163  -1.823  1.00 24.19 ? 18  DA  B "H2'"  1 
ATOM   559 H  "H2''" . DA  B 1 6  ? -6.405  -1.511  -0.267  1.00 24.19 ? 18  DA  B "H2''" 1 
ATOM   560 H  "H1'"  . DA  B 1 6  ? -4.954  -3.228  -0.446  1.00 23.37 ? 18  DA  B "H1'"  1 
ATOM   561 H  H8     . DA  B 1 6  ? -4.415  -1.194  -3.461  1.00 19.53 ? 18  DA  B H8     1 
ATOM   562 H  H61    . DA  B 1 6  ? 1.269   -0.732  -2.127  1.00 17.16 ? 18  DA  B H61    1 
ATOM   563 H  H62    . DA  B 1 6  ? 0.205   -0.371  -3.105  1.00 17.16 ? 18  DA  B H62    1 
ATOM   564 H  H2     . DA  B 1 6  ? -0.683  -3.119  0.967   1.00 17.82 ? 18  DA  B H2     1 
ATOM   565 P  P      . DT  B 1 7  ? -8.728  -2.349  0.839   1.00 26.10 ? 19  DT  B P      1 
ATOM   566 O  OP1    . DT  B 1 7  ? -9.804  -3.094  1.519   1.00 32.38 ? 19  DT  B OP1    1 
ATOM   567 O  OP2    . DT  B 1 7  ? -8.979  -0.996  0.288   1.00 26.13 ? 19  DT  B OP2    1 
ATOM   568 O  "O5'"  . DT  B 1 7  ? -7.493  -2.219  1.832   1.00 23.19 ? 19  DT  B "O5'"  1 
ATOM   569 C  "C5'"  . DT  B 1 7  ? -6.919  -3.394  2.363   1.00 24.81 ? 19  DT  B "C5'"  1 
ATOM   570 C  "C4'"  . DT  B 1 7  ? -5.723  -2.991  3.192   1.00 21.25 ? 19  DT  B "C4'"  1 
ATOM   571 O  "O4'"  . DT  B 1 7  ? -4.722  -2.384  2.337   1.00 20.20 ? 19  DT  B "O4'"  1 
ATOM   572 C  "C3'"  . DT  B 1 7  ? -6.053  -1.966  4.276   1.00 20.62 ? 19  DT  B "C3'"  1 
ATOM   573 O  "O3'"  . DT  B 1 7  ? -5.755  -2.559  5.514   1.00 24.69 ? 19  DT  B "O3'"  1 
ATOM   574 C  "C2'"  . DT  B 1 7  ? -5.172  -0.766  3.939   1.00 20.20 ? 19  DT  B "C2'"  1 
ATOM   575 C  "C1'"  . DT  B 1 7  ? -4.073  -1.366  3.081   1.00 16.75 ? 19  DT  B "C1'"  1 
ATOM   576 N  N1     . DT  B 1 7  ? -3.417  -0.470  2.087   1.00 17.51 ? 19  DT  B N1     1 
ATOM   577 C  C2     . DT  B 1 7  ? -2.055  -0.257  2.161   1.00 14.78 ? 19  DT  B C2     1 
ATOM   578 O  O2     . DT  B 1 7  ? -1.329  -0.724  3.027   1.00 15.41 ? 19  DT  B O2     1 
ATOM   579 N  N3     . DT  B 1 7  ? -1.547  0.539   1.174   1.00 14.27 ? 19  DT  B N3     1 
ATOM   580 C  C4     . DT  B 1 7  ? -2.223  1.141   0.136   1.00 14.56 ? 19  DT  B C4     1 
ATOM   581 O  O4     . DT  B 1 7  ? -1.627  1.821   -0.699  1.00 15.28 ? 19  DT  B O4     1 
ATOM   582 C  C5     . DT  B 1 7  ? -3.647  0.889   0.121   1.00 16.18 ? 19  DT  B C5     1 
ATOM   583 C  C7     . DT  B 1 7  ? -4.526  1.474   -0.945  1.00 19.69 ? 19  DT  B C7     1 
ATOM   584 C  C6     . DT  B 1 7  ? -4.165  0.106   1.078   1.00 15.79 ? 19  DT  B C6     1 
ATOM   585 H  "H5'"  . DT  B 1 7  ? -6.637  -3.977  1.641   1.00 29.78 ? 19  DT  B "H5'"  1 
ATOM   586 H  "H5''" . DT  B 1 7  ? -7.566  -3.854  2.922   1.00 29.78 ? 19  DT  B "H5''" 1 
ATOM   587 H  "H4'"  . DT  B 1 7  ? -5.347  -3.781  3.609   1.00 25.50 ? 19  DT  B "H4'"  1 
ATOM   588 H  "H3'"  . DT  B 1 7  ? -6.992  -1.720  4.234   1.00 24.75 ? 19  DT  B "H3'"  1 
ATOM   589 H  "H2'"  . DT  B 1 7  ? -5.674  -0.103  3.438   1.00 24.24 ? 19  DT  B "H2'"  1 
ATOM   590 H  "H2''" . DT  B 1 7  ? -4.801  -0.377  4.747   1.00 24.24 ? 19  DT  B "H2''" 1 
ATOM   591 H  "H1'"  . DT  B 1 7  ? -3.399  -1.765  3.653   1.00 20.10 ? 19  DT  B "H1'"  1 
ATOM   592 H  H3     . DT  B 1 7  ? -0.699  0.681   1.203   1.00 17.13 ? 19  DT  B H3     1 
ATOM   593 H  H71    . DT  B 1 7  ? -4.961  0.758   -1.434  1.00 23.63 ? 19  DT  B H71    1 
ATOM   594 H  H72    . DT  B 1 7  ? -5.197  2.041   -0.535  1.00 23.63 ? 19  DT  B H72    1 
ATOM   595 H  H73    . DT  B 1 7  ? -3.985  2.001   -1.555  1.00 23.63 ? 19  DT  B H73    1 
ATOM   596 H  H6     . DT  B 1 7  ? -5.078  -0.071  1.054   1.00 18.95 ? 19  DT  B H6     1 
ATOM   597 P  P      . DT  B 1 8  ? -5.992  -1.761  6.886   1.00 30.32 ? 20  DT  B P      1 
ATOM   598 O  OP1    . DT  B 1 8  ? -6.268  -2.776  7.923   1.00 41.06 ? 20  DT  B OP1    1 
ATOM   599 O  OP2    . DT  B 1 8  ? -6.968  -0.674  6.650   1.00 31.78 ? 20  DT  B OP2    1 
ATOM   600 O  "O5'"  . DT  B 1 8  ? -4.555  -1.110  7.164   1.00 26.23 ? 20  DT  B "O5'"  1 
ATOM   601 C  "C5'"  . DT  B 1 8  ? -3.428  -1.967  7.191   1.00 23.49 ? 20  DT  B "C5'"  1 
ATOM   602 C  "C4'"  . DT  B 1 8  ? -2.137  -1.190  7.372   1.00 23.93 ? 20  DT  B "C4'"  1 
ATOM   603 O  "O4'"  . DT  B 1 8  ? -1.866  -0.349  6.223   1.00 21.73 ? 20  DT  B "O4'"  1 
ATOM   604 C  "C3'"  . DT  B 1 8  ? -2.106  -0.249  8.568   1.00 26.89 ? 20  DT  B "C3'"  1 
ATOM   605 O  "O3'"  . DT  B 1 8  ? -0.886  -0.562  9.245   1.00 25.21 ? 20  DT  B "O3'"  1 
ATOM   606 C  "C2'"  . DT  B 1 8  ? -2.200  1.150   7.938   1.00 21.58 ? 20  DT  B "C2'"  1 
ATOM   607 C  "C1'"  . DT  B 1 8  ? -1.426  0.938   6.650   1.00 23.12 ? 20  DT  B "C1'"  1 
ATOM   608 N  N1     . DT  B 1 8  ? -1.657  1.779   5.438   1.00 18.46 ? 20  DT  B N1     1 
ATOM   609 C  C2     . DT  B 1 8  ? -0.571  2.311   4.775   1.00 14.79 ? 20  DT  B C2     1 
ATOM   610 O  O2     . DT  B 1 8  ? 0.573   2.196   5.157   1.00 18.47 ? 20  DT  B O2     1 
ATOM   611 N  N3     . DT  B 1 8  ? -0.893  3.008   3.639   1.00 14.97 ? 20  DT  B N3     1 
ATOM   612 C  C4     . DT  B 1 8  ? -2.134  3.198   3.086   1.00 14.32 ? 20  DT  B C4     1 
ATOM   613 O  O4     . DT  B 1 8  ? -2.301  3.825   2.046   1.00 17.81 ? 20  DT  B O4     1 
ATOM   614 C  C5     . DT  B 1 8  ? -3.221  2.627   3.831   1.00 17.23 ? 20  DT  B C5     1 
ATOM   615 C  C7     . DT  B 1 8  ? -4.629  2.779   3.346   1.00 24.68 ? 20  DT  B C7     1 
ATOM   616 C  C6     . DT  B 1 8  ? -2.930  1.941   4.944   1.00 16.77 ? 20  DT  B C6     1 
ATOM   617 H  "H5'"  . DT  B 1 8  ? -3.385  -2.461  6.358   1.00 28.19 ? 20  DT  B "H5'"  1 
ATOM   618 H  "H5''" . DT  B 1 8  ? -3.525  -2.593  7.925   1.00 28.19 ? 20  DT  B "H5''" 1 
ATOM   619 H  "H4'"  . DT  B 1 8  ? -1.410  -1.825  7.464   1.00 28.72 ? 20  DT  B "H4'"  1 
ATOM   620 H  "H3'"  . DT  B 1 8  ? -2.868  -0.414  9.146   1.00 32.27 ? 20  DT  B "H3'"  1 
ATOM   621 H  "H2'"  . DT  B 1 8  ? -3.122  1.389   7.754   1.00 25.90 ? 20  DT  B "H2'"  1 
ATOM   622 H  "H2''" . DT  B 1 8  ? -1.768  1.815   8.497   1.00 25.90 ? 20  DT  B "H2''" 1 
ATOM   623 H  "H1'"  . DT  B 1 8  ? -0.476  0.905   6.845   1.00 27.75 ? 20  DT  B "H1'"  1 
ATOM   624 H  H3     . DT  B 1 8  ? -0.232  3.347   3.207   1.00 17.96 ? 20  DT  B H3     1 
ATOM   625 H  H71    . DT  B 1 8  ? -5.153  3.245   4.015   1.00 29.62 ? 20  DT  B H71    1 
ATOM   626 H  H72    . DT  B 1 8  ? -4.634  3.288   2.519   1.00 29.62 ? 20  DT  B H72    1 
ATOM   627 H  H73    . DT  B 1 8  ? -5.013  1.903   3.188   1.00 29.62 ? 20  DT  B H73    1 
ATOM   628 H  H6     . DT  B 1 8  ? -3.633  1.548   5.410   1.00 20.13 ? 20  DT  B H6     1 
ATOM   629 P  P      . DC  B 1 9  ? -0.578  -0.001  10.719  1.00 28.93 ? 21  DC  B P      1 
ATOM   630 O  OP1    . DC  B 1 9  ? 0.384   -0.962  11.306  1.00 30.54 ? 21  DC  B OP1    1 
ATOM   631 O  OP2    . DC  B 1 9  ? -1.847  0.334   11.404  1.00 32.03 ? 21  DC  B OP2    1 
ATOM   632 O  "O5'"  . DC  B 1 9  ? 0.196   1.361   10.432  1.00 24.36 ? 21  DC  B "O5'"  1 
ATOM   633 C  "C5'"  . DC  B 1 9  ? 1.437   1.279   9.776   1.00 23.58 ? 21  DC  B "C5'"  1 
ATOM   634 C  "C4'"  . DC  B 1 9  ? 1.939   2.644   9.370   1.00 26.34 ? 21  DC  B "C4'"  1 
ATOM   635 O  "O4'"  . DC  B 1 9  ? 1.183   3.133   8.246   1.00 23.18 ? 21  DC  B "O4'"  1 
ATOM   636 C  "C3'"  . DC  B 1 9  ? 1.798   3.721   10.439  1.00 22.11 ? 21  DC  B "C3'"  1 
ATOM   637 O  "O3'"  . DC  B 1 9  ? 3.088   3.960   10.970  1.00 27.64 ? 21  DC  B "O3'"  1 
ATOM   638 C  "C2'"  . DC  B 1 9  ? 1.189   4.935   9.721   1.00 21.13 ? 21  DC  B "C2'"  1 
ATOM   639 C  "C1'"  . DC  B 1 9  ? 1.313   4.546   8.258   1.00 21.18 ? 21  DC  B "C1'"  1 
ATOM   640 N  N1     . DC  B 1 9  ? 0.282   5.012   7.290   1.00 18.49 ? 21  DC  B N1     1 
ATOM   641 C  C2     . DC  B 1 9  ? 0.668   5.725   6.150   1.00 17.05 ? 21  DC  B C2     1 
ATOM   642 O  O2     . DC  B 1 9  ? 1.860   6.016   5.968   1.00 21.89 ? 21  DC  B O2     1 
ATOM   643 N  N3     . DC  B 1 9  ? -0.288  6.094   5.270   1.00 18.23 ? 21  DC  B N3     1 
ATOM   644 C  C4     . DC  B 1 9  ? -1.557  5.769   5.473   1.00 16.45 ? 21  DC  B C4     1 
ATOM   645 N  N4     . DC  B 1 9  ? -2.453  6.136   4.556   1.00 18.23 ? 21  DC  B N4     1 
ATOM   646 C  C5     . DC  B 1 9  ? -1.964  5.045   6.628   1.00 19.67 ? 21  DC  B C5     1 
ATOM   647 C  C6     . DC  B 1 9  ? -1.020  4.688   7.498   1.00 19.25 ? 21  DC  B C6     1 
ATOM   648 H  "H5'"  . DC  B 1 9  ? 1.341   0.728   8.983   1.00 28.29 ? 21  DC  B "H5'"  1 
ATOM   649 H  "H5''" . DC  B 1 9  ? 2.083   0.867   10.371  1.00 28.29 ? 21  DC  B "H5''" 1 
ATOM   650 H  "H4'"  . DC  B 1 9  ? 2.872   2.574   9.116   1.00 31.61 ? 21  DC  B "H4'"  1 
ATOM   651 H  "H3'"  . DC  B 1 9  ? 1.200   3.416   11.140  1.00 26.54 ? 21  DC  B "H3'"  1 
ATOM   652 H  "H2'"  . DC  B 1 9  ? 0.259   5.051   9.968   1.00 25.35 ? 21  DC  B "H2'"  1 
ATOM   653 H  "H2''" . DC  B 1 9  ? 1.702   5.738   9.907   1.00 25.35 ? 21  DC  B "H2''" 1 
ATOM   654 H  "H1'"  . DC  B 1 9  ? 2.194   4.789   7.933   1.00 25.42 ? 21  DC  B "H1'"  1 
ATOM   655 H  H41    . DC  B 1 9  ? -3.283  5.937   4.663   1.00 21.88 ? 21  DC  B H41    1 
ATOM   656 H  H42    . DC  B 1 9  ? -2.201  6.569   3.858   1.00 21.88 ? 21  DC  B H42    1 
ATOM   657 H  H5     . DC  B 1 9  ? -2.854  4.816   6.763   1.00 23.60 ? 21  DC  B H5     1 
ATOM   658 H  H6     . DC  B 1 9  ? -1.253  4.195   8.251   1.00 23.10 ? 21  DC  B H6     1 
ATOM   659 P  P      . DG  B 1 10 ? 3.297   4.851   12.293  1.00 28.24 ? 22  DG  B P      1 
ATOM   660 O  OP1    . DG  B 1 10 ? 4.565   4.405   12.905  1.00 34.76 ? 22  DG  B OP1    1 
ATOM   661 O  OP2    . DG  B 1 10 ? 2.053   4.909   13.088  1.00 28.81 ? 22  DG  B OP2    1 
ATOM   662 O  "O5'"  . DG  B 1 10 ? 3.461   6.345   11.738  1.00 27.27 ? 22  DG  B "O5'"  1 
ATOM   663 C  "C5'"  . DG  B 1 10 ? 4.473   6.660   10.809  1.00 24.90 ? 22  DG  B "C5'"  1 
ATOM   664 C  "C4'"  . DG  B 1 10 ? 4.264   8.070   10.293  1.00 21.48 ? 22  DG  B "C4'"  1 
ATOM   665 O  "O4'"  . DG  B 1 10 ? 3.178   8.037   9.332   1.00 22.08 ? 22  DG  B "O4'"  1 
ATOM   666 C  "C3'"  . DG  B 1 10 ? 3.873   9.120   11.328  1.00 23.67 ? 22  DG  B "C3'"  1 
ATOM   667 O  "O3'"  . DG  B 1 10 ? 4.550   10.303  11.033  1.00 21.83 ? 22  DG  B "O3'"  1 
ATOM   668 C  "C2'"  . DG  B 1 10 ? 2.384   9.311   11.097  1.00 22.71 ? 22  DG  B "C2'"  1 
ATOM   669 C  "C1'"  . DG  B 1 10 ? 2.360   9.156   9.580   1.00 18.45 ? 22  DG  B "C1'"  1 
ATOM   670 N  N9     . DG  B 1 10 ? 1.054   8.932   8.985   1.00 19.14 ? 22  DG  B N9     1 
ATOM   671 C  C8     . DG  B 1 10 ? -0.039  8.318   9.535   1.00 19.82 ? 22  DG  B C8     1 
ATOM   672 N  N7     . DG  B 1 10 ? -1.058  8.278   8.727   1.00 18.52 ? 22  DG  B N7     1 
ATOM   673 C  C5     . DG  B 1 10 ? -0.615  8.902   7.570   1.00 16.69 ? 22  DG  B C5     1 
ATOM   674 C  C6     . DG  B 1 10 ? -1.281  9.155   6.348   1.00 14.46 ? 22  DG  B C6     1 
ATOM   675 O  O6     . DG  B 1 10 ? -2.430  8.859   6.014   1.00 16.95 ? 22  DG  B O6     1 
ATOM   676 N  N1     . DG  B 1 10 ? -0.435  9.810   5.449   1.00 14.89 ? 22  DG  B N1     1 
ATOM   677 C  C2     . DG  B 1 10 ? 0.864   10.171  5.692   1.00 14.63 ? 22  DG  B C2     1 
ATOM   678 N  N2     . DG  B 1 10 ? 1.526   10.797  4.708   1.00 16.18 ? 22  DG  B N2     1 
ATOM   679 N  N3     . DG  B 1 10 ? 1.485   9.932   6.829   1.00 16.10 ? 22  DG  B N3     1 
ATOM   680 C  C4     . DG  B 1 10 ? 0.685   9.296   7.711   1.00 15.84 ? 22  DG  B C4     1 
ATOM   681 H  "H5'"  . DG  B 1 10 ? 4.436   6.035   10.068  1.00 29.88 ? 22  DG  B "H5'"  1 
ATOM   682 H  "H5''" . DG  B 1 10 ? 5.339   6.599   11.242  1.00 29.88 ? 22  DG  B "H5''" 1 
ATOM   683 H  "H4'"  . DG  B 1 10 ? 5.073   8.361   9.842   1.00 25.77 ? 22  DG  B "H4'"  1 
ATOM   684 H  "H3'"  . DG  B 1 10 ? 4.058   8.816   12.231  1.00 28.40 ? 22  DG  B "H3'"  1 
ATOM   685 H  "H2'"  . DG  B 1 10 ? 1.867   8.614   11.532  1.00 27.25 ? 22  DG  B "H2'"  1 
ATOM   686 H  "H2''" . DG  B 1 10 ? 2.095   10.196  11.367  1.00 27.25 ? 22  DG  B "H2''" 1 
ATOM   687 H  "H1'"  . DG  B 1 10 ? 2.763   9.940   9.175   1.00 22.14 ? 22  DG  B "H1'"  1 
ATOM   688 H  H8     . DG  B 1 10 ? -0.054  7.972   10.398  1.00 23.79 ? 22  DG  B H8     1 
ATOM   689 H  H1     . DG  B 1 10 ? -0.758  9.998   4.674   1.00 17.87 ? 22  DG  B H1     1 
ATOM   690 H  H21    . DG  B 1 10 ? 2.344   11.036  4.824   1.00 19.42 ? 22  DG  B H21    1 
ATOM   691 H  H22    . DG  B 1 10 ? 1.132   10.960  3.960   1.00 19.42 ? 22  DG  B H22    1 
ATOM   692 P  P      . DC  B 1 11 ? 4.929   11.346  12.190  1.00 24.82 ? 23  DC  B P      1 
ATOM   693 O  OP1    . DC  B 1 11 ? 6.111   10.802  12.895  1.00 31.45 ? 23  DC  B OP1    1 
ATOM   694 O  OP2    . DC  B 1 11 ? 3.709   11.724  12.936  1.00 27.64 ? 23  DC  B OP2    1 
ATOM   695 O  "O5'"  . DC  B 1 11 ? 5.387   12.623  11.356  1.00 22.28 ? 23  DC  B "O5'"  1 
ATOM   696 C  "C5'"  . DC  B 1 11 ? 6.402   12.471  10.372  1.00 20.65 ? 23  DC  B "C5'"  1 
ATOM   697 C  "C4'"  . DC  B 1 11 ? 6.022   13.124  9.055   1.00 20.50 ? 23  DC  B "C4'"  1 
ATOM   698 O  "O4'"  . DC  B 1 11 ? 4.920   12.406  8.445   1.00 20.75 ? 23  DC  B "O4'"  1 
ATOM   699 C  "C3'"  . DC  B 1 11 ? 5.529   14.556  9.127   1.00 20.64 ? 23  DC  B "C3'"  1 
ATOM   700 O  "O3'"  . DC  B 1 11 ? 6.596   15.439  9.095   1.00 22.35 ? 23  DC  B "O3'"  1 
ATOM   701 C  "C2'"  . DC  B 1 11 ? 4.731   14.695  7.853   1.00 22.88 ? 23  DC  B "C2'"  1 
ATOM   702 C  "C1'"  . DC  B 1 11 ? 4.127   13.327  7.709   1.00 23.84 ? 23  DC  B "C1'"  1 
ATOM   703 N  N1     . DC  B 1 11 ? 2.739   13.115  8.169   1.00 18.95 ? 23  DC  B N1     1 
ATOM   704 C  C2     . DC  B 1 11 ? 1.708   13.323  7.260   1.00 15.52 ? 23  DC  B C2     1 
ATOM   705 O  O2     . DC  B 1 11 ? 1.987   13.785  6.149   1.00 17.32 ? 23  DC  B O2     1 
ATOM   706 N  N3     . DC  B 1 11 ? 0.446   13.055  7.640   1.00 14.86 ? 23  DC  B N3     1 
ATOM   707 C  C4     . DC  B 1 11 ? 0.191   12.606  8.871   1.00 15.49 ? 23  DC  B C4     1 
ATOM   708 N  N4     . DC  B 1 11 ? -1.075  12.318  9.182   1.00 18.19 ? 23  DC  B N4     1 
ATOM   709 C  C5     . DC  B 1 11 ? 1.230   12.384  9.821   1.00 18.05 ? 23  DC  B C5     1 
ATOM   710 C  C6     . DC  B 1 11 ? 2.481   12.641  9.425   1.00 20.16 ? 23  DC  B C6     1 
ATOM   711 H  "H5'"  . DC  B 1 11 ? 6.556   11.525  10.221  1.00 24.77 ? 23  DC  B "H5'"  1 
ATOM   712 H  "H5''" . DC  B 1 11 ? 7.221   12.875  10.699  1.00 24.77 ? 23  DC  B "H5''" 1 
ATOM   713 H  "H4'"  . DC  B 1 11 ? 6.787   13.089  8.458   1.00 24.60 ? 23  DC  B "H4'"  1 
ATOM   714 H  "H3'"  . DC  B 1 11 ? 4.972   14.698  9.909   1.00 24.77 ? 23  DC  B "H3'"  1 
ATOM   715 H  "H2'"  . DC  B 1 11 ? 4.040   15.369  7.949   1.00 27.45 ? 23  DC  B "H2'"  1 
ATOM   716 H  "H2''" . DC  B 1 11 ? 5.312   14.896  7.102   1.00 27.45 ? 23  DC  B "H2''" 1 
ATOM   717 H  "H1'"  . DC  B 1 11 ? 4.171   13.080  6.772   1.00 28.61 ? 23  DC  B "H1'"  1 
ATOM   718 H  H41    . DC  B 1 11 ? -1.269  12.026  9.968   1.00 21.83 ? 23  DC  B H41    1 
ATOM   719 H  H42    . DC  B 1 11 ? -1.696  12.423  8.598   1.00 21.83 ? 23  DC  B H42    1 
ATOM   720 H  H5     . DC  B 1 11 ? 1.051   12.033  10.664  1.00 21.66 ? 23  DC  B H5     1 
ATOM   721 H  H6     . DC  B 1 11 ? 3.189   12.476  10.006  1.00 24.19 ? 23  DC  B H6     1 
ATOM   722 P  P      . DG  B 1 12 ? 6.371   16.952  9.566   1.00 22.34 ? 24  DG  B P      1 
ATOM   723 O  OP1    . DG  B 1 12 ? 7.701   17.572  9.692   1.00 24.36 ? 24  DG  B OP1    1 
ATOM   724 O  OP2    . DG  B 1 12 ? 5.466   16.964  10.732  1.00 23.57 ? 24  DG  B OP2    1 
ATOM   725 O  "O5'"  . DG  B 1 12 ? 5.577   17.674  8.373   1.00 21.48 ? 24  DG  B "O5'"  1 
ATOM   726 C  "C5'"  . DG  B 1 12 ? 6.146   17.944  7.108   1.00 19.44 ? 24  DG  B "C5'"  1 
ATOM   727 C  "C4'"  . DG  B 1 12 ? 5.064   18.408  6.147   1.00 16.65 ? 24  DG  B "C4'"  1 
ATOM   728 O  "O4'"  . DG  B 1 12 ? 4.060   17.375  5.988   1.00 17.14 ? 24  DG  B "O4'"  1 
ATOM   729 C  "C3'"  . DG  B 1 12 ? 4.281   19.621  6.616   1.00 17.88 ? 24  DG  B "C3'"  1 
ATOM   730 O  "O3'"  . DG  B 1 12 ? 4.977   20.786  6.238   1.00 19.01 ? 24  DG  B "O3'"  1 
ATOM   731 C  "C2'"  . DG  B 1 12 ? 2.949   19.473  5.896   1.00 20.94 ? 24  DG  B "C2'"  1 
ATOM   732 C  "C1'"  . DG  B 1 12 ? 2.767   17.971  5.902   1.00 18.14 ? 24  DG  B "C1'"  1 
ATOM   733 N  N9     . DG  B 1 12 ? 1.957   17.405  6.975   1.00 17.62 ? 24  DG  B N9     1 
ATOM   734 C  C8     . DG  B 1 12 ? 2.361   17.087  8.246   1.00 18.52 ? 24  DG  B C8     1 
ATOM   735 N  N7     . DG  B 1 12 ? 1.433   16.535  8.979   1.00 17.22 ? 24  DG  B N7     1 
ATOM   736 C  C5     . DG  B 1 12 ? 0.331   16.507  8.139   1.00 15.17 ? 24  DG  B C5     1 
ATOM   737 C  C6     . DG  B 1 12 ? -0.971  16.017  8.364   1.00 14.93 ? 24  DG  B C6     1 
ATOM   738 O  O6     . DG  B 1 12 ? -1.421  15.499  9.400   1.00 16.97 ? 24  DG  B O6     1 
ATOM   739 N  N1     . DG  B 1 12 ? -1.780  16.188  7.243   1.00 14.94 ? 24  DG  B N1     1 
ATOM   740 C  C2     . DG  B 1 12 ? -1.386  16.738  6.053   1.00 15.15 ? 24  DG  B C2     1 
ATOM   741 N  N2     . DG  B 1 12 ? -2.302  16.851  5.087   1.00 16.72 ? 24  DG  B N2     1 
ATOM   742 N  N3     . DG  B 1 12 ? -0.162  17.201  5.827   1.00 15.35 ? 24  DG  B N3     1 
ATOM   743 C  C4     . DG  B 1 12 ? 0.633   17.035  6.905   1.00 15.34 ? 24  DG  B C4     1 
ATOM   744 H  "H5'"  . DG  B 1 12 ? 6.560   17.138  6.763   1.00 23.32 ? 24  DG  B "H5'"  1 
ATOM   745 H  "H5''" . DG  B 1 12 ? 6.817   18.639  7.199   1.00 23.32 ? 24  DG  B "H5''" 1 
ATOM   746 H  "H4'"  . DG  B 1 12 ? 5.464   18.600  5.285   1.00 19.98 ? 24  DG  B "H4'"  1 
ATOM   747 H  "H3'"  . DG  B 1 12 ? 4.155   19.593  7.577   1.00 21.45 ? 24  DG  B "H3'"  1 
ATOM   748 H  "HO3'" . DG  B 1 12 ? 5.237   21.329  6.825   1.00 22.82 ? 24  DG  B "HO3'" 1 
ATOM   749 H  "H2'"  . DG  B 1 12 ? 2.237   19.909  6.391   1.00 25.13 ? 24  DG  B "H2'"  1 
ATOM   750 H  "H2''" . DG  B 1 12 ? 3.005   19.812  4.990   1.00 25.13 ? 24  DG  B "H2''" 1 
ATOM   751 H  "H1'"  . DG  B 1 12 ? 2.370   17.713  5.055   1.00 21.76 ? 24  DG  B "H1'"  1 
ATOM   752 H  H8     . DG  B 1 12 ? 3.234   17.205  8.543   1.00 22.23 ? 24  DG  B H8     1 
ATOM   753 H  H1     . DG  B 1 12 ? -2.599  15.935  7.306   1.00 17.93 ? 24  DG  B H1     1 
ATOM   754 H  H21    . DG  B 1 12 ? -2.093  17.218  4.337   1.00 20.06 ? 24  DG  B H21    1 
ATOM   755 H  H22    . DG  B 1 12 ? -3.101  16.558  5.215   1.00 20.06 ? 24  DG  B H22    1 
HETATM 756 MG MG     . MG  C 2 .  ? -6.194  9.318   7.772   1.00 17.20 ? 101 MG  A MG     1 
HETATM 757 O  O      . HOH D 3 .  ? 8.257   -3.001  2.226   1.00 20.81 ? 201 HOH A O      1 
HETATM 758 O  O      . HOH D 3 .  ? -3.070  -5.040  1.694   1.00 17.78 ? 202 HOH A O      1 
HETATM 759 O  O      . HOH D 3 .  ? -4.323  -9.886  -5.201  1.00 22.23 ? 203 HOH A O      1 
HETATM 760 O  O      . HOH D 3 .  ? -0.235  -2.752  4.525   1.00 19.81 ? 204 HOH A O      1 
HETATM 761 O  O      . HOH D 3 .  ? -5.461  -17.670 -6.897  1.00 33.86 ? 205 HOH A O      1 
HETATM 762 O  O      . HOH D 3 .  ? 4.652   -9.338  -0.245  1.00 21.36 ? 206 HOH A O      1 
HETATM 763 O  O      . HOH D 3 .  ? 4.910   2.728   -2.696  1.00 33.37 ? 207 HOH A O      1 
HETATM 764 O  O      . HOH D 3 .  ? 5.254   5.015   4.941   1.00 30.25 ? 208 HOH A O      1 
HETATM 765 O  O      . HOH D 3 .  ? -9.094  7.882   5.033   1.00 25.30 ? 209 HOH A O      1 
HETATM 766 O  O      . HOH D 3 .  ? -9.040  10.685  4.688   1.00 20.89 ? 210 HOH A O      1 
HETATM 767 O  O      . HOH D 3 .  ? -6.567  10.430  5.963   1.00 19.01 ? 211 HOH A O      1 
HETATM 768 O  O      . HOH D 3 .  ? -4.408  -6.611  -2.220  1.00 17.05 ? 212 HOH A O      1 
HETATM 769 O  O      . HOH D 3 .  ? -5.934  -7.672  -4.393  1.00 26.35 ? 213 HOH A O      1 
HETATM 770 O  O      . HOH D 3 .  ? 13.615  5.915   2.600   1.00 42.68 ? 214 HOH A O      1 
HETATM 771 O  O      . HOH D 3 .  ? 4.675   -0.722  -3.662  1.00 30.40 ? 215 HOH A O      1 
HETATM 772 O  O      . HOH D 3 .  ? -5.297  -6.101  0.455   1.00 20.67 ? 216 HOH A O      1 
HETATM 773 O  O      . HOH D 3 .  ? 8.189   -5.749  2.214   1.00 23.87 ? 217 HOH A O      1 
HETATM 774 O  O      . HOH D 3 .  ? -4.367  11.431  10.868  1.00 24.63 ? 218 HOH A O      1 
HETATM 775 O  O      . HOH D 3 .  ? 8.700   1.587   -0.447  1.00 23.34 ? 219 HOH A O      1 
HETATM 776 O  O      . HOH D 3 .  ? 5.600   -4.434  -2.753  1.00 25.37 ? 220 HOH A O      1 
HETATM 777 O  O      . HOH D 3 .  ? 5.094   9.618   2.354   1.00 28.34 ? 221 HOH A O      1 
HETATM 778 O  O      . HOH D 3 .  ? -7.425  11.241  11.434  1.00 24.31 ? 222 HOH A O      1 
HETATM 779 O  O      . HOH D 3 .  ? 1.112   -13.032 0.781   1.00 30.24 ? 223 HOH A O      1 
HETATM 780 O  O      . HOH D 3 .  ? -2.095  -16.342 -2.185  1.00 29.03 ? 224 HOH A O      1 
HETATM 781 O  O      . HOH D 3 .  ? 4.603   -9.033  2.713   1.00 30.74 ? 225 HOH A O      1 
HETATM 782 O  O      . HOH D 3 .  ? -6.264  8.622   3.675   1.00 27.38 ? 226 HOH A O      1 
HETATM 783 O  O      . HOH D 3 .  ? -8.551  10.024  0.051   1.00 43.28 ? 227 HOH A O      1 
HETATM 784 O  O      . HOH D 3 .  ? -8.422  11.712  2.298   1.00 24.85 ? 228 HOH A O      1 
HETATM 785 O  O      . HOH D 3 .  ? 8.732   0.878   8.499   1.00 28.67 ? 229 HOH A O      1 
HETATM 786 O  O      . HOH D 3 .  ? -11.288 18.179  1.547   1.00 35.58 ? 230 HOH A O      1 
HETATM 787 O  O      . HOH D 3 .  ? 9.511   -3.356  -0.142  1.00 26.45 ? 231 HOH A O      1 
HETATM 788 O  O      . HOH D 3 .  ? 14.547  8.508   3.572   1.00 36.97 ? 232 HOH A O      1 
HETATM 789 O  O      . HOH D 3 .  ? 6.547   -7.362  3.804   1.00 31.49 ? 233 HOH A O      1 
HETATM 790 O  O      . HOH D 3 .  ? 11.266  4.975   -1.774  1.00 37.31 ? 234 HOH A O      1 
HETATM 791 O  O      . HOH D 3 .  ? 14.677  5.639   -0.253  1.00 35.41 ? 235 HOH A O      1 
HETATM 792 O  O      . HOH D 3 .  ? -3.953  -5.661  6.310   1.00 33.57 ? 236 HOH A O      1 
HETATM 793 O  O      . HOH D 3 .  ? 3.896   -4.446  9.732   1.00 33.78 ? 237 HOH A O      1 
HETATM 794 O  O      . HOH D 3 .  ? 8.512   -7.016  -0.181  1.00 34.02 ? 238 HOH A O      1 
HETATM 795 O  O      . HOH D 3 .  ? 3.432   -11.865 -0.595  1.00 27.99 ? 239 HOH A O      1 
HETATM 796 O  O      . HOH D 3 .  ? -2.518  -18.133 -4.550  1.00 44.34 ? 240 HOH A O      1 
HETATM 797 O  O      . HOH D 3 .  ? -7.573  -7.238  1.398   1.00 31.72 ? 241 HOH A O      1 
HETATM 798 O  O      . HOH D 3 .  ? -7.195  16.647  -3.532  1.00 38.93 ? 242 HOH A O      1 
HETATM 799 O  O      . HOH D 3 .  ? -11.892 6.613   5.561   1.00 36.19 ? 243 HOH A O      1 
HETATM 800 O  O      . HOH D 3 .  ? 10.795  6.756   4.567   1.00 27.17 ? 244 HOH A O      1 
HETATM 801 O  O      . HOH D 3 .  ? 1.526   5.236   -2.970  1.00 34.94 ? 245 HOH A O      1 
HETATM 802 O  O      . HOH D 3 .  ? -7.783  -9.669  -12.938 1.00 40.89 ? 246 HOH A O      1 
HETATM 803 O  O      . HOH D 3 .  ? 0.576   15.783  -5.486  1.00 51.30 ? 247 HOH A O      1 
HETATM 804 O  O      . HOH D 3 .  ? 6.091   2.119   8.789   1.00 45.50 ? 248 HOH A O      1 
HETATM 805 O  O      . HOH D 3 .  ? -8.555  -8.177  -3.560  1.00 36.79 ? 249 HOH A O      1 
HETATM 806 O  O      . HOH D 3 .  ? -9.526  16.542  -1.637  1.00 48.73 ? 250 HOH A O      1 
HETATM 807 O  O      . HOH D 3 .  ? -9.020  -9.915  3.958   1.00 43.60 ? 251 HOH A O      1 
HETATM 808 O  O      . HOH D 3 .  ? -0.013  -12.043 2.617   1.00 38.23 ? 252 HOH A O      1 
HETATM 809 O  O      . HOH D 3 .  ? -12.282 12.945  1.615   1.00 49.18 ? 253 HOH A O      1 
HETATM 810 O  O      . HOH D 3 .  ? -2.855  -15.519 0.751   1.00 52.91 ? 254 HOH A O      1 
HETATM 811 O  O      . HOH D 3 .  ? -3.261  -13.656 2.086   1.00 54.47 ? 255 HOH A O      1 
HETATM 812 O  O      . HOH D 3 .  ? -0.682  9.295   -4.251  1.00 43.12 ? 256 HOH A O      1 
HETATM 813 O  O      . HOH D 3 .  ? 7.950   -3.819  -2.553  1.00 35.45 ? 257 HOH A O      1 
HETATM 814 O  O      . HOH D 3 .  ? -1.334  7.274   -4.657  1.00 39.83 ? 258 HOH A O      1 
HETATM 815 O  O      . HOH D 3 .  ? -8.983  -7.316  -1.443  1.00 39.91 ? 259 HOH A O      1 
HETATM 816 O  O      . HOH D 3 .  ? -11.374 4.446   6.437   1.00 55.59 ? 260 HOH A O      1 
HETATM 817 O  O      . HOH D 3 .  ? 13.713  7.594   0.148   1.00 40.29 ? 261 HOH A O      1 
HETATM 818 O  O      . HOH D 3 .  ? -11.907 16.907  -3.011  1.00 58.80 ? 262 HOH A O      1 
HETATM 819 O  O      . HOH D 3 .  ? -4.657  10.554  8.270   1.00 16.59 ? 263 HOH A O      1 
HETATM 820 O  O      . HOH D 3 .  ? -13.794 14.984  4.437   1.00 39.78 ? 264 HOH A O      1 
HETATM 821 O  O      . HOH D 3 .  ? -9.657  -11.033 -2.955  1.00 39.19 ? 265 HOH A O      1 
HETATM 822 O  O      . HOH D 3 .  ? -12.782 5.798   3.255   1.00 41.96 ? 266 HOH A O      1 
HETATM 823 O  O      . HOH D 3 .  ? -3.746  10.432  -2.861  1.00 38.60 ? 267 HOH A O      1 
HETATM 824 O  O      . HOH D 3 .  ? 2.282   2.626   -3.584  1.00 30.26 ? 268 HOH A O      1 
HETATM 825 O  O      . HOH D 3 .  ? 7.021   11.266  0.637   1.00 32.57 ? 269 HOH A O      1 
HETATM 826 O  O      . HOH D 3 .  ? 8.102   2.331   -2.962  1.00 48.84 ? 270 HOH A O      1 
HETATM 827 O  O      . HOH D 3 .  ? -2.686  -7.335  7.422   1.00 51.26 ? 271 HOH A O      1 
HETATM 828 O  O      . HOH D 3 .  ? -0.997  5.132   -2.647  1.00 39.17 ? 272 HOH A O      1 
HETATM 829 O  O      . HOH D 3 .  ? -10.296 -11.439 1.332   1.00 51.07 ? 273 HOH A O      1 
HETATM 830 O  O      . HOH D 3 .  ? -2.707  6.745   -0.995  1.00 34.56 ? 274 HOH A O      1 
HETATM 831 O  O      . HOH D 3 .  ? -1.920  10.873  -5.324  1.00 51.54 ? 275 HOH A O      1 
HETATM 832 O  O      . HOH D 3 .  ? 1.128   7.274   -5.421  1.00 56.05 ? 276 HOH A O      1 
HETATM 833 O  O      . HOH D 3 .  ? -7.758  7.915   0.892   1.00 58.21 ? 277 HOH A O      1 
HETATM 834 O  O      . HOH D 3 .  ? 6.314   -7.665  9.081   1.00 39.56 ? 278 HOH A O      1 
HETATM 835 O  O      . HOH D 3 .  ? 3.662   -10.921 3.739   1.00 60.19 ? 279 HOH A O      1 
HETATM 836 O  O      . HOH D 3 .  ? 0.428   11.095  -7.562  1.00 55.55 ? 280 HOH A O      1 
HETATM 837 O  O      . HOH D 3 .  ? 1.076   -13.200 5.976   1.00 43.49 ? 281 HOH A O      1 
HETATM 838 O  O      . HOH D 3 .  ? -2.350  -4.560  4.344   1.00 25.34 ? 282 HOH A O      1 
HETATM 839 O  O      . HOH D 3 .  ? -3.721  12.311  -6.992  1.00 49.35 ? 283 HOH A O      1 
HETATM 840 O  O      . HOH D 3 .  ? 6.449   13.893  -0.664  1.00 40.06 ? 284 HOH A O      1 
HETATM 841 O  O      . HOH D 3 .  ? 15.212  7.155   -1.894  1.00 47.31 ? 285 HOH A O      1 
HETATM 842 O  O      . HOH D 3 .  ? 13.550  4.839   -2.338  1.00 55.34 ? 286 HOH A O      1 
HETATM 843 O  O      . HOH D 3 .  ? 7.249   -0.987  -3.827  1.00 36.71 ? 287 HOH A O      1 
HETATM 844 O  O      . HOH D 3 .  ? -11.618 -13.849 -9.405  1.00 59.03 ? 288 HOH A O      1 
HETATM 845 O  O      . HOH D 3 .  ? -15.569 13.146  4.878   1.00 60.86 ? 289 HOH A O      1 
HETATM 846 O  O      . HOH D 3 .  ? -10.595 -7.718  3.569   1.00 39.89 ? 290 HOH A O      1 
HETATM 847 O  O      . HOH D 3 .  ? -2.019  16.376  -5.577  1.00 57.09 ? 291 HOH A O      1 
HETATM 848 O  O      . HOH D 3 .  ? -6.311  -6.657  4.613   1.00 37.37 ? 292 HOH A O      1 
HETATM 849 O  O      . HOH D 3 .  ? -10.273 -13.322 -0.559  1.00 38.52 ? 293 HOH A O      1 
HETATM 850 O  O      . HOH D 3 .  ? -12.587 19.329  -1.995  1.00 46.87 ? 294 HOH A O      1 
HETATM 851 O  O      . HOH D 3 .  ? 5.713   2.515   -6.670  1.00 46.30 ? 295 HOH A O      1 
HETATM 852 O  O      . HOH D 3 .  ? -7.127  -8.389  3.028   1.00 48.62 ? 296 HOH A O      1 
HETATM 853 O  O      . HOH D 3 .  ? -7.440  -8.739  -5.318  1.00 51.08 ? 297 HOH A O      1 
HETATM 854 O  O      . HOH D 3 .  ? 4.274   1.475   -5.230  1.00 42.61 ? 298 HOH A O      1 
HETATM 855 O  O      . HOH D 3 .  ? 8.313   -0.108  -6.544  1.00 48.12 ? 299 HOH A O      1 
HETATM 856 O  O      . HOH D 3 .  ? 10.971  8.598   1.003   1.00 37.57 ? 300 HOH A O      1 
HETATM 857 O  O      . HOH D 3 .  ? -4.669  8.519   -4.799  1.00 56.02 ? 301 HOH A O      1 
HETATM 858 O  O      . HOH D 3 .  ? 6.780   12.783  -3.483  1.00 44.76 ? 302 HOH A O      1 
HETATM 859 O  O      . HOH D 3 .  ? 2.334   -15.695 1.112   1.00 53.01 ? 303 HOH A O      1 
HETATM 860 O  O      . HOH D 3 .  ? 4.202   3.776   -5.781  1.00 46.70 ? 304 HOH A O      1 
HETATM 861 O  O      . HOH D 3 .  ? -4.511  -8.830  7.896   1.00 47.91 ? 305 HOH A O      1 
HETATM 862 O  O      . HOH D 3 .  ? 4.762   7.810   -6.270  1.00 49.20 ? 306 HOH A O      1 
HETATM 863 O  O      . HOH D 3 .  ? 10.946  7.785   -3.153  1.00 51.41 ? 307 HOH A O      1 
HETATM 864 O  O      . HOH D 3 .  ? -4.938  -16.905 -2.050  1.00 56.19 ? 308 HOH A O      1 
HETATM 865 O  O      . HOH D 3 .  ? 3.536   -13.245 4.434   1.00 47.58 ? 309 HOH A O      1 
HETATM 866 O  O      . HOH D 3 .  ? 5.836   12.703  -5.817  1.00 52.69 ? 310 HOH A O      1 
HETATM 867 O  O      . HOH E 3 .  ? 2.725   0.632   5.824   1.00 21.48 ? 101 HOH B O      1 
HETATM 868 O  O      . HOH E 3 .  ? -6.398  0.049   -4.027  1.00 35.75 ? 102 HOH B O      1 
HETATM 869 O  O      . HOH E 3 .  ? 8.192   -10.575 -14.450 1.00 22.05 ? 103 HOH B O      1 
HETATM 870 O  O      . HOH E 3 .  ? -3.273  7.147   9.789   1.00 24.82 ? 104 HOH B O      1 
HETATM 871 O  O      . HOH E 3 .  ? 2.837   16.105  11.358  1.00 22.92 ? 105 HOH B O      1 
HETATM 872 O  O      . HOH E 3 .  ? -1.317  11.011  11.971  1.00 29.27 ? 106 HOH B O      1 
HETATM 873 O  O      . HOH E 3 .  ? -2.110  0.796   -5.140  1.00 29.30 ? 107 HOH B O      1 
HETATM 874 O  O      . HOH E 3 .  ? -7.549  10.477  8.834   1.00 17.76 ? 108 HOH B O      1 
HETATM 875 O  O      . HOH E 3 .  ? -5.846  8.326   9.625   1.00 18.75 ? 109 HOH B O      1 
HETATM 876 O  O      . HOH E 3 .  ? -5.195  5.837   5.379   1.00 20.09 ? 110 HOH B O      1 
HETATM 877 O  O      . HOH E 3 .  ? -7.220  1.039   1.546   1.00 25.94 ? 111 HOH B O      1 
HETATM 878 O  O      . HOH E 3 .  ? 1.259   -1.109  -6.438  1.00 30.24 ? 112 HOH B O      1 
HETATM 879 O  O      . HOH E 3 .  ? 4.857   2.092   6.800   1.00 28.17 ? 113 HOH B O      1 
HETATM 880 O  O      . HOH E 3 .  ? 1.717   -1.923  6.526   1.00 25.38 ? 114 HOH B O      1 
HETATM 881 O  O      . HOH E 3 .  ? 2.309   13.908  13.069  1.00 32.12 ? 115 HOH B O      1 
HETATM 882 O  O      . HOH E 3 .  ? 4.181   9.483   6.550   1.00 29.30 ? 116 HOH B O      1 
HETATM 883 O  O      . HOH E 3 .  ? 0.711   0.844   -4.799  1.00 27.79 ? 117 HOH B O      1 
HETATM 884 O  O      . HOH E 3 .  ? 3.597   -2.172  -5.424  1.00 29.75 ? 118 HOH B O      1 
HETATM 885 O  O      . HOH E 3 .  ? 5.184   -7.006  -4.320  1.00 27.93 ? 119 HOH B O      1 
HETATM 886 O  O      . HOH E 3 .  ? 7.022   -5.343  -10.707 1.00 47.05 ? 120 HOH B O      1 
HETATM 887 O  O      . HOH E 3 .  ? 5.325   6.241   14.610  1.00 47.60 ? 121 HOH B O      1 
HETATM 888 O  O      . HOH E 3 .  ? 7.489   -6.759  -8.597  1.00 28.65 ? 122 HOH B O      1 
HETATM 889 O  O      . HOH E 3 .  ? -0.595  14.984  11.879  1.00 34.92 ? 123 HOH B O      1 
HETATM 890 O  O      . HOH E 3 .  ? 7.481   20.924  4.936   1.00 29.49 ? 124 HOH B O      1 
HETATM 891 O  O      . HOH E 3 .  ? -2.195  2.929   -3.067  1.00 37.62 ? 125 HOH B O      1 
HETATM 892 O  O      . HOH E 3 .  ? 10.084  -10.079 -8.066  1.00 35.14 ? 126 HOH B O      1 
HETATM 893 O  O      . HOH E 3 .  ? 1.943   10.206  14.589  1.00 36.56 ? 127 HOH B O      1 
HETATM 894 O  O      . HOH E 3 .  ? 6.884   -8.918  -16.230 1.00 30.03 ? 128 HOH B O      1 
HETATM 895 O  O      . HOH E 3 .  ? -7.998  1.219   4.498   1.00 34.18 ? 129 HOH B O      1 
HETATM 896 O  O      . HOH E 3 .  ? 1.530   -3.098  8.909   1.00 41.61 ? 130 HOH B O      1 
HETATM 897 O  O      . HOH E 3 .  ? 5.306   -6.157  -6.760  1.00 40.55 ? 131 HOH B O      1 
HETATM 898 O  O      . HOH E 3 .  ? 2.029   -4.631  -15.604 1.00 34.92 ? 132 HOH B O      1 
HETATM 899 O  O      . HOH E 3 .  ? 3.424   -3.093  -9.123  1.00 38.99 ? 133 HOH B O      1 
HETATM 900 O  O      . HOH E 3 .  ? 0.242   6.934   12.447  1.00 38.34 ? 134 HOH B O      1 
HETATM 901 O  O      . HOH E 3 .  ? -0.489  -3.684  7.207   1.00 64.37 ? 135 HOH B O      1 
HETATM 902 O  O      . HOH E 3 .  ? 3.463   8.015   15.751  1.00 36.06 ? 136 HOH B O      1 
HETATM 903 O  O      . HOH E 3 .  ? 2.527   -15.605 -3.784  1.00 56.62 ? 137 HOH B O      1 
HETATM 904 O  O      . HOH E 3 .  ? 6.047   18.158  12.677  1.00 34.93 ? 138 HOH B O      1 
HETATM 905 O  O      . HOH E 3 .  ? 4.587   -4.791  -5.621  1.00 38.39 ? 139 HOH B O      1 
HETATM 906 O  O      . HOH E 3 .  ? 8.486   -12.002 -6.273  1.00 40.21 ? 140 HOH B O      1 
HETATM 907 O  O      . HOH E 3 .  ? 4.495   -8.106  -15.230 1.00 48.04 ? 141 HOH B O      1 
HETATM 908 O  O      . HOH E 3 .  ? 4.387   6.411   7.056   1.00 34.62 ? 142 HOH B O      1 
HETATM 909 O  O      . HOH E 3 .  ? -2.977  0.213   -7.604  1.00 44.43 ? 143 HOH B O      1 
HETATM 910 O  O      . HOH E 3 .  ? 10.982  -9.297  -12.310 1.00 43.93 ? 144 HOH B O      1 
HETATM 911 O  O      . HOH E 3 .  ? -9.215  -0.730  -4.542  1.00 41.91 ? 145 HOH B O      1 
HETATM 912 O  O      . HOH E 3 .  ? 6.089   -3.168  -7.129  1.00 44.01 ? 146 HOH B O      1 
HETATM 913 O  O      . HOH E 3 .  ? -8.638  -4.748  7.971   1.00 42.11 ? 147 HOH B O      1 
HETATM 914 O  O      . HOH E 3 .  ? -10.261 -2.310  3.816   1.00 39.50 ? 148 HOH B O      1 
HETATM 915 O  O      . HOH E 3 .  ? 3.202   -1.738  -13.285 1.00 54.94 ? 149 HOH B O      1 
HETATM 916 O  O      . HOH E 3 .  ? -4.792  8.152   6.833   1.00 18.67 ? 150 HOH B O      1 
HETATM 917 O  O      . HOH E 3 .  ? -3.618  5.903   1.002   1.00 29.43 ? 151 HOH B O      1 
HETATM 918 O  O      . HOH E 3 .  ? -7.724  7.963   7.209   1.00 18.61 ? 152 HOH B O      1 
HETATM 919 O  O      . HOH E 3 .  ? 4.941   -15.713 -2.168  1.00 46.57 ? 153 HOH B O      1 
HETATM 920 O  O      . HOH E 3 .  ? -3.910  0.769   -11.991 1.00 40.45 ? 154 HOH B O      1 
HETATM 921 O  O      . HOH E 3 .  ? -7.097  2.284   -5.694  1.00 59.34 ? 155 HOH B O      1 
HETATM 922 O  O      . HOH E 3 .  ? 0.303   0.209   -10.699 1.00 54.31 ? 156 HOH B O      1 
HETATM 923 O  O      . HOH E 3 .  ? -9.350  2.755   -3.938  1.00 52.15 ? 157 HOH B O      1 
HETATM 924 O  O      . HOH E 3 .  ? 6.752   -11.488 -3.328  1.00 37.14 ? 158 HOH B O      1 
HETATM 925 O  O      . HOH E 3 .  ? -0.141  8.927   13.488  1.00 41.60 ? 159 HOH B O      1 
HETATM 926 O  O      . HOH E 3 .  ? -7.026  -0.479  -9.861  1.00 48.89 ? 160 HOH B O      1 
HETATM 927 O  O      . HOH E 3 .  ? -6.942  1.795   -11.810 1.00 52.65 ? 161 HOH B O      1 
HETATM 928 O  O      . HOH E 3 .  ? 3.624   7.356   13.650  1.00 53.23 ? 162 HOH B O      1 
HETATM 929 O  O      . HOH E 3 .  ? -0.026  -3.712  -15.466 1.00 39.80 ? 163 HOH B O      1 
HETATM 930 O  O      . HOH E 3 .  ? 6.820   9.142   14.150  1.00 56.89 ? 164 HOH B O      1 
HETATM 931 O  O      . HOH E 3 .  ? -8.848  -1.065  7.649   1.00 55.32 ? 165 HOH B O      1 
HETATM 932 O  O      . HOH E 3 .  ? -7.395  3.303   0.664   1.00 45.42 ? 166 HOH B O      1 
HETATM 933 O  O      . HOH E 3 .  ? 8.308   11.879  13.440  1.00 41.52 ? 167 HOH B O      1 
HETATM 934 O  O      . HOH E 3 .  ? 8.341   6.719   12.862  1.00 46.70 ? 168 HOH B O      1 
HETATM 935 O  O      . HOH E 3 .  ? 10.030  11.514  11.536  1.00 42.19 ? 169 HOH B O      1 
HETATM 936 O  O      . HOH E 3 .  ? 1.973   -0.657  -9.300  1.00 47.05 ? 170 HOH B O      1 
HETATM 937 O  O      . HOH E 3 .  ? 2.151   0.807   -3.298  1.00 47.74 ? 171 HOH B O      1 
HETATM 938 O  O      . HOH E 3 .  ? 11.364  -17.381 -6.741  1.00 50.20 ? 172 HOH B O      1 
HETATM 939 O  O      . HOH E 3 .  ? -8.652  -5.038  5.637   1.00 39.77 ? 173 HOH B O      1 
HETATM 940 O  O      . HOH E 3 .  ? 5.349   -13.865 -3.566  1.00 31.87 ? 174 HOH B O      1 
HETATM 941 O  O      . HOH E 3 .  ? 9.667   19.343  6.013   1.00 42.22 ? 175 HOH B O      1 
HETATM 942 O  O      . HOH E 3 .  ? 6.558   -15.514 -3.453  1.00 37.69 ? 176 HOH B O      1 
HETATM 943 O  O      . HOH E 3 .  ? -8.205  -0.661  -12.673 1.00 42.24 ? 177 HOH B O      1 
HETATM 944 O  O      . HOH E 3 .  ? -5.571  -1.506  10.473  1.00 53.17 ? 178 HOH B O      1 
HETATM 945 O  O      . HOH E 3 .  ? -8.493  -2.312  -9.109  1.00 54.81 ? 179 HOH B O      1 
HETATM 946 O  O      . HOH E 3 .  ? -3.956  2.694   -8.695  1.00 51.96 ? 180 HOH B O      1 
HETATM 947 O  O      . HOH E 3 .  ? 10.679  5.892   12.503  1.00 47.54 ? 181 HOH B O      1 
HETATM 948 O  O      . HOH E 3 .  ? -3.454  4.597   -6.336  1.00 54.76 ? 182 HOH B O      1 
HETATM 949 O  O      . HOH E 3 .  ? -8.483  1.197   8.882   1.00 46.05 ? 183 HOH B O      1 
# 
loop_
_atom_site_anisotrop.id 
_atom_site_anisotrop.type_symbol 
_atom_site_anisotrop.pdbx_label_atom_id 
_atom_site_anisotrop.pdbx_label_alt_id 
_atom_site_anisotrop.pdbx_label_comp_id 
_atom_site_anisotrop.pdbx_label_asym_id 
_atom_site_anisotrop.pdbx_label_seq_id 
_atom_site_anisotrop.pdbx_PDB_ins_code 
_atom_site_anisotrop.U[1][1] 
_atom_site_anisotrop.U[2][2] 
_atom_site_anisotrop.U[3][3] 
_atom_site_anisotrop.U[1][2] 
_atom_site_anisotrop.U[1][3] 
_atom_site_anisotrop.U[2][3] 
_atom_site_anisotrop.pdbx_auth_seq_id 
_atom_site_anisotrop.pdbx_auth_comp_id 
_atom_site_anisotrop.pdbx_auth_asym_id 
_atom_site_anisotrop.pdbx_auth_atom_id 
1   O  "O5'" . DC  A 1  ? 0.3545 0.3570 0.3156 0.0429  0.0241  0.0049  1   DC  A "O5'" 
2   C  "C5'" . DC  A 1  ? 0.2909 0.2826 0.2473 0.0366  0.0239  0.0091  1   DC  A "C5'" 
3   C  "C4'" . DC  A 1  ? 0.2924 0.2854 0.2439 0.0437  0.0237  0.0129  1   DC  A "C4'" 
4   O  "O4'" . DC  A 1  ? 0.2521 0.2336 0.2007 0.0378  0.0247  0.0173  1   DC  A "O4'" 
5   C  "C3'" . DC  A 1  ? 0.2959 0.2995 0.2511 0.0490  0.0181  0.0086  1   DC  A "C3'" 
6   O  "O3'" . DC  A 1  ? 0.3303 0.3364 0.2784 0.0603  0.0201  0.0113  1   DC  A "O3'" 
7   C  "C2'" . DC  A 1  ? 0.2677 0.2646 0.2248 0.0414  0.0159  0.0097  1   DC  A "C2'" 
8   C  "C1'" . DC  A 1  ? 0.2259 0.2100 0.1775 0.0385  0.0207  0.0162  1   DC  A "C1'" 
9   N  N1    . DC  A 1  ? 0.2188 0.1925 0.1716 0.0292  0.0188  0.0174  1   DC  A N1    
10  C  C2    . DC  A 1  ? 0.2409 0.2073 0.1935 0.0288  0.0206  0.0212  1   DC  A C2    
11  O  O2    . DC  A 1  ? 0.2673 0.2351 0.2185 0.0357  0.0251  0.0238  1   DC  A O2    
12  N  N3    . DC  A 1  ? 0.2340 0.1913 0.1884 0.0213  0.0173  0.0214  1   DC  A N3    
13  C  C4    . DC  A 1  ? 0.2315 0.1847 0.1842 0.0151  0.0134  0.0187  1   DC  A C4    
14  N  N4    . DC  A 1  ? 0.2573 0.2001 0.2092 0.0093  0.0094  0.0187  1   DC  A N4    
15  C  C5    . DC  A 1  ? 0.2673 0.2258 0.2194 0.0151  0.0135  0.0153  1   DC  A C5    
16  C  C6    . DC  A 1  ? 0.2367 0.2064 0.1906 0.0219  0.0160  0.0145  1   DC  A C6    
29  P  P     . DG  A 2  ? 0.3483 0.3642 0.2958 0.0699  0.0149  0.0072  2   DG  A P     
30  O  OP1   . DG  A 2  ? 0.3876 0.4066 0.3262 0.0832  0.0168  0.0079  2   DG  A OP1   
31  O  OP2   . DG  A 2  ? 0.3405 0.3661 0.2988 0.0649  0.0084  -0.0005 2   DG  A OP2   
32  O  "O5'" . DG  A 2  ? 0.3094 0.3166 0.2533 0.0691  0.0169  0.0118  2   DG  A "O5'" 
33  C  "C5'" . DG  A 2  ? 0.3193 0.3158 0.2554 0.0731  0.0246  0.0184  2   DG  A "C5'" 
34  C  "C4'" . DG  A 2  ? 0.2660 0.2557 0.2027 0.0725  0.0262  0.0209  2   DG  A "C4'" 
35  O  "O4'" . DG  A 2  ? 0.2860 0.2706 0.2316 0.0601  0.0249  0.0217  2   DG  A "O4'" 
36  C  "C3'" . DG  A 2  ? 0.2701 0.2666 0.2070 0.0768  0.0205  0.0171  2   DG  A "C3'" 
37  O  "O3'" . DG  A 2  ? 0.3465 0.3339 0.2757 0.0849  0.0265  0.0210  2   DG  A "O3'" 
38  C  "C2'" . DG  A 2  ? 0.2869 0.2852 0.2350 0.0647  0.0152  0.0146  2   DG  A "C2'" 
39  C  "C1'" . DG  A 2  ? 0.2551 0.2425 0.2063 0.0568  0.0196  0.0192  2   DG  A "C1'" 
40  N  N9    . DG  A 2  ? 0.2256 0.2120 0.1840 0.0453  0.0152  0.0174  2   DG  A N9    
41  C  C8    . DG  A 2  ? 0.2532 0.2451 0.2140 0.0405  0.0109  0.0130  2   DG  A C8    
42  N  N7    . DG  A 2  ? 0.2178 0.2030 0.1813 0.0313  0.0090  0.0130  2   DG  A N7    
43  C  C5    . DG  A 2  ? 0.2053 0.1820 0.1699 0.0301  0.0108  0.0170  2   DG  A C5    
44  C  C6    . DG  A 2  ? 0.2054 0.1727 0.1728 0.0227  0.0085  0.0179  2   DG  A C6    
45  O  O6    . DG  A 2  ? 0.2162 0.1788 0.1825 0.0163  0.0046  0.0161  2   DG  A O6    
46  N  N1    . DG  A 2  ? 0.2069 0.1690 0.1787 0.0238  0.0113  0.0208  2   DG  A N1    
47  C  C2    . DG  A 2  ? 0.2099 0.1732 0.1814 0.0314  0.0176  0.0232  2   DG  A C2    
48  N  N2    . DG  A 2  ? 0.2144 0.1708 0.1926 0.0313  0.0217  0.0251  2   DG  A N2    
49  N  N3    . DG  A 2  ? 0.2113 0.1812 0.1766 0.0393  0.0200  0.0231  2   DG  A N3    
50  C  C4    . DG  A 2  ? 0.2177 0.1951 0.1804 0.0380  0.0156  0.0197  2   DG  A C4    
62  N  N1    . 5CM A 3  ? 0.2405 0.2200 0.2078 0.0484  0.0160  0.0203  3   5CM A N1    
63  C  C2    . 5CM A 3  ? 0.2118 0.1880 0.1874 0.0377  0.0118  0.0198  3   5CM A C2    
64  N  N3    . 5CM A 3  ? 0.2049 0.1862 0.1807 0.0321  0.0061  0.0162  3   5CM A N3    
65  C  C4    . 5CM A 3  ? 0.2141 0.2043 0.1863 0.0352  0.0043  0.0126  3   5CM A C4    
66  C  C5    . 5CM A 3  ? 0.2535 0.2498 0.2203 0.0455  0.0062  0.0120  3   5CM A C5    
67  C  C5A   . 5CM A 3  ? 0.3102 0.3169 0.2759 0.0489  0.0027  0.0069  3   5CM A C5A   
68  C  C6    . 5CM A 3  ? 0.2528 0.2418 0.2154 0.0522  0.0122  0.0167  3   5CM A C6    
69  O  O2    . 5CM A 3  ? 0.2201 0.1885 0.2020 0.0351  0.0143  0.0220  3   5CM A O2    
70  N  N4    . 5CM A 3  ? 0.2153 0.2082 0.1890 0.0293  0.0009  0.0089  3   5CM A N4    
71  C  "C1'" . 5CM A 3  ? 0.2643 0.2345 0.2287 0.0557  0.0249  0.0246  3   5CM A "C1'" 
72  C  "C2'" . 5CM A 3  ? 0.2848 0.2542 0.2463 0.0616  0.0257  0.0247  3   5CM A "C2'" 
73  C  "C3'" . 5CM A 3  ? 0.3607 0.3208 0.3111 0.0732  0.0360  0.0284  3   5CM A "C3'" 
74  C  "C4'" . 5CM A 3  ? 0.2581 0.2201 0.2045 0.0736  0.0373  0.0287  3   5CM A "C4'" 
75  O  "O4'" . 5CM A 3  ? 0.2613 0.2318 0.2155 0.0634  0.0289  0.0256  3   5CM A "O4'" 
76  O  "O3'" . 5CM A 3  ? 0.3226 0.2715 0.2693 0.0797  0.0444  0.0314  3   5CM A "O3'" 
77  C  "C5'" . 5CM A 3  ? 0.3243 0.2893 0.2552 0.0859  0.0383  0.0282  3   5CM A "C5'" 
78  O  "O5'" . 5CM A 3  ? 0.3548 0.3329 0.2846 0.0869  0.0284  0.0230  3   5CM A "O5'" 
79  P  P     . 5CM A 3  ? 0.3401 0.3291 0.2640 0.0928  0.0235  0.0189  3   5CM A P     
80  O  OP1   . 5CM A 3  ? 0.4410 0.4232 0.3487 0.1076  0.0295  0.0215  3   5CM A OP1   
81  O  OP2   . 5CM A 3  ? 0.4671 0.4695 0.3997 0.0871  0.0136  0.0122  3   5CM A OP2   
91  P  P     . DG  A 4  ? 0.4213 0.3670 0.3677 0.0822  0.0442  0.0314  4   DG  A P     
92  O  OP1   . DG  A 4  ? 0.5761 0.5047 0.5147 0.0917  0.0573  0.0356  4   DG  A OP1   
93  O  OP2   . DG  A 4  ? 0.4214 0.3791 0.3607 0.0848  0.0345  0.0272  4   DG  A OP2   
94  O  "O5'" . DG  A 4  ? 0.3066 0.2536 0.2721 0.0690  0.0405  0.0307  4   DG  A "O5'" 
95  C  "C5'" . DG  A 4  ? 0.3527 0.2908 0.3310 0.0642  0.0470  0.0326  4   DG  A "C5'" 
96  C  "C4'" . DG  A 4  ? 0.3614 0.3037 0.3562 0.0530  0.0395  0.0306  4   DG  A "C4'" 
97  O  "O4'" . DG  A 4  ? 0.3061 0.2596 0.3001 0.0465  0.0287  0.0275  4   DG  A "O4'" 
98  C  "C3'" . DG  A 4  ? 0.3814 0.3235 0.3782 0.0531  0.0380  0.0307  4   DG  A "C3'" 
99  O  "O3'" . DG  A 4  ? 0.4215 0.3595 0.4363 0.0458  0.0383  0.0306  4   DG  A "O3'" 
100 C  "C2'" . DG  A 4  ? 0.3693 0.3249 0.3607 0.0499  0.0270  0.0274  4   DG  A "C2'" 
101 C  "C1'" . DG  A 4  ? 0.3435 0.3036 0.3397 0.0426  0.0215  0.0255  4   DG  A "C1'" 
102 N  N9    . DG  A 4  ? 0.2630 0.2335 0.2521 0.0412  0.0143  0.0222  4   DG  A N9    
103 C  C8    . DG  A 4  ? 0.2653 0.2428 0.2435 0.0477  0.0132  0.0202  4   DG  A C8    
104 N  N7    . DG  A 4  ? 0.2849 0.2711 0.2626 0.0437  0.0073  0.0164  4   DG  A N7    
105 C  C5    . DG  A 4  ? 0.2180 0.2010 0.2035 0.0345  0.0045  0.0165  4   DG  A C5    
106 C  C6    . DG  A 4  ? 0.2254 0.2110 0.2116 0.0276  -0.0005 0.0136  4   DG  A C6    
107 O  O6    . DG  A 4  ? 0.2595 0.2518 0.2426 0.0273  -0.0027 0.0098  4   DG  A O6    
108 N  N1    . DG  A 4  ? 0.2074 0.1855 0.1991 0.0210  -0.0028 0.0148  4   DG  A N1    
109 C  C2    . DG  A 4  ? 0.2124 0.1838 0.2117 0.0205  -0.0010 0.0173  4   DG  A C2    
110 N  N2    . DG  A 4  ? 0.2328 0.1983 0.2374 0.0146  -0.0054 0.0169  4   DG  A N2    
111 N  N3    . DG  A 4  ? 0.2604 0.2295 0.2619 0.0261  0.0049  0.0199  4   DG  A N3    
112 C  C4    . DG  A 4  ? 0.2627 0.2368 0.2552 0.0331  0.0077  0.0198  4   DG  A C4    
124 P  P     . DA  A 5  ? 0.3930 0.3283 0.4156 0.0443  0.0386  0.0312  5   DA  A P     
125 O  OP1   . DA  A 5  ? 0.5086 0.4300 0.5420 0.0465  0.0505  0.0333  5   DA  A OP1   
126 O  OP2   . DA  A 5  ? 0.4328 0.3730 0.4406 0.0490  0.0359  0.0312  5   DA  A OP2   
127 O  "O5'" . DA  A 5  ? 0.3689 0.3116 0.4048 0.0336  0.0276  0.0283  5   DA  A "O5'" 
128 C  "C5'" . DA  A 5  ? 0.2961 0.2376 0.3438 0.0282  0.0249  0.0265  5   DA  A "C5'" 
129 C  "C4'" . DA  A 5  ? 0.2782 0.2267 0.3289 0.0207  0.0127  0.0236  5   DA  A "C4'" 
130 O  "O4'" . DA  A 5  ? 0.2783 0.2343 0.3136 0.0208  0.0075  0.0226  5   DA  A "O4'" 
131 C  "C3'" . DA  A 5  ? 0.3035 0.2532 0.3612 0.0177  0.0094  0.0236  5   DA  A "C3'" 
132 O  "O3'" . DA  A 5  ? 0.2498 0.1988 0.3201 0.0118  0.0017  0.0209  5   DA  A "O3'" 
133 C  "C2'" . DA  A 5  ? 0.2684 0.2261 0.3109 0.0184  0.0056  0.0232  5   DA  A "C2'" 
134 C  "C1'" . DA  A 5  ? 0.2305 0.1918 0.2630 0.0178  0.0019  0.0214  5   DA  A "C1'" 
135 N  N9    . DA  A 5  ? 0.2395 0.2078 0.2582 0.0213  0.0019  0.0205  5   DA  A N9    
136 C  C8    . DA  A 5  ? 0.2430 0.2126 0.2532 0.0288  0.0073  0.0216  5   DA  A C8    
137 N  N7    . DA  A 5  ? 0.2405 0.2181 0.2411 0.0310  0.0046  0.0189  5   DA  A N7    
138 C  C5    . DA  A 5  ? 0.1896 0.1704 0.1921 0.0238  -0.0014 0.0163  5   DA  A C5    
139 C  C6    . DA  A 5  ? 0.1876 0.1753 0.1847 0.0218  -0.0050 0.0123  5   DA  A C6    
140 N  N6    . DA  A 5  ? 0.2032 0.1989 0.1944 0.0266  -0.0047 0.0093  5   DA  A N6    
141 N  N1    . DA  A 5  ? 0.2084 0.1934 0.2070 0.0151  -0.0089 0.0109  5   DA  A N1    
142 C  C2    . DA  A 5  ? 0.2048 0.1821 0.2091 0.0113  -0.0109 0.0129  5   DA  A C2    
143 N  N3    . DA  A 5  ? 0.2117 0.1843 0.2242 0.0123  -0.0091 0.0157  5   DA  A N3    
144 C  C4    . DA  A 5  ? 0.1996 0.1739 0.2110 0.0185  -0.0034 0.0175  5   DA  A C4    
156 P  P     . DA  A 6  ? 0.2662 0.2161 0.3457 0.0078  -0.0041 0.0202  6   DA  A P     
157 O  OP1   . DA  A 6  ? 0.2753 0.2218 0.3715 0.0043  -0.0097 0.0170  6   DA  A OP1   
158 O  OP2   . DA  A 6  ? 0.2728 0.2215 0.3531 0.0104  0.0033  0.0232  6   DA  A OP2   
159 O  "O5'" . DA  A 6  ? 0.2449 0.2005 0.3089 0.0052  -0.0119 0.0189  6   DA  A "O5'" 
160 C  "C5'" . DA  A 6  ? 0.2395 0.1942 0.2974 0.0027  -0.0192 0.0164  6   DA  A "C5'" 
161 C  "C4'" . DA  A 6  ? 0.2271 0.1849 0.2715 0.0007  -0.0233 0.0154  6   DA  A "C4'" 
162 O  "O4'" . DA  A 6  ? 0.2201 0.1838 0.2535 0.0033  -0.0181 0.0159  6   DA  A "O4'" 
163 C  "C3'" . DA  A 6  ? 0.2242 0.1827 0.2728 -0.0010 -0.0249 0.0158  6   DA  A "C3'" 
164 O  "O3'" . DA  A 6  ? 0.2328 0.1869 0.2760 -0.0037 -0.0326 0.0136  6   DA  A "O3'" 
165 C  "C2'" . DA  A 6  ? 0.2047 0.1698 0.2447 0.0005  -0.0194 0.0167  6   DA  A "C2'" 
166 C  "C1'" . DA  A 6  ? 0.1942 0.1622 0.2230 0.0022  -0.0182 0.0153  6   DA  A "C1'" 
167 N  N9    . DA  A 6  ? 0.1928 0.1672 0.2159 0.0064  -0.0127 0.0156  6   DA  A N9    
168 C  C8    . DA  A 6  ? 0.1908 0.1649 0.2166 0.0112  -0.0071 0.0180  6   DA  A C8    
169 N  N7    . DA  A 6  ? 0.1873 0.1669 0.2040 0.0158  -0.0044 0.0170  6   DA  A N7    
170 C  C5    . DA  A 6  ? 0.1785 0.1639 0.1894 0.0129  -0.0083 0.0132  6   DA  A C5    
171 C  C6    . DA  A 6  ? 0.1784 0.1720 0.1822 0.0153  -0.0083 0.0093  6   DA  A C6    
172 N  N6    . DA  A 6  ? 0.1812 0.1793 0.1802 0.0221  -0.0060 0.0086  6   DA  A N6    
173 N  N1    . DA  A 6  ? 0.1770 0.1729 0.1787 0.0108  -0.0108 0.0055  6   DA  A N1    
174 C  C2    . DA  A 6  ? 0.1849 0.1735 0.1878 0.0055  -0.0133 0.0063  6   DA  A C2    
175 N  N3    . DA  A 6  ? 0.1963 0.1775 0.2043 0.0036  -0.0152 0.0096  6   DA  A N3    
176 C  C4    . DA  A 6  ? 0.1785 0.1593 0.1922 0.0072  -0.0125 0.0127  6   DA  A C4    
188 P  P     . DT  A 7  ? 0.2333 0.1863 0.2764 -0.0055 -0.0355 0.0136  7   DT  A P     
189 O  OP1   . DT  A 7  ? 0.2826 0.2272 0.3233 -0.0061 -0.0446 0.0113  7   DT  A OP1   
190 O  OP2   . DT  A 7  ? 0.2222 0.1782 0.2784 -0.0053 -0.0312 0.0160  7   DT  A OP2   
191 O  "O5'" . DT  A 7  ? 0.2224 0.1790 0.2502 -0.0063 -0.0315 0.0128  7   DT  A "O5'" 
192 C  "C5'" . DT  A 7  ? 0.2590 0.2126 0.2736 -0.0066 -0.0324 0.0106  7   DT  A "C5'" 
193 C  "C4'" . DT  A 7  ? 0.2543 0.2135 0.2605 -0.0075 -0.0268 0.0088  7   DT  A "C4'" 
194 O  "O4'" . DT  A 7  ? 0.2138 0.1828 0.2242 -0.0052 -0.0221 0.0094  7   DT  A "O4'" 
195 C  "C3'" . DT  A 7  ? 0.2526 0.2119 0.2579 -0.0093 -0.0253 0.0085  7   DT  A "C3'" 
196 O  "O3'" . DT  A 7  ? 0.3042 0.2559 0.2968 -0.0108 -0.0248 0.0058  7   DT  A "O3'" 
197 C  "C2'" . DT  A 7  ? 0.2144 0.1847 0.2236 -0.0088 -0.0193 0.0081  7   DT  A "C2'" 
198 C  "C1'" . DT  A 7  ? 0.2193 0.1945 0.2273 -0.0061 -0.0181 0.0073  7   DT  A "C1'" 
199 N  N1    . DT  A 7  ? 0.1816 0.1650 0.1939 -0.0025 -0.0146 0.0082  7   DT  A N1    
200 C  C2    . DT  A 7  ? 0.1731 0.1647 0.1812 -0.0005 -0.0122 0.0045  7   DT  A C2    
201 O  O2    . DT  A 7  ? 0.2003 0.1938 0.2041 -0.0024 -0.0116 0.0002  7   DT  A O2    
202 N  N3    . DT  A 7  ? 0.1721 0.1689 0.1812 0.0045  -0.0100 0.0054  7   DT  A N3    
203 C  C4    . DT  A 7  ? 0.1728 0.1657 0.1860 0.0074  -0.0083 0.0100  7   DT  A C4    
204 O  O4    . DT  A 7  ? 0.1822 0.1772 0.1927 0.0130  -0.0055 0.0105  7   DT  A O4    
205 C  C5    . DT  A 7  ? 0.1725 0.1573 0.1931 0.0041  -0.0098 0.0135  7   DT  A C5    
206 C  C7    . DT  A 7  ? 0.1993 0.1787 0.2281 0.0064  -0.0065 0.0178  7   DT  A C7    
207 C  C6    . DT  A 7  ? 0.1894 0.1709 0.2095 -0.0004 -0.0138 0.0122  7   DT  A C6    
220 P  P     . DT  A 8  ? 0.3138 0.2620 0.3010 -0.0127 -0.0212 0.0046  8   DT  A P     
221 O  OP1   . DT  A 8  ? 0.3780 0.3111 0.3503 -0.0124 -0.0226 0.0030  8   DT  A OP1   
222 O  OP2   . DT  A 8  ? 0.3179 0.2692 0.3146 -0.0128 -0.0223 0.0074  8   DT  A OP2   
223 O  "O5'" . DT  A 8  ? 0.2654 0.2241 0.2531 -0.0141 -0.0133 0.0008  8   DT  A "O5'" 
224 C  "C5'" . DT  A 8  ? 0.2720 0.2307 0.2544 -0.0141 -0.0107 -0.0027 8   DT  A "C5'" 
225 C  "C4'" . DT  A 8  ? 0.2931 0.2647 0.2810 -0.0149 -0.0048 -0.0073 8   DT  A "C4'" 
226 O  "O4'" . DT  A 8  ? 0.2578 0.2410 0.2543 -0.0123 -0.0069 -0.0055 8   DT  A "O4'" 
227 C  "C3'" . DT  A 8  ? 0.2854 0.2584 0.2740 -0.0175 0.0008  -0.0100 8   DT  A "C3'" 
228 O  "O3'" . DT  A 8  ? 0.3060 0.2784 0.2921 -0.0194 0.0075  -0.0164 8   DT  A "O3'" 
229 C  "C2'" . DT  A 8  ? 0.2389 0.2252 0.2370 -0.0164 0.0006  -0.0095 8   DT  A "C2'" 
230 C  "C1'" . DT  A 8  ? 0.2193 0.2123 0.2204 -0.0127 -0.0030 -0.0090 8   DT  A "C1'" 
231 N  N1    . DT  A 8  ? 0.1939 0.1929 0.2002 -0.0093 -0.0050 -0.0054 8   DT  A N1    
232 C  C2    . DT  A 8  ? 0.1723 0.1817 0.1806 -0.0055 -0.0046 -0.0085 8   DT  A C2    
233 O  O2    . DT  A 8  ? 0.1901 0.2066 0.1988 -0.0052 -0.0033 -0.0148 8   DT  A O2    
234 N  N3    . DT  A 8  ? 0.1674 0.1779 0.1773 -0.0014 -0.0054 -0.0044 8   DT  A N3    
235 C  C4    . DT  A 8  ? 0.1674 0.1704 0.1799 -0.0016 -0.0059 0.0020  8   DT  A C4    
236 O  O4    . DT  A 8  ? 0.1682 0.1704 0.1819 0.0024  -0.0047 0.0052  8   DT  A O4    
237 C  C5    . DT  A 8  ? 0.1775 0.1722 0.1910 -0.0062 -0.0073 0.0042  8   DT  A C5    
238 C  C7    . DT  A 8  ? 0.2085 0.1959 0.2282 -0.0066 -0.0088 0.0098  8   DT  A C7    
239 C  C6    . DT  A 8  ? 0.2088 0.2014 0.2176 -0.0092 -0.0072 0.0006  8   DT  A C6    
252 P  P     . DC  A 9  ? 0.3206 0.2967 0.3099 -0.0225 0.0163  -0.0225 9   DC  A P     
253 O  OP1   . DC  A 9  ? 0.3930 0.3578 0.3755 -0.0243 0.0236  -0.0272 9   DC  A OP1   
254 O  OP2   . DC  A 9  ? 0.3176 0.2916 0.3064 -0.0235 0.0164  -0.0187 9   DC  A OP2   
255 O  "O5'" . DC  A 9  ? 0.2729 0.2682 0.2748 -0.0215 0.0161  -0.0280 9   DC  A "O5'" 
256 C  "C5'" . DC  A 9  ? 0.2614 0.2627 0.2664 -0.0195 0.0143  -0.0314 9   DC  A "C5'" 
257 C  "C4'" . DC  A 9  ? 0.2520 0.2709 0.2678 -0.0174 0.0134  -0.0375 9   DC  A "C4'" 
258 O  "O4'" . DC  A 9  ? 0.2314 0.2556 0.2471 -0.0137 0.0077  -0.0321 9   DC  A "O4'" 
259 C  "C3'" . DC  A 9  ? 0.2532 0.2782 0.2765 -0.0208 0.0203  -0.0456 9   DC  A "C3'" 
260 O  "O3'" . DC  A 9  ? 0.2430 0.2810 0.2770 -0.0194 0.0206  -0.0554 9   DC  A "O3'" 
261 C  "C2'" . DC  A 9  ? 0.2046 0.2343 0.2284 -0.0199 0.0179  -0.0419 9   DC  A "C2'" 
262 C  "C1'" . DC  A 9  ? 0.2158 0.2489 0.2369 -0.0141 0.0096  -0.0362 9   DC  A "C1'" 
263 N  N1    . DC  A 9  ? 0.1962 0.2257 0.2137 -0.0122 0.0064  -0.0277 9   DC  A N1    
264 C  C2    . DC  A 9  ? 0.1764 0.2128 0.1943 -0.0065 0.0027  -0.0268 9   DC  A C2    
265 O  O2    . DC  A 9  ? 0.1924 0.2393 0.2130 -0.0028 0.0008  -0.0336 9   DC  A O2    
266 N  N3    . DC  A 9  ? 0.1675 0.1978 0.1825 -0.0048 0.0016  -0.0188 9   DC  A N3    
267 C  C4    . DC  A 9  ? 0.1649 0.1850 0.1791 -0.0085 0.0026  -0.0126 9   DC  A C4    
268 N  N4    . DC  A 9  ? 0.1695 0.1840 0.1841 -0.0069 0.0018  -0.0055 9   DC  A N4    
269 C  C5    . DC  A 9  ? 0.1830 0.1969 0.1958 -0.0134 0.0045  -0.0137 9   DC  A C5    
270 C  C6    . DC  A 9  ? 0.2054 0.2230 0.2186 -0.0149 0.0070  -0.0209 9   DC  A C6    
282 P  P     . DG  A 10 ? 0.2937 0.3390 0.3405 -0.0234 0.0291  -0.0680 10  DG  A P     
283 O  OP1   . DG  A 10 ? 0.3217 0.3752 0.3787 -0.0217 0.0287  -0.0764 10  DG  A OP1   
284 O  OP2   . DG  A 10 ? 0.3042 0.3353 0.3457 -0.0287 0.0388  -0.0667 10  DG  A OP2   
285 O  "O5'" . DG  A 10 ? 0.2622 0.3213 0.3148 -0.0214 0.0253  -0.0708 10  DG  A "O5'" 
286 C  "C5'" . DG  A 10 ? 0.2390 0.3114 0.2950 -0.0149 0.0165  -0.0732 10  DG  A "C5'" 
287 C  "C4'" . DG  A 10 ? 0.2307 0.3088 0.2857 -0.0132 0.0141  -0.0726 10  DG  A "C4'" 
288 O  "O4'" . DG  A 10 ? 0.2311 0.2975 0.2735 -0.0127 0.0124  -0.0594 10  DG  A "O4'" 
289 C  "C3'" . DG  A 10 ? 0.2735 0.3539 0.3360 -0.0191 0.0221  -0.0793 10  DG  A "C3'" 
290 O  "O3'" . DG  A 10 ? 0.2351 0.3284 0.3029 -0.0155 0.0175  -0.0859 10  DG  A "O3'" 
291 C  "C2'" . DG  A 10 ? 0.2868 0.3533 0.3381 -0.0225 0.0256  -0.0679 10  DG  A "C2'" 
292 C  "C1'" . DG  A 10 ? 0.2229 0.2883 0.2654 -0.0160 0.0165  -0.0587 10  DG  A "C1'" 
293 N  N9    . DG  A 10 ? 0.2040 0.2567 0.2370 -0.0170 0.0165  -0.0465 10  DG  A N9    
294 C  C8    . DG  A 10 ? 0.2312 0.2712 0.2597 -0.0216 0.0210  -0.0407 10  DG  A C8    
295 N  N7    . DG  A 10 ? 0.2315 0.2638 0.2545 -0.0206 0.0184  -0.0309 10  DG  A N7    
296 C  C5    . DG  A 10 ? 0.1682 0.2067 0.1912 -0.0152 0.0135  -0.0296 10  DG  A C5    
297 C  C6    . DG  A 10 ? 0.1782 0.2113 0.1975 -0.0120 0.0108  -0.0211 10  DG  A C6    
298 O  O6    . DG  A 10 ? 0.1964 0.2198 0.2143 -0.0135 0.0112  -0.0131 10  DG  A O6    
299 N  N1    . DG  A 10 ? 0.1656 0.2047 0.1829 -0.0055 0.0075  -0.0230 10  DG  A N1    
300 C  C2    . DG  A 10 ? 0.1821 0.2326 0.2014 -0.0022 0.0050  -0.0324 10  DG  A C2    
301 N  N2    . DG  A 10 ? 0.1855 0.2386 0.1994 0.0057  0.0011  -0.0330 10  DG  A N2    
302 N  N3    . DG  A 10 ? 0.1855 0.2434 0.2117 -0.0057 0.0067  -0.0413 10  DG  A N3    
303 C  C4    . DG  A 10 ? 0.1759 0.2264 0.2034 -0.0124 0.0118  -0.0390 10  DG  A C4    
315 P  P     . DC  A 11 ? 0.3105 0.4208 0.3966 -0.0152 0.0175  -0.1034 11  DC  A P     
316 O  OP1   . DC  A 11 ? 0.3338 0.4461 0.4272 -0.0145 0.0173  -0.1081 11  DC  A OP1   
317 O  OP2   . DC  A 11 ? 0.3816 0.4928 0.4762 -0.0223 0.0272  -0.1100 11  DC  A OP2   
318 O  "O5'" . DC  A 11 ? 0.3136 0.4346 0.3962 -0.0059 0.0059  -0.1058 11  DC  A "O5'" 
319 C  "C5'" . DC  A 11 ? 0.2941 0.4148 0.3675 0.0027  -0.0032 -0.1008 11  DC  A "C5'" 
320 C  "C4'" . DC  A 11 ? 0.2749 0.3917 0.3330 0.0101  -0.0093 -0.0934 11  DC  A "C4'" 
321 O  "O4'" . DC  A 11 ? 0.2274 0.3293 0.2747 0.0059  -0.0040 -0.0797 11  DC  A "O4'" 
322 C  "C3'" . DC  A 11 ? 0.2947 0.4209 0.3562 0.0128  -0.0124 -0.1029 11  DC  A "C3'" 
323 O  "O3'" . DC  A 11 ? 0.2844 0.4101 0.3323 0.0248  -0.0218 -0.1008 11  DC  A "O3'" 
324 C  "C2'" . DC  A 11 ? 0.2503 0.3673 0.3079 0.0052  -0.0040 -0.0957 11  DC  A "C2'" 
325 C  "C1'" . DC  A 11 ? 0.2082 0.3095 0.2518 0.0058  -0.0030 -0.0794 11  DC  A "C1'" 
326 N  N1    . DC  A 11 ? 0.2427 0.3320 0.2839 -0.0024 0.0053  -0.0697 11  DC  A N1    
327 C  C2    . DC  A 11 ? 0.1984 0.2751 0.2278 -0.0008 0.0057  -0.0569 11  DC  A C2    
328 O  O2    . DC  A 11 ? 0.2163 0.2907 0.2365 0.0074  0.0004  -0.0538 11  DC  A O2    
329 N  N3    . DC  A 11 ? 0.2135 0.2802 0.2422 -0.0077 0.0120  -0.0488 11  DC  A N3    
330 C  C4    . DC  A 11 ? 0.2003 0.2671 0.2360 -0.0150 0.0182  -0.0523 11  DC  A C4    
331 N  N4    . DC  A 11 ? 0.2178 0.2735 0.2505 -0.0201 0.0234  -0.0441 11  DC  A N4    
332 C  C5    . DC  A 11 ? 0.2280 0.3052 0.2742 -0.0169 0.0197  -0.0648 11  DC  A C5    
333 C  C6    . DC  A 11 ? 0.2531 0.3421 0.3033 -0.0109 0.0130  -0.0733 11  DC  A C6    
345 P  P     . DG  A 12 ? 0.4264 0.5637 0.4753 0.0330  -0.0304 -0.1137 12  DG  A P     
346 O  OP1   . DG  A 12 ? 0.4770 0.6149 0.5146 0.0466  -0.0406 -0.1140 12  DG  A OP1   
347 O  OP2   . DG  A 12 ? 0.5043 0.6567 0.5760 0.0260  -0.0278 -0.1293 12  DG  A OP2   
348 O  "O5'" . DG  A 12 ? 0.3746 0.5005 0.4091 0.0329  -0.0273 -0.1055 12  DG  A "O5'" 
349 C  "C5'" . DG  A 12 ? 0.3373 0.4460 0.3517 0.0382  -0.0266 -0.0904 12  DG  A "C5'" 
350 C  "C4'" . DG  A 12 ? 0.2608 0.3601 0.2661 0.0367  -0.0224 -0.0852 12  DG  A "C4'" 
351 O  "O4'" . DG  A 12 ? 0.3394 0.4314 0.3501 0.0248  -0.0121 -0.0762 12  DG  A "O4'" 
352 C  "C3'" . DG  A 12 ? 0.2456 0.3556 0.2571 0.0363  -0.0246 -0.0983 12  DG  A "C3'" 
353 O  "O3'" . DG  A 12 ? 0.3079 0.4103 0.3007 0.0478  -0.0305 -0.0975 12  DG  A "O3'" 
354 C  "C2'" . DG  A 12 ? 0.2571 0.3645 0.2771 0.0232  -0.0135 -0.0949 12  DG  A "C2'" 
355 C  "C1'" . DG  A 12 ? 0.2665 0.3593 0.2807 0.0187  -0.0069 -0.0787 12  DG  A "C1'" 
356 N  N9    . DG  A 12 ? 0.2076 0.3005 0.2338 0.0068  0.0019  -0.0764 12  DG  A N9    
357 C  C8    . DG  A 12 ? 0.2340 0.3376 0.2764 0.0002  0.0050  -0.0861 12  DG  A C8    
358 N  N7    . DG  A 12 ? 0.2375 0.3341 0.2832 -0.0085 0.0137  -0.0799 12  DG  A N7    
359 C  C5    . DG  A 12 ? 0.2297 0.3122 0.2630 -0.0079 0.0153  -0.0658 12  DG  A C5    
360 C  C6    . DG  A 12 ? 0.2448 0.3154 0.2759 -0.0141 0.0220  -0.0549 12  DG  A C6    
361 O  O6    . DG  A 12 ? 0.3022 0.3706 0.3388 -0.0211 0.0283  -0.0548 12  DG  A O6    
362 N  N1    . DG  A 12 ? 0.2242 0.2833 0.2451 -0.0109 0.0215  -0.0435 12  DG  A N1    
363 C  C2    . DG  A 12 ? 0.2375 0.2940 0.2488 -0.0025 0.0166  -0.0420 12  DG  A C2    
364 N  N2    . DG  A 12 ? 0.2328 0.2755 0.2360 -0.0007 0.0189  -0.0304 12  DG  A N2    
365 N  N3    . DG  A 12 ? 0.2181 0.2841 0.2279 0.0044  0.0099  -0.0517 12  DG  A N3    
366 C  C4    . DG  A 12 ? 0.2215 0.3013 0.2437 0.0011  0.0090  -0.0635 12  DG  A C4    
379 O  "O5'" . DC  B 1  ? 0.4627 0.4545 0.4894 -0.0366 0.0493  0.0162  13  DC  B "O5'" 
380 C  "C5'" . DC  B 1  ? 0.3347 0.3248 0.3609 -0.0347 0.0516  0.0189  13  DC  B "C5'" 
381 C  "C4'" . DC  B 1  ? 0.3556 0.3485 0.3786 -0.0286 0.0460  0.0166  13  DC  B "C4'" 
382 O  "O4'" . DC  B 1  ? 0.3247 0.3286 0.3437 -0.0278 0.0452  0.0066  13  DC  B "O4'" 
383 C  "C3'" . DC  B 1  ? 0.4545 0.4466 0.4797 -0.0257 0.0391  0.0174  13  DC  B "C3'" 
384 O  "O3'" . DC  B 1  ? 0.4966 0.4853 0.5195 -0.0196 0.0368  0.0197  13  DC  B "O3'" 
385 C  "C2'" . DC  B 1  ? 0.4611 0.4636 0.4838 -0.0264 0.0368  0.0082  13  DC  B "C2'" 
386 C  "C1'" . DC  B 1  ? 0.3906 0.3997 0.4093 -0.0245 0.0387  0.0025  13  DC  B "C1'" 
387 N  N1    . DC  B 1  ? 0.4943 0.5151 0.5138 -0.0263 0.0390  -0.0087 13  DC  B N1    
388 C  C2    . DC  B 1  ? 0.4348 0.4644 0.4523 -0.0211 0.0339  -0.0162 13  DC  B C2    
389 O  O2    . DC  B 1  ? 0.3015 0.3272 0.3133 -0.0143 0.0296  -0.0128 13  DC  B O2    
390 N  N3    . DC  B 1  ? 0.5509 0.5919 0.5727 -0.0230 0.0344  -0.0275 13  DC  B N3    
391 C  C4    . DC  B 1  ? 0.4515 0.4938 0.4784 -0.0300 0.0412  -0.0310 13  DC  B C4    
392 N  N4    . DC  B 1  ? 0.4756 0.5285 0.5092 -0.0319 0.0430  -0.0431 13  DC  B N4    
393 C  C5    . DC  B 1  ? 0.4529 0.4847 0.4788 -0.0347 0.0469  -0.0227 13  DC  B C5    
394 C  C6    . DC  B 1  ? 0.4640 0.4863 0.4866 -0.0326 0.0447  -0.0119 13  DC  B C6    
406 P  P     . DG  B 2  ? 0.4601 0.4385 0.4896 -0.0171 0.0353  0.0274  14  DG  B P     
407 O  OP1   . DG  B 2  ? 0.5053 0.4746 0.5412 -0.0197 0.0408  0.0343  14  DG  B OP1   
408 O  OP2   . DG  B 2  ? 0.5823 0.5637 0.6153 -0.0179 0.0292  0.0257  14  DG  B OP2   
409 O  "O5'" . DG  B 2  ? 0.3477 0.3228 0.3699 -0.0093 0.0350  0.0274  14  DG  B "O5'" 
410 C  "C5'" . DG  B 2  ? 0.3007 0.2735 0.3135 -0.0059 0.0387  0.0265  14  DG  B "C5'" 
411 C  "C4'" . DG  B 2  ? 0.2433 0.2209 0.2456 0.0016  0.0342  0.0207  14  DG  B "C4'" 
412 O  "O4'" . DG  B 2  ? 0.3263 0.3192 0.3288 -0.0011 0.0294  0.0116  14  DG  B "O4'" 
413 C  "C3'" . DG  B 2  ? 0.3293 0.3025 0.3333 0.0059  0.0316  0.0235  14  DG  B "C3'" 
414 O  "O3'" . DG  B 2  ? 0.2996 0.2634 0.2923 0.0151  0.0335  0.0252  14  DG  B "O3'" 
415 C  "C2'" . DG  B 2  ? 0.2797 0.2660 0.2851 0.0044  0.0248  0.0166  14  DG  B "C2'" 
416 C  "C1'" . DG  B 2  ? 0.2995 0.2972 0.3012 0.0028  0.0238  0.0085  14  DG  B "C1'" 
417 N  N9    . DG  B 2  ? 0.2812 0.2896 0.2890 -0.0030 0.0213  0.0025  14  DG  B N9    
418 C  C8    . DG  B 2  ? 0.3336 0.3401 0.3485 -0.0097 0.0224  0.0053  14  DG  B C8    
419 N  N7    . DG  B 2  ? 0.2327 0.2470 0.2496 -0.0131 0.0213  -0.0010 14  DG  B N7    
420 C  C5    . DG  B 2  ? 0.1959 0.2196 0.2096 -0.0092 0.0188  -0.0090 14  DG  B C5    
421 C  C6    . DG  B 2  ? 0.1805 0.2148 0.1973 -0.0107 0.0175  -0.0186 14  DG  B C6    
422 O  O6    . DG  B 2  ? 0.2059 0.2413 0.2266 -0.0159 0.0196  -0.0214 14  DG  B O6    
423 N  N1    . DG  B 2  ? 0.1709 0.2138 0.1853 -0.0048 0.0136  -0.0258 14  DG  B N1    
424 C  C2    . DG  B 2  ? 0.1804 0.2200 0.1868 0.0026  0.0114  -0.0234 14  DG  B C2    
425 N  N2    . DG  B 2  ? 0.2074 0.2558 0.2108 0.0090  0.0064  -0.0321 14  DG  B N2    
426 N  N3    . DG  B 2  ? 0.2034 0.2305 0.2047 0.0042  0.0142  -0.0137 14  DG  B N3    
427 C  C4    . DG  B 2  ? 0.2376 0.2583 0.2449 -0.0025 0.0178  -0.0071 14  DG  B C4    
439 N  N1    . 5CM B 3  ? 0.2218 0.2334 0.2173 0.0156  0.0091  -0.0012 15  5CM B N1    
440 C  C2    . 5CM B 3  ? 0.1776 0.2013 0.1787 0.0110  0.0060  -0.0088 15  5CM B C2    
441 N  N3    . 5CM B 3  ? 0.1777 0.2000 0.1861 0.0034  0.0072  -0.0069 15  5CM B N3    
442 C  C4    . 5CM B 3  ? 0.2129 0.2253 0.2243 0.0004  0.0095  0.0010  15  5CM B C4    
443 C  C5    . 5CM B 3  ? 0.2777 0.2800 0.2875 0.0044  0.0122  0.0082  15  5CM B C5    
444 C  C5A   . 5CM B 3  ? 0.4420 0.4349 0.4585 0.0019  0.0140  0.0151  15  5CM B C5A   
445 C  C6    . 5CM B 3  ? 0.2558 0.2573 0.2561 0.0128  0.0122  0.0069  15  5CM B C6    
446 O  O2    . 5CM B 3  ? 0.1961 0.2294 0.1952 0.0147  0.0026  -0.0169 15  5CM B O2    
447 N  N4    . 5CM B 3  ? 0.2287 0.2394 0.2450 -0.0058 0.0096  0.0019  15  5CM B N4    
448 C  "C1'" . 5CM B 3  ? 0.2348 0.2444 0.2180 0.0254  0.0083  -0.0032 15  5CM B "C1'" 
449 C  "C2'" . 5CM B 3  ? 0.3365 0.3397 0.3128 0.0337  0.0070  -0.0001 15  5CM B "C2'" 
450 C  "C3'" . 5CM B 3  ? 0.3835 0.3710 0.3476 0.0417  0.0122  0.0055  15  5CM B "C3'" 
451 C  "C4'" . 5CM B 3  ? 0.2418 0.2285 0.2085 0.0358  0.0155  0.0058  15  5CM B "C4'" 
452 O  "O4'" . 5CM B 3  ? 0.2446 0.2430 0.2249 0.0253  0.0138  0.0027  15  5CM B "O4'" 
453 O  "O3'" . 5CM B 3  ? 0.2882 0.2658 0.2391 0.0521  0.0135  0.0076  15  5CM B "O3'" 
454 C  "C5'" . 5CM B 3  ? 0.2773 0.2464 0.2444 0.0350  0.0241  0.0156  15  5CM B "C5'" 
455 O  "O5'" . 5CM B 3  ? 0.2832 0.2514 0.2654 0.0268  0.0260  0.0204  15  5CM B "O5'" 
456 P  P     . 5CM B 3  ? 0.2839 0.2408 0.2764 0.0210  0.0331  0.0282  15  5CM B P     
457 O  OP1   . 5CM B 3  ? 0.3469 0.3076 0.3545 0.0140  0.0308  0.0297  15  5CM B OP1   
458 O  OP2   . 5CM B 3  ? 0.3271 0.2664 0.3099 0.0285  0.0408  0.0333  15  5CM B OP2   
468 P  P     . DG  B 4  ? 0.3203 0.2940 0.2688 0.0577  0.0133  0.0100  16  DG  B P     
469 O  OP1   . DG  B 4  ? 0.3653 0.3226 0.2950 0.0707  0.0178  0.0133  16  DG  B OP1   
470 O  OP2   . DG  B 4  ? 0.3463 0.3181 0.3097 0.0492  0.0162  0.0152  16  DG  B OP2   
471 O  "O5'" . DG  B 4  ? 0.2857 0.2777 0.2348 0.0589  0.0042  0.0005  16  DG  B "O5'" 
472 C  "C5'" . DG  B 4  ? 0.3062 0.3058 0.2457 0.0664  -0.0019 -0.0078 16  DG  B "C5'" 
473 C  "C4'" . DG  B 4  ? 0.2690 0.2871 0.2170 0.0643  -0.0094 -0.0168 16  DG  B "C4'" 
474 O  "O4'" . DG  B 4  ? 0.2292 0.2561 0.1943 0.0508  -0.0085 -0.0182 16  DG  B "O4'" 
475 C  "C3'" . DG  B 4  ? 0.3002 0.3175 0.2461 0.0689  -0.0104 -0.0150 16  DG  B "C3'" 
476 O  "O3'" . DG  B 4  ? 0.2998 0.3315 0.2458 0.0737  -0.0184 -0.0251 16  DG  B "O3'" 
477 C  "C2'" . DG  B 4  ? 0.2719 0.2898 0.2325 0.0567  -0.0073 -0.0105 16  DG  B "C2'" 
478 C  "C1'" . DG  B 4  ? 0.2388 0.2671 0.2107 0.0470  -0.0085 -0.0160 16  DG  B "C1'" 
479 N  N9    . DG  B 4  ? 0.2164 0.2401 0.1982 0.0363  -0.0044 -0.0103 16  DG  B N9    
480 C  C8    . DG  B 4  ? 0.2249 0.2355 0.2075 0.0345  0.0007  -0.0012 16  DG  B C8    
481 N  N7    . DG  B 4  ? 0.2133 0.2236 0.2061 0.0252  0.0018  0.0010  16  DG  B N7    
482 C  C5    . DG  B 4  ? 0.1794 0.2016 0.1767 0.0206  -0.0014 -0.0065 16  DG  B C5    
483 C  C6    . DG  B 4  ? 0.1719 0.1961 0.1768 0.0117  -0.0010 -0.0077 16  DG  B C6    
484 O  O6    . DG  B 4  ? 0.1688 0.1859 0.1778 0.0065  0.0008  -0.0026 16  DG  B O6    
485 N  N1    . DG  B 4  ? 0.1696 0.2047 0.1771 0.0098  -0.0024 -0.0166 16  DG  B N1    
486 C  C2    . DG  B 4  ? 0.1730 0.2178 0.1786 0.0156  -0.0055 -0.0240 16  DG  B C2    
487 N  N2    . DG  B 4  ? 0.1814 0.2362 0.1941 0.0123  -0.0060 -0.0331 16  DG  B N2    
488 N  N3    . DG  B 4  ? 0.1820 0.2259 0.1796 0.0247  -0.0078 -0.0232 16  DG  B N3    
489 C  C4    . DG  B 4  ? 0.1839 0.2150 0.1764 0.0268  -0.0049 -0.0138 16  DG  B C4    
501 P  P     . DA  B 5  ? 0.3091 0.3475 0.2588 0.0754  -0.0212 -0.0270 17  DA  B P     
502 O  OP1   . DA  B 5  ? 0.3512 0.3967 0.2917 0.0878  -0.0288 -0.0353 17  DA  B OP1   
503 O  OP2   . DA  B 5  ? 0.3213 0.3465 0.2680 0.0749  -0.0150 -0.0167 17  DA  B OP2   
504 O  "O5'" . DA  B 5  ? 0.2750 0.3273 0.2439 0.0622  -0.0226 -0.0329 17  DA  B "O5'" 
505 C  "C5'" . DA  B 5  ? 0.2757 0.3409 0.2533 0.0590  -0.0261 -0.0432 17  DA  B "C5'" 
506 C  "C4'" . DA  B 5  ? 0.2584 0.3337 0.2525 0.0486  -0.0254 -0.0486 17  DA  B "C4'" 
507 O  "O4'" . DA  B 5  ? 0.2196 0.2859 0.2175 0.0383  -0.0191 -0.0404 17  DA  B "O4'" 
508 C  "C3'" . DA  B 5  ? 0.2726 0.3528 0.2697 0.0511  -0.0278 -0.0511 17  DA  B "C3'" 
509 O  "O3'" . DA  B 5  ? 0.2661 0.3594 0.2788 0.0451  -0.0287 -0.0620 17  DA  B "O3'" 
510 C  "C2'" . DA  B 5  ? 0.2434 0.3113 0.2383 0.0457  -0.0225 -0.0400 17  DA  B "C2'" 
511 C  "C1'" . DA  B 5  ? 0.2200 0.2830 0.2198 0.0356  -0.0180 -0.0368 17  DA  B "C1'" 
512 N  N9    . DA  B 5  ? 0.1982 0.2474 0.1938 0.0329  -0.0139 -0.0257 17  DA  B N9    
513 C  C8    . DA  B 5  ? 0.2106 0.2494 0.1968 0.0391  -0.0122 -0.0183 17  DA  B C8    
514 N  N7    . DA  B 5  ? 0.1922 0.2206 0.1805 0.0342  -0.0083 -0.0104 17  DA  B N7    
515 C  C5    . DA  B 5  ? 0.1752 0.2069 0.1723 0.0247  -0.0083 -0.0124 17  DA  B C5    
516 C  C6    . DA  B 5  ? 0.1706 0.1948 0.1725 0.0171  -0.0063 -0.0075 17  DA  B C6    
517 N  N6    . DA  B 5  ? 0.1716 0.1856 0.1741 0.0170  -0.0042 0.0000  17  DA  B N6    
518 N  N1    . DA  B 5  ? 0.1662 0.1930 0.1726 0.0102  -0.0063 -0.0111 17  DA  B N1    
519 C  C2    . DA  B 5  ? 0.1654 0.2019 0.1740 0.0098  -0.0070 -0.0195 17  DA  B C2    
520 N  N3    . DA  B 5  ? 0.1678 0.2140 0.1759 0.0159  -0.0094 -0.0256 17  DA  B N3    
521 C  C4    . DA  B 5  ? 0.1731 0.2163 0.1740 0.0236  -0.0106 -0.0215 17  DA  B C4    
533 P  P     . DA  B 6  ? 0.3149 0.4157 0.3358 0.0456  -0.0305 -0.0675 18  DA  B P     
534 O  OP1   . DA  B 6  ? 0.3567 0.4729 0.3942 0.0437  -0.0328 -0.0821 18  DA  B OP1   
535 O  OP2   . DA  B 6  ? 0.3048 0.4008 0.3127 0.0562  -0.0337 -0.0619 18  DA  B OP2   
536 O  "O5'" . DA  B 6  ? 0.2599 0.3506 0.2834 0.0351  -0.0234 -0.0601 18  DA  B "O5'" 
537 C  "C5'" . DA  B 6  ? 0.2284 0.3183 0.2611 0.0246  -0.0181 -0.0628 18  DA  B "C5'" 
538 C  "C4'" . DA  B 6  ? 0.2241 0.3010 0.2533 0.0179  -0.0131 -0.0542 18  DA  B "C4'" 
539 O  "O4'" . DA  B 6  ? 0.2313 0.2966 0.2497 0.0187  -0.0130 -0.0428 18  DA  B "O4'" 
540 C  "C3'" . DA  B 6  ? 0.2598 0.3357 0.2885 0.0199  -0.0138 -0.0537 18  DA  B "C3'" 
541 O  "O3'" . DA  B 6  ? 0.2605 0.3350 0.2978 0.0123  -0.0085 -0.0588 18  DA  B "O3'" 
542 C  "C2'" . DA  B 6  ? 0.2287 0.2916 0.2457 0.0209  -0.0136 -0.0413 18  DA  B "C2'" 
543 C  "C1'" . DA  B 6  ? 0.2233 0.2792 0.2376 0.0168  -0.0117 -0.0362 18  DA  B "C1'" 
544 N  N9    . DA  B 6  ? 0.1861 0.2333 0.1923 0.0203  -0.0124 -0.0267 18  DA  B N9    
545 C  C8    . DA  B 6  ? 0.1904 0.2380 0.1899 0.0293  -0.0143 -0.0242 18  DA  B C8    
546 N  N7    . DA  B 6  ? 0.1863 0.2233 0.1809 0.0302  -0.0125 -0.0158 18  DA  B N7    
547 C  C5    . DA  B 6  ? 0.1745 0.2054 0.1736 0.0215  -0.0107 -0.0129 18  DA  B C5    
548 C  C6    . DA  B 6  ? 0.1739 0.1941 0.1736 0.0183  -0.0091 -0.0056 18  DA  B C6    
549 N  N6    . DA  B 6  ? 0.1776 0.1910 0.1748 0.0230  -0.0073 0.0002  18  DA  B N6    
550 N  N1    . DA  B 6  ? 0.1709 0.1866 0.1740 0.0108  -0.0090 -0.0051 18  DA  B N1    
551 C  C2    . DA  B 6  ? 0.1800 0.1998 0.1845 0.0066  -0.0087 -0.0109 18  DA  B C2    
552 N  N3    . DA  B 6  ? 0.1699 0.1994 0.1760 0.0082  -0.0086 -0.0183 18  DA  B N3    
553 C  C4    . DA  B 6  ? 0.1713 0.2071 0.1755 0.0158  -0.0105 -0.0191 18  DA  B C4    
565 P  P     . DT  B 7  ? 0.2955 0.3638 0.3323 0.0106  -0.0061 -0.0573 19  DT  B P     
566 O  OP1   . DT  B 7  ? 0.3699 0.4410 0.4193 0.0051  -0.0003 -0.0672 19  DT  B OP1   
567 O  OP2   . DT  B 7  ? 0.2961 0.3685 0.3284 0.0190  -0.0112 -0.0549 19  DT  B OP2   
568 O  "O5'" . DT  B 7  ? 0.2683 0.3189 0.2938 0.0056  -0.0033 -0.0464 19  DT  B "O5'" 
569 C  "C5'" . DT  B 7  ? 0.2917 0.3347 0.3164 -0.0008 0.0009  -0.0459 19  DT  B "C5'" 
570 C  "C4'" . DT  B 7  ? 0.2555 0.2829 0.2690 -0.0030 0.0005  -0.0357 19  DT  B "C4'" 
571 O  "O4'" . DT  B 7  ? 0.2431 0.2717 0.2525 0.0017  -0.0044 -0.0289 19  DT  B "O4'" 
572 C  "C3'" . DT  B 7  ? 0.2524 0.2704 0.2607 -0.0037 0.0015  -0.0333 19  DT  B "C3'" 
573 O  "O3'" . DT  B 7  ? 0.3112 0.3140 0.3130 -0.0091 0.0057  -0.0319 19  DT  B "O3'" 
574 C  "C2'" . DT  B 7  ? 0.2498 0.2657 0.2520 0.0006  -0.0034 -0.0252 19  DT  B "C2'" 
575 C  "C1'" . DT  B 7  ? 0.2053 0.2230 0.2079 0.0016  -0.0058 -0.0218 19  DT  B "C1'" 
576 N  N1    . DT  B 7  ? 0.2148 0.2352 0.2155 0.0076  -0.0088 -0.0167 19  DT  B N1    
577 C  C2    . DT  B 7  ? 0.1838 0.1957 0.1822 0.0070  -0.0099 -0.0097 19  DT  B C2    
578 O  O2    . DT  B 7  ? 0.1952 0.1980 0.1925 0.0023  -0.0103 -0.0074 19  DT  B O2    
579 N  N3    . DT  B 7  ? 0.1773 0.1903 0.1747 0.0130  -0.0105 -0.0058 19  DT  B N3    
580 C  C4    . DT  B 7  ? 0.1791 0.1995 0.1744 0.0203  -0.0106 -0.0076 19  DT  B C4    
581 O  O4    . DT  B 7  ? 0.1903 0.2078 0.1825 0.0261  -0.0095 -0.0034 19  DT  B O4    
582 C  C5    . DT  B 7  ? 0.1955 0.2261 0.1930 0.0213  -0.0114 -0.0153 19  DT  B C5    
583 C  C7    . DT  B 7  ? 0.2377 0.2774 0.2331 0.0303  -0.0133 -0.0189 19  DT  B C7    
584 C  C6    . DT  B 7  ? 0.1892 0.2198 0.1909 0.0144  -0.0102 -0.0197 19  DT  B C6    
597 P  P     . DT  B 8  ? 0.3906 0.3782 0.3834 -0.0108 0.0078  -0.0294 20  DT  B P     
598 O  OP1   . DT  B 8  ? 0.5327 0.5067 0.5207 -0.0152 0.0150  -0.0325 20  DT  B OP1   
599 O  OP2   . DT  B 8  ? 0.4047 0.4003 0.4024 -0.0078 0.0075  -0.0316 20  DT  B OP2   
600 O  "O5'" . DT  B 8  ? 0.3449 0.3233 0.3285 -0.0096 0.0017  -0.0202 20  DT  B "O5'" 
601 C  "C5'" . DT  B 8  ? 0.3129 0.2860 0.2937 -0.0111 -0.0002 -0.0173 20  DT  B "C5'" 
602 C  "C4'" . DT  B 8  ? 0.3220 0.2887 0.2987 -0.0095 -0.0065 -0.0103 20  DT  B "C4'" 
603 O  "O4'" . DT  B 8  ? 0.2879 0.2661 0.2716 -0.0057 -0.0093 -0.0079 20  DT  B "O4'" 
604 C  "C3'" . DT  B 8  ? 0.3671 0.3202 0.3344 -0.0099 -0.0080 -0.0079 20  DT  B "C3'" 
605 O  "O3'" . DT  B 8  ? 0.3517 0.2931 0.3131 -0.0105 -0.0127 -0.0046 20  DT  B "O3'" 
606 C  "C2'" . DT  B 8  ? 0.2954 0.2570 0.2677 -0.0066 -0.0098 -0.0055 20  DT  B "C2'" 
607 C  "C1'" . DT  B 8  ? 0.3085 0.2809 0.2892 -0.0042 -0.0120 -0.0038 20  DT  B "C1'" 
608 N  N1    . DT  B 8  ? 0.2438 0.2277 0.2300 0.0007  -0.0116 -0.0029 20  DT  B N1    
609 C  C2    . DT  B 8  ? 0.1961 0.1802 0.1857 0.0034  -0.0132 0.0015  20  DT  B C2    
610 O  O2    . DT  B 8  ? 0.2446 0.2214 0.2359 0.0014  -0.0158 0.0043  20  DT  B O2    
611 N  N3    . DT  B 8  ? 0.1951 0.1872 0.1865 0.0091  -0.0114 0.0020  20  DT  B N3    
612 C  C4    . DT  B 8  ? 0.1842 0.1854 0.1744 0.0128  -0.0099 -0.0018 20  DT  B C4    
613 O  O4    . DT  B 8  ? 0.2270 0.2334 0.2163 0.0194  -0.0090 -0.0010 20  DT  B O4    
614 C  C5    . DT  B 8  ? 0.2205 0.2235 0.2106 0.0091  -0.0092 -0.0071 20  DT  B C5    
615 C  C7    . DT  B 8  ? 0.3104 0.3242 0.3031 0.0125  -0.0082 -0.0128 20  DT  B C7    
616 C  C6    . DT  B 8  ? 0.2186 0.2121 0.2065 0.0031  -0.0091 -0.0072 20  DT  B C6    
629 P  P     . DC  B 9  ? 0.4097 0.3320 0.3576 -0.0107 -0.0158 -0.0028 21  DC  B P     
630 O  OP1   . DC  B 9  ? 0.4360 0.3473 0.3772 -0.0107 -0.0195 -0.0021 21  DC  B OP1   
631 O  OP2   . DC  B 9  ? 0.4537 0.3692 0.3941 -0.0116 -0.0099 -0.0052 21  DC  B OP2   
632 O  "O5'" . DC  B 9  ? 0.3483 0.2748 0.3025 -0.0088 -0.0215 0.0008  21  DC  B "O5'" 
633 C  "C5'" . DC  B 9  ? 0.3333 0.2653 0.2974 -0.0078 -0.0262 0.0030  21  DC  B "C5'" 
634 C  "C4'" . DC  B 9  ? 0.3642 0.3006 0.3362 -0.0061 -0.0282 0.0054  21  DC  B "C4'" 
635 O  "O4'" . DC  B 9  ? 0.3179 0.2671 0.2956 -0.0041 -0.0229 0.0057  21  DC  B "O4'" 
636 C  "C3'" . DC  B 9  ? 0.3166 0.2426 0.2809 -0.0063 -0.0302 0.0057  21  DC  B "C3'" 
637 O  "O3'" . DC  B 9  ? 0.3879 0.3068 0.3553 -0.0061 -0.0376 0.0061  21  DC  B "O3'" 
638 C  "C2'" . DC  B 9  ? 0.2994 0.2345 0.2687 -0.0046 -0.0255 0.0071  21  DC  B "C2'" 
639 C  "C1'" . DC  B 9  ? 0.2922 0.2408 0.2718 -0.0024 -0.0226 0.0077  21  DC  B "C1'" 
640 N  N1    . DC  B 9  ? 0.2540 0.2134 0.2350 0.0006  -0.0172 0.0074  21  DC  B N1    
641 C  C2    . DC  B 9  ? 0.2314 0.1974 0.2190 0.0049  -0.0147 0.0097  21  DC  B C2    
642 O  O2    . DC  B 9  ? 0.2915 0.2543 0.2860 0.0052  -0.0158 0.0118  21  DC  B O2    
643 N  N3    . DC  B 9  ? 0.2439 0.2186 0.2301 0.0092  -0.0107 0.0090  21  DC  B N3    
644 C  C4    . DC  B 9  ? 0.2213 0.2003 0.2034 0.0089  -0.0099 0.0055  21  DC  B C4    
645 N  N4    . DC  B 9  ? 0.2407 0.2292 0.2228 0.0141  -0.0074 0.0041  21  DC  B N4    
646 C  C5    . DC  B 9  ? 0.2656 0.2382 0.2435 0.0036  -0.0109 0.0029  21  DC  B C5    
647 C  C6    . DC  B 9  ? 0.2647 0.2266 0.2403 0.0000  -0.0143 0.0043  21  DC  B C6    
659 P  P     . DG  B 10 ? 0.4033 0.3080 0.3617 -0.0061 -0.0427 0.0055  22  DG  B P     
660 O  OP1   . DG  B 10 ? 0.4880 0.3849 0.4479 -0.0054 -0.0521 0.0039  22  DG  B OP1   
661 O  OP2   . DG  B 10 ? 0.4191 0.3144 0.3611 -0.0070 -0.0385 0.0050  22  DG  B OP2   
662 O  "O5'" . DG  B 10 ? 0.3849 0.2969 0.3544 -0.0056 -0.0402 0.0069  22  DG  B "O5'" 
663 C  "C5'" . DG  B 10 ? 0.3461 0.2668 0.3332 -0.0046 -0.0403 0.0075  22  DG  B "C5'" 
664 C  "C4'" . DG  B 10 ? 0.2993 0.2245 0.2923 -0.0033 -0.0342 0.0091  22  DG  B "C4'" 
665 O  "O4'" . DG  B 10 ? 0.3049 0.2393 0.2948 -0.0015 -0.0265 0.0111  22  DG  B "O4'" 
666 C  "C3'" . DG  B 10 ? 0.3329 0.2493 0.3171 -0.0043 -0.0350 0.0086  22  DG  B "C3'" 
667 O  "O3'" . DG  B 10 ? 0.3050 0.2230 0.3013 -0.0037 -0.0328 0.0087  22  DG  B "O3'" 
668 C  "C2'" . DG  B 10 ? 0.3232 0.2428 0.2970 -0.0037 -0.0277 0.0105  22  DG  B "C2'" 
669 C  "C1'" . DG  B 10 ? 0.2615 0.1944 0.2452 -0.0008 -0.0221 0.0121  22  DG  B "C1'" 
670 N  N9    . DG  B 10 ? 0.2697 0.2101 0.2475 0.0009  -0.0169 0.0125  22  DG  B N9    
671 C  C8    . DG  B 10 ? 0.2823 0.2207 0.2504 -0.0007 -0.0165 0.0108  22  DG  B C8    
672 N  N7    . DG  B 10 ? 0.2622 0.2106 0.2307 0.0019  -0.0118 0.0102  22  DG  B N7    
673 C  C5    . DG  B 10 ? 0.2342 0.1901 0.2100 0.0062  -0.0091 0.0124  22  DG  B C5    
674 C  C6    . DG  B 10 ? 0.2021 0.1684 0.1790 0.0118  -0.0049 0.0126  22  DG  B C6    
675 O  O6    . DG  B 10 ? 0.2320 0.2056 0.2064 0.0137  -0.0036 0.0101  22  DG  B O6    
676 N  N1    . DG  B 10 ? 0.2056 0.1727 0.1875 0.0160  -0.0018 0.0154  22  DG  B N1    
677 C  C2    . DG  B 10 ? 0.2024 0.1625 0.1910 0.0142  -0.0023 0.0171  22  DG  B C2    
678 N  N2    . DG  B 10 ? 0.2203 0.1802 0.2142 0.0188  0.0031  0.0193  22  DG  B N2    
679 N  N3    . DG  B 10 ? 0.2229 0.1756 0.2133 0.0087  -0.0077 0.0159  22  DG  B N3    
680 C  C4    . DG  B 10 ? 0.2232 0.1737 0.2051 0.0054  -0.0111 0.0139  22  DG  B C4    
692 P  P     . DC  B 11 ? 0.3469 0.2547 0.3415 -0.0053 -0.0370 0.0064  23  DC  B P     
693 O  OP1   . DC  B 11 ? 0.4309 0.3328 0.4314 -0.0059 -0.0481 0.0022  23  DC  B OP1   
694 O  OP2   . DC  B 11 ? 0.3909 0.2918 0.3673 -0.0061 -0.0345 0.0079  23  DC  B OP2   
695 O  "O5'" . DC  B 11 ? 0.3076 0.2211 0.3177 -0.0040 -0.0289 0.0072  23  DC  B "O5'" 
696 C  "C5'" . DC  B 11 ? 0.2787 0.1985 0.3073 -0.0027 -0.0265 0.0066  23  DC  B "C5'" 
697 C  "C4'" . DC  B 11 ? 0.2735 0.1997 0.3055 0.0009  -0.0138 0.0104  23  DC  B "C4'" 
698 O  "O4'" . DC  B 11 ? 0.2791 0.2110 0.2985 0.0031  -0.0113 0.0135  23  DC  B "O4'" 
699 C  "C3'" . DC  B 11 ? 0.2773 0.2011 0.3060 0.0019  -0.0058 0.0118  23  DC  B "C3'" 
700 O  "O3'" . DC  B 11 ? 0.2943 0.2152 0.3397 0.0014  -0.0024 0.0092  23  DC  B "O3'" 
701 C  "C2'" . DC  B 11 ? 0.3056 0.2354 0.3282 0.0072  0.0044  0.0162  23  DC  B "C2'" 
702 C  "C1'" . DC  B 11 ? 0.3189 0.2537 0.3331 0.0071  -0.0013 0.0166  23  DC  B "C1'" 
703 N  N1    . DC  B 11 ? 0.2619 0.1980 0.2601 0.0067  -0.0027 0.0175  23  DC  B N1    
704 C  C2    . DC  B 11 ? 0.2185 0.1611 0.2100 0.0117  0.0039  0.0198  23  DC  B C2    
705 O  O2    . DC  B 11 ? 0.2392 0.1843 0.2348 0.0168  0.0108  0.0217  23  DC  B O2    
706 N  N3    . DC  B 11 ? 0.2131 0.1578 0.1936 0.0111  0.0028  0.0195  23  DC  B N3    
707 C  C4    . DC  B 11 ? 0.2252 0.1635 0.1997 0.0060  -0.0029 0.0177  23  DC  B C4    
708 N  N4    . DC  B 11 ? 0.2620 0.2016 0.2276 0.0056  -0.0021 0.0170  23  DC  B N4    
709 C  C5    . DC  B 11 ? 0.2596 0.1892 0.2370 0.0019  -0.0096 0.0160  23  DC  B C5    
710 C  C6    . DC  B 11 ? 0.2819 0.2118 0.2722 0.0024  -0.0101 0.0156  23  DC  B C6    
722 P  P     . DG  B 12 ? 0.2962 0.2121 0.3404 0.0008  0.0041  0.0090  24  DG  B P     
723 O  OP1   . DG  B 12 ? 0.3154 0.2284 0.3816 -0.0009 0.0051  0.0038  24  DG  B OP1   
724 O  OP2   . DG  B 12 ? 0.3193 0.2306 0.3456 -0.0017 -0.0024 0.0093  24  DG  B OP2   
725 O  "O5'" . DG  B 12 ? 0.2867 0.2054 0.3239 0.0066  0.0187  0.0144  24  DG  B "O5'" 
726 C  "C5'" . DG  B 12 ? 0.2573 0.1766 0.3047 0.0112  0.0296  0.0158  24  DG  B "C5'" 
727 C  "C4'" . DG  B 12 ? 0.2265 0.1474 0.2586 0.0181  0.0401  0.0213  24  DG  B "C4'" 
728 O  "O4'" . DG  B 12 ? 0.2352 0.1627 0.2534 0.0194  0.0332  0.0231  24  DG  B "O4'" 
729 C  "C3'" . DG  B 12 ? 0.2464 0.1642 0.2685 0.0188  0.0459  0.0231  24  DG  B "C3'" 
730 O  "O3'" . DG  B 12 ? 0.2596 0.1710 0.2919 0.0208  0.0585  0.0228  24  DG  B "O3'" 
731 C  "C2'" . DG  B 12 ? 0.2895 0.2122 0.2938 0.0252  0.0488  0.0276  24  DG  B "C2'" 
732 C  "C1'" . DG  B 12 ? 0.2524 0.1817 0.2550 0.0232  0.0375  0.0262  24  DG  B "C1'" 
733 N  N9    . DG  B 12 ? 0.2481 0.1794 0.2421 0.0182  0.0279  0.0250  24  DG  B N9    
734 C  C8    . DG  B 12 ? 0.2602 0.1868 0.2567 0.0111  0.0189  0.0220  24  DG  B C8    
735 N  N7    . DG  B 12 ? 0.2475 0.1742 0.2327 0.0087  0.0131  0.0217  24  DG  B N7    
736 C  C5    . DG  B 12 ? 0.2217 0.1555 0.1991 0.0139  0.0180  0.0241  24  DG  B C5    
737 C  C6    . DG  B 12 ? 0.2209 0.1583 0.1883 0.0139  0.0160  0.0241  24  DG  B C6    
738 O  O6    . DG  B 12 ? 0.2500 0.1829 0.2116 0.0091  0.0109  0.0224  24  DG  B O6    
739 N  N1    . DG  B 12 ? 0.2193 0.1650 0.1834 0.0209  0.0213  0.0255  24  DG  B N1    
740 C  C2    . DG  B 12 ? 0.2204 0.1683 0.1868 0.0278  0.0280  0.0276  24  DG  B C2    
741 N  N2    . DG  B 12 ? 0.2403 0.1949 0.2001 0.0356  0.0313  0.0284  24  DG  B N2    
742 N  N3    . DG  B 12 ? 0.2222 0.1644 0.1968 0.0278  0.0318  0.0283  24  DG  B N3    
743 C  C4    . DG  B 12 ? 0.2216 0.1583 0.2030 0.0202  0.0262  0.0262  24  DG  B C4    
756 MG MG    . MG  C .  ? 0.2382 0.2118 0.2037 0.0101  0.0030  0.0025  101 MG  A MG    
# 
